data_7K1E
#
_entry.id   7K1E
#
_cell.length_a   267.880
_cell.length_b   267.880
_cell.length_c   89.611
_cell.angle_alpha   90.00
_cell.angle_beta   90.00
_cell.angle_gamma   120.00
#
_symmetry.space_group_name_H-M   'P 65'
#
loop_
_entity.id
_entity.type
_entity.pdbx_description
1 polymer 'Insulin-degrading enzyme'
2 non-polymer 'ZINC ION'
3 non-polymer 3,4-difluoro-N-[(1S)-1-{1-[(2R)-4-(hydroxyamino)-4-oxo-1-(5,6,7,8-tetrahydronaphthalen-2-yl)butan-2-yl]-1H-1,2,3-triazol-4-yl}ethyl]benzamide
4 non-polymer '1,4-DIETHYLENE DIOXIDE'
5 non-polymer '4-(2-HYDROXYETHYL)-1-PIPERAZINE ETHANESULFONIC ACID'
6 water water
#
_entity_poly.entity_id   1
_entity_poly.type   'polypeptide(L)'
_entity_poly.pdbx_seq_one_letter_code
;MHHHHHHAAGIPMNNPAIKRIGNHITKSPEDKREYRGLELANGIKVLLISDPTTDKSSAALDVHIGSLSDPPNIAGLSHF
LEHMLFLGTKKYPKENEYSQFLSEHAGSSNAFTSGEHTNYYFDVSHEHLEGALDRFAQFFLSPLFDESAKDREVNAVDSE
HEKNVMNDAWRLFQLEKATGNPKHPFSKFGTGNKYTLETRPNQEGIDVRQELLKFHSAYYSSNLMAVVVLGRESLDDLTN
LVVKLFSEVENKNVPLPEFPEHPFQEEHLKQLYKIVPIKDIRNLYVTFPIPDLQKYYKSNPGHYLGHLIGHEGPGSLLSE
LKSKGWVNTLVGGQKEGARGFMFFIINVDLTEEGLLHVEDIILHMFQYIQKLRAEGPQEWVFQELKDLNAVAFRFKDKER
PRGYTSKIAGILHYYPLEEVLTAEYLLEEFRPDLIEMVLDKLRPENVRVAIVSKSFEGKTDRTEEWYGTQYKQEAIPDEV
IKKWQNADLNGKFKLPTKNEFIPTNFEILPLEKEATPYPALIKDTAMSKLWFKQDDKFFLPKANLNFEFFSPFAYVDPLH
SNMAYLYLELLKDSLNEYAYAAELAGLSYDLQNTIYGMYLSVKGYNDKQPILLKKIIEKMATFEIDEKRFEIIKEAYMRS
LNNFRAEQPHQHAMYYLRLLMTEVAWTKDELKEALDDVTLPRLKAFIPQLLSRLHIEALLHGNITKQAALGIMQMVEDTL
IEHAHTKPLLPSQLVRYREVQLPDRGWFVYQQRNEVHNNSGIEIYYQTDMQSTSENMFLELFAQIISEPAFNTLRTKEQL
GYIVFSGPRRANGIQGLRFIIQSEKPPHYLESRVEAFLITMEKSIEDMTEEAFQKHIQALAIRRLDKPKKLSAESAKYWG
EIISQQYNFDRDNTEVAYLKTLTKEDIIKFYKEMLAVDAPRRHKVSVHVLAREMDSNPVVGEFPAQNDINLSQAPALPQP
EVIQNMTEFKRGLPLFPLVKPHINFMAAKL
;
_entity_poly.pdbx_strand_id   A,B
#
# COMPACT_ATOMS: atom_id res chain seq x y z
N ASN A 14 -31.61 -61.14 31.02
CA ASN A 14 -31.81 -60.52 32.33
C ASN A 14 -32.81 -59.38 32.18
N ASN A 15 -32.44 -58.34 31.41
CA ASN A 15 -33.34 -57.22 31.14
C ASN A 15 -34.19 -57.52 29.90
N PRO A 16 -35.52 -57.32 29.96
CA PRO A 16 -36.38 -57.71 28.81
C PRO A 16 -36.22 -56.80 27.63
N ALA A 17 -35.86 -55.52 27.87
CA ALA A 17 -35.75 -54.54 26.81
C ALA A 17 -34.53 -54.80 25.93
N ILE A 18 -33.48 -55.38 26.48
CA ILE A 18 -32.27 -55.69 25.72
C ILE A 18 -32.34 -57.12 25.20
N LYS A 19 -32.41 -57.27 23.87
CA LYS A 19 -32.23 -58.59 23.27
C LYS A 19 -30.86 -59.16 23.59
N ARG A 20 -29.80 -58.40 23.34
CA ARG A 20 -28.44 -58.92 23.40
C ARG A 20 -27.49 -57.79 23.80
N ILE A 21 -26.43 -58.14 24.53
CA ILE A 21 -25.42 -57.20 24.96
C ILE A 21 -24.07 -57.64 24.38
N GLY A 22 -23.58 -56.90 23.39
CA GLY A 22 -22.34 -57.22 22.71
C GLY A 22 -21.08 -57.36 23.56
N ASN A 23 -20.13 -58.13 23.04
CA ASN A 23 -18.86 -58.36 23.69
C ASN A 23 -17.98 -57.11 23.56
N HIS A 24 -16.78 -57.15 24.13
CA HIS A 24 -15.84 -56.06 23.95
C HIS A 24 -15.84 -55.57 22.51
N ILE A 25 -16.12 -54.26 22.34
CA ILE A 25 -16.06 -53.59 21.04
C ILE A 25 -14.61 -53.29 20.74
N THR A 26 -14.09 -53.84 19.64
CA THR A 26 -12.67 -53.70 19.39
C THR A 26 -12.38 -52.27 18.97
N LYS A 27 -11.43 -51.64 19.67
CA LYS A 27 -11.03 -50.26 19.47
C LYS A 27 -9.52 -50.14 19.34
N SER A 28 -9.08 -49.04 18.74
CA SER A 28 -7.67 -48.71 18.76
C SER A 28 -7.15 -48.56 20.19
N PRO A 29 -5.96 -49.05 20.48
CA PRO A 29 -5.38 -48.84 21.82
C PRO A 29 -5.12 -47.38 22.17
N GLU A 30 -5.13 -46.48 21.19
CA GLU A 30 -5.01 -45.05 21.48
C GLU A 30 -6.34 -44.39 21.78
N ASP A 31 -7.46 -45.05 21.49
CA ASP A 31 -8.81 -44.58 21.80
C ASP A 31 -9.07 -44.75 23.28
N LYS A 32 -9.20 -43.65 24.02
CA LYS A 32 -9.50 -43.76 25.44
C LYS A 32 -11.00 -43.77 25.73
N ARG A 33 -11.84 -43.68 24.71
CA ARG A 33 -13.29 -43.76 24.89
C ARG A 33 -13.72 -45.19 25.27
N GLU A 34 -14.85 -45.29 25.96
CA GLU A 34 -15.40 -46.60 26.32
C GLU A 34 -16.60 -46.94 25.45
N TYR A 35 -16.66 -48.16 24.97
CA TYR A 35 -17.75 -48.58 24.09
C TYR A 35 -18.56 -49.72 24.70
N ARG A 36 -19.85 -49.76 24.39
CA ARG A 36 -20.71 -50.90 24.65
C ARG A 36 -21.73 -51.01 23.52
N GLY A 37 -21.84 -52.17 22.92
CA GLY A 37 -22.82 -52.39 21.88
C GLY A 37 -24.00 -53.20 22.40
N LEU A 38 -25.12 -53.11 21.68
CA LEU A 38 -26.26 -53.88 22.14
C LEU A 38 -27.39 -53.80 21.13
N GLU A 39 -28.24 -54.85 21.11
CA GLU A 39 -29.46 -54.88 20.33
C GLU A 39 -30.66 -54.76 21.27
N LEU A 40 -31.57 -53.87 20.93
CA LEU A 40 -32.77 -53.76 21.72
C LEU A 40 -33.76 -54.84 21.30
N ALA A 41 -34.75 -55.05 22.17
CA ALA A 41 -35.78 -56.06 21.94
C ALA A 41 -36.59 -55.77 20.67
N ASN A 42 -36.74 -54.49 20.31
CA ASN A 42 -37.39 -54.16 19.05
C ASN A 42 -36.45 -54.16 17.85
N GLY A 43 -35.24 -54.72 17.98
CA GLY A 43 -34.36 -54.88 16.84
C GLY A 43 -33.52 -53.68 16.47
N ILE A 44 -33.58 -52.61 17.26
CA ILE A 44 -32.72 -51.44 17.06
C ILE A 44 -31.30 -51.80 17.48
N LYS A 45 -30.34 -51.59 16.58
CA LYS A 45 -28.92 -51.83 16.85
C LYS A 45 -28.34 -50.54 17.45
N VAL A 46 -27.54 -50.66 18.52
CA VAL A 46 -27.19 -49.52 19.37
C VAL A 46 -25.72 -49.58 19.75
N LEU A 47 -24.98 -48.49 19.54
CA LEU A 47 -23.64 -48.35 20.10
C LEU A 47 -23.59 -47.17 21.09
N LEU A 48 -23.09 -47.43 22.30
CA LEU A 48 -22.96 -46.43 23.37
C LEU A 48 -21.50 -46.03 23.57
N ILE A 49 -21.24 -44.72 23.73
CA ILE A 49 -19.86 -44.22 23.80
C ILE A 49 -19.70 -43.32 25.02
N SER A 50 -18.81 -43.71 25.94
CA SER A 50 -18.60 -42.98 27.18
C SER A 50 -17.24 -42.32 27.13
N ASP A 51 -17.25 -41.00 27.29
CA ASP A 51 -16.06 -40.16 27.22
C ASP A 51 -16.31 -39.07 28.25
N PRO A 52 -15.85 -39.26 29.48
CA PRO A 52 -16.12 -38.29 30.55
C PRO A 52 -15.45 -36.92 30.34
N THR A 53 -14.62 -36.74 29.30
CA THR A 53 -13.98 -35.45 29.05
C THR A 53 -14.68 -34.58 28.03
N THR A 54 -15.52 -35.18 27.17
CA THR A 54 -16.16 -34.43 26.10
C THR A 54 -16.92 -33.22 26.65
N ASP A 55 -16.82 -32.09 25.94
CA ASP A 55 -17.61 -30.92 26.26
C ASP A 55 -18.97 -30.95 25.58
N LYS A 56 -19.04 -31.52 24.39
CA LYS A 56 -20.31 -31.75 23.72
C LYS A 56 -20.62 -33.24 23.67
N SER A 57 -21.85 -33.58 24.02
CA SER A 57 -22.41 -34.91 23.82
C SER A 57 -23.20 -34.94 22.51
N SER A 58 -23.46 -36.15 22.02
CA SER A 58 -24.02 -36.27 20.68
C SER A 58 -24.85 -37.54 20.57
N ALA A 59 -25.75 -37.56 19.57
CA ALA A 59 -26.48 -38.78 19.23
C ALA A 59 -26.86 -38.74 17.76
N ALA A 60 -27.05 -39.91 17.19
CA ALA A 60 -27.42 -40.03 15.77
C ALA A 60 -28.29 -41.27 15.61
N LEU A 61 -29.26 -41.20 14.71
CA LEU A 61 -30.09 -42.35 14.36
C LEU A 61 -30.10 -42.54 12.84
N ASP A 62 -29.70 -43.71 12.36
CA ASP A 62 -29.75 -44.06 10.94
C ASP A 62 -30.88 -45.06 10.67
N VAL A 63 -31.80 -44.69 9.75
CA VAL A 63 -32.91 -45.53 9.28
C VAL A 63 -32.58 -46.07 7.90
N HIS A 64 -32.67 -47.38 7.72
CA HIS A 64 -32.23 -47.95 6.45
C HIS A 64 -33.30 -47.82 5.38
N ILE A 65 -33.87 -46.61 5.27
CA ILE A 65 -34.83 -46.30 4.21
C ILE A 65 -34.44 -44.95 3.62
N GLY A 66 -34.68 -44.78 2.31
CA GLY A 66 -34.26 -43.57 1.64
C GLY A 66 -35.04 -43.29 0.38
N SER A 67 -34.45 -42.47 -0.50
CA SER A 67 -35.15 -42.04 -1.70
C SER A 67 -35.53 -43.20 -2.61
N LEU A 68 -34.74 -44.27 -2.64
CA LEU A 68 -35.08 -45.36 -3.53
C LEU A 68 -36.45 -45.99 -3.20
N SER A 69 -36.95 -45.78 -1.97
CA SER A 69 -38.27 -46.25 -1.55
C SER A 69 -39.37 -45.19 -1.66
N ASP A 70 -39.11 -44.09 -2.35
CA ASP A 70 -40.15 -43.08 -2.50
C ASP A 70 -41.31 -43.71 -3.23
N PRO A 71 -42.55 -43.34 -2.90
CA PRO A 71 -43.66 -43.62 -3.80
C PRO A 71 -43.31 -43.21 -5.21
N PRO A 72 -43.71 -43.98 -6.22
CA PRO A 72 -43.39 -43.58 -7.61
C PRO A 72 -44.10 -42.32 -8.05
N ASN A 73 -45.14 -41.89 -7.33
CA ASN A 73 -46.00 -40.75 -7.70
C ASN A 73 -45.69 -39.48 -6.90
N ILE A 74 -44.80 -39.59 -5.91
CA ILE A 74 -44.40 -38.50 -5.03
C ILE A 74 -42.87 -38.46 -4.86
N ALA A 75 -42.16 -38.08 -5.93
CA ALA A 75 -40.71 -38.01 -5.87
C ALA A 75 -40.26 -37.06 -4.76
N GLY A 76 -39.41 -37.56 -3.88
CA GLY A 76 -38.87 -36.75 -2.82
C GLY A 76 -39.51 -36.94 -1.47
N LEU A 77 -40.49 -37.83 -1.34
CA LEU A 77 -41.19 -37.93 -0.07
C LEU A 77 -40.24 -38.24 1.07
N SER A 78 -39.33 -39.18 0.84
CA SER A 78 -38.39 -39.57 1.89
C SER A 78 -37.59 -38.37 2.41
N HIS A 79 -37.11 -37.54 1.48
CA HIS A 79 -36.41 -36.29 1.80
C HIS A 79 -37.33 -35.30 2.52
N PHE A 80 -38.48 -34.98 1.90
CA PHE A 80 -39.47 -34.11 2.52
C PHE A 80 -39.78 -34.52 3.96
N LEU A 81 -39.99 -35.83 4.18
CA LEU A 81 -40.27 -36.34 5.52
C LEU A 81 -39.16 -35.94 6.48
N GLU A 82 -37.91 -36.16 6.08
CA GLU A 82 -36.76 -35.82 6.92
C GLU A 82 -36.75 -34.35 7.38
N HIS A 83 -37.16 -33.42 6.52
CA HIS A 83 -37.34 -32.04 6.97
C HIS A 83 -38.43 -31.95 8.02
N MET A 84 -39.60 -32.53 7.71
CA MET A 84 -40.78 -32.42 8.55
C MET A 84 -40.55 -32.92 9.97
N LEU A 85 -39.66 -33.88 10.18
CA LEU A 85 -39.47 -34.39 11.53
C LEU A 85 -38.89 -33.34 12.48
N PHE A 86 -38.31 -32.26 11.93
CA PHE A 86 -37.76 -31.21 12.77
C PHE A 86 -38.84 -30.30 13.36
N LEU A 87 -40.02 -30.31 12.76
CA LEU A 87 -41.06 -29.31 12.95
C LEU A 87 -42.17 -29.76 13.92
N GLY A 88 -41.84 -30.64 14.88
CA GLY A 88 -42.73 -30.95 15.98
C GLY A 88 -43.28 -32.36 16.10
N THR A 89 -43.37 -32.78 17.36
CA THR A 89 -43.86 -34.08 17.80
C THR A 89 -45.07 -33.88 18.72
N LYS A 90 -45.76 -35.00 19.00
CA LYS A 90 -46.89 -35.01 19.93
C LYS A 90 -46.45 -34.51 21.32
N LYS A 91 -45.25 -34.90 21.78
CA LYS A 91 -44.82 -34.54 23.13
C LYS A 91 -44.15 -33.16 23.19
N TYR A 92 -43.57 -32.73 22.08
CA TYR A 92 -42.91 -31.43 21.97
C TYR A 92 -43.53 -30.84 20.72
N PRO A 93 -44.71 -30.23 20.85
CA PRO A 93 -45.41 -29.67 19.68
C PRO A 93 -45.02 -28.27 19.28
N LYS A 94 -44.31 -27.52 20.15
CA LYS A 94 -43.74 -26.23 19.77
C LYS A 94 -42.80 -26.42 18.58
N GLU A 95 -43.19 -25.88 17.41
CA GLU A 95 -42.51 -26.20 16.15
C GLU A 95 -40.98 -26.20 16.21
N ASN A 96 -40.38 -25.12 16.72
CA ASN A 96 -38.94 -24.98 16.74
C ASN A 96 -38.30 -25.49 18.05
N GLU A 97 -39.03 -26.28 18.83
CA GLU A 97 -38.52 -26.67 20.14
C GLU A 97 -37.24 -27.47 20.04
N TYR A 98 -37.08 -28.28 18.99
CA TYR A 98 -35.86 -29.09 18.91
C TYR A 98 -34.66 -28.19 18.68
N SER A 99 -34.74 -27.33 17.67
CA SER A 99 -33.64 -26.43 17.38
C SER A 99 -33.40 -25.45 18.50
N GLN A 100 -34.48 -24.88 19.06
CA GLN A 100 -34.30 -23.91 20.13
C GLN A 100 -33.63 -24.54 21.34
N PHE A 101 -34.05 -25.75 21.73
CA PHE A 101 -33.39 -26.37 22.86
C PHE A 101 -31.89 -26.48 22.60
N LEU A 102 -31.52 -26.95 21.40
CA LEU A 102 -30.10 -27.15 21.06
C LEU A 102 -29.35 -25.82 21.07
N SER A 103 -29.90 -24.83 20.36
CA SER A 103 -29.28 -23.51 20.29
C SER A 103 -29.05 -22.94 21.68
N GLU A 104 -30.04 -23.07 22.58
CA GLU A 104 -29.87 -22.59 23.94
C GLU A 104 -28.98 -23.48 24.79
N HIS A 105 -28.45 -24.57 24.25
CA HIS A 105 -27.61 -25.47 25.03
C HIS A 105 -26.36 -25.87 24.25
N ALA A 106 -25.82 -24.92 23.46
CA ALA A 106 -24.51 -25.06 22.82
C ALA A 106 -24.49 -26.16 21.76
N GLY A 107 -25.64 -26.41 21.13
CA GLY A 107 -25.79 -27.57 20.29
C GLY A 107 -26.20 -27.21 18.88
N SER A 108 -26.19 -28.23 18.03
CA SER A 108 -26.46 -28.08 16.61
C SER A 108 -27.07 -29.38 16.10
N SER A 109 -27.67 -29.33 14.92
CA SER A 109 -28.13 -30.58 14.32
C SER A 109 -28.18 -30.52 12.79
N ASN A 110 -28.11 -31.69 12.19
CA ASN A 110 -28.32 -31.84 10.75
C ASN A 110 -29.03 -33.17 10.48
N ALA A 111 -29.16 -33.48 9.18
CA ALA A 111 -29.80 -34.69 8.66
C ALA A 111 -29.62 -34.75 7.14
N PHE A 112 -29.53 -35.97 6.61
CA PHE A 112 -29.52 -36.17 5.15
C PHE A 112 -30.26 -37.44 4.74
N THR A 113 -30.64 -37.46 3.47
CA THR A 113 -31.38 -38.57 2.86
C THR A 113 -30.58 -39.10 1.67
N SER A 114 -30.07 -40.33 1.76
CA SER A 114 -29.51 -40.97 0.58
C SER A 114 -30.55 -41.91 -0.03
N GLY A 115 -30.13 -42.75 -0.99
CA GLY A 115 -31.07 -43.66 -1.63
C GLY A 115 -31.60 -44.75 -0.70
N GLU A 116 -30.83 -45.10 0.36
CA GLU A 116 -31.19 -46.19 1.25
C GLU A 116 -31.04 -45.83 2.71
N HIS A 117 -30.78 -44.56 3.03
CA HIS A 117 -30.60 -44.19 4.44
C HIS A 117 -31.17 -42.81 4.69
N THR A 118 -31.66 -42.62 5.90
CA THR A 118 -31.95 -41.30 6.42
C THR A 118 -31.27 -41.17 7.76
N ASN A 119 -30.35 -40.21 7.88
CA ASN A 119 -29.42 -40.11 9.00
C ASN A 119 -29.64 -38.78 9.71
N TYR A 120 -29.94 -38.85 11.02
CA TYR A 120 -30.28 -37.68 11.84
C TYR A 120 -29.28 -37.61 12.97
N TYR A 121 -28.72 -36.42 13.23
CA TYR A 121 -27.77 -36.29 14.34
C TYR A 121 -27.82 -34.88 14.92
N PHE A 122 -27.26 -34.77 16.14
CA PHE A 122 -27.15 -33.52 16.87
C PHE A 122 -25.97 -33.66 17.82
N ASP A 123 -25.58 -32.53 18.38
CA ASP A 123 -24.63 -32.38 19.46
C ASP A 123 -25.14 -31.29 20.41
N VAL A 124 -24.80 -31.36 21.68
CA VAL A 124 -25.35 -30.49 22.70
C VAL A 124 -24.38 -30.46 23.87
N SER A 125 -24.42 -29.38 24.66
CA SER A 125 -23.73 -29.36 25.95
C SER A 125 -23.89 -30.69 26.69
N HIS A 126 -22.79 -31.17 27.27
CA HIS A 126 -22.77 -32.50 27.88
C HIS A 126 -23.68 -32.59 29.10
N GLU A 127 -23.92 -31.47 29.75
CA GLU A 127 -24.83 -31.44 30.88
C GLU A 127 -26.30 -31.51 30.46
N HIS A 128 -26.59 -31.68 29.16
CA HIS A 128 -27.97 -31.71 28.73
C HIS A 128 -28.23 -32.81 27.70
N LEU A 129 -27.56 -33.96 27.83
CA LEU A 129 -27.80 -35.03 26.86
C LEU A 129 -29.24 -35.54 26.95
N GLU A 130 -29.73 -35.79 28.18
CA GLU A 130 -31.06 -36.36 28.30
C GLU A 130 -32.11 -35.49 27.63
N GLY A 131 -32.11 -34.19 27.95
CA GLY A 131 -33.11 -33.31 27.38
C GLY A 131 -33.09 -33.29 25.87
N ALA A 132 -31.88 -33.27 25.31
CA ALA A 132 -31.74 -33.31 23.86
C ALA A 132 -32.24 -34.63 23.29
N LEU A 133 -31.80 -35.75 23.88
CA LEU A 133 -32.11 -37.05 23.30
C LEU A 133 -33.61 -37.34 23.37
N ASP A 134 -34.24 -36.92 24.47
CA ASP A 134 -35.70 -37.02 24.59
C ASP A 134 -36.38 -36.35 23.39
N ARG A 135 -36.09 -35.07 23.13
CA ARG A 135 -36.80 -34.41 22.04
C ARG A 135 -36.49 -35.05 20.69
N PHE A 136 -35.26 -35.59 20.56
CA PHE A 136 -34.82 -36.29 19.34
C PHE A 136 -35.60 -37.57 19.12
N ALA A 137 -35.69 -38.40 20.17
CA ALA A 137 -36.44 -39.66 20.08
C ALA A 137 -37.80 -39.48 19.44
N GLN A 138 -38.50 -38.39 19.81
CA GLN A 138 -39.87 -38.23 19.33
C GLN A 138 -39.96 -38.17 17.81
N PHE A 139 -38.87 -37.87 17.10
CA PHE A 139 -39.01 -37.88 15.64
C PHE A 139 -39.48 -39.24 15.15
N PHE A 140 -39.20 -40.31 15.90
CA PHE A 140 -39.39 -41.67 15.43
C PHE A 140 -40.57 -42.33 16.11
N LEU A 141 -41.23 -41.61 17.03
CA LEU A 141 -42.44 -42.02 17.72
C LEU A 141 -43.70 -41.38 17.13
N SER A 142 -43.78 -40.05 17.13
CA SER A 142 -45.03 -39.38 16.79
C SER A 142 -44.81 -37.97 16.25
N PRO A 143 -44.29 -37.84 15.04
CA PRO A 143 -44.26 -36.52 14.40
C PRO A 143 -45.67 -35.96 14.18
N LEU A 144 -45.78 -34.63 14.27
CA LEU A 144 -47.06 -33.96 14.02
C LEU A 144 -47.39 -33.81 12.54
N PHE A 145 -46.38 -33.79 11.67
CA PHE A 145 -46.57 -33.44 10.24
C PHE A 145 -47.65 -32.37 10.07
N ASP A 146 -47.54 -31.30 10.86
CA ASP A 146 -48.52 -30.20 10.87
C ASP A 146 -48.73 -29.64 9.46
N GLU A 147 -49.98 -29.38 9.07
CA GLU A 147 -50.27 -28.99 7.69
C GLU A 147 -49.66 -27.62 7.36
N SER A 148 -49.81 -26.63 8.27
CA SER A 148 -49.21 -25.31 8.03
C SER A 148 -47.72 -25.44 7.82
N ALA A 149 -47.02 -26.08 8.78
CA ALA A 149 -45.59 -26.36 8.64
C ALA A 149 -45.28 -27.14 7.35
N LYS A 150 -46.18 -28.01 6.93
CA LYS A 150 -45.99 -28.80 5.73
C LYS A 150 -46.06 -27.95 4.46
N ASP A 151 -46.82 -26.85 4.53
CA ASP A 151 -46.99 -25.95 3.40
C ASP A 151 -45.88 -24.91 3.33
N ARG A 152 -45.23 -24.63 4.47
CA ARG A 152 -44.08 -23.73 4.50
C ARG A 152 -42.83 -24.47 4.08
N GLU A 153 -42.44 -25.52 4.82
CA GLU A 153 -41.22 -26.28 4.54
C GLU A 153 -41.13 -26.81 3.10
N VAL A 154 -42.23 -26.95 2.37
CA VAL A 154 -42.07 -27.42 0.98
C VAL A 154 -41.20 -26.40 0.21
N ASN A 155 -41.17 -25.16 0.66
CA ASN A 155 -40.43 -24.14 -0.07
C ASN A 155 -38.92 -24.24 0.19
N ALA A 156 -38.55 -24.53 1.46
CA ALA A 156 -37.15 -24.82 1.79
C ALA A 156 -36.62 -25.96 0.94
N VAL A 157 -37.40 -27.02 0.78
CA VAL A 157 -36.94 -28.11 -0.07
C VAL A 157 -36.89 -27.65 -1.51
N ASP A 158 -37.84 -26.78 -1.92
CA ASP A 158 -37.78 -26.30 -3.30
C ASP A 158 -36.52 -25.46 -3.55
N SER A 159 -36.20 -24.51 -2.66
CA SER A 159 -35.03 -23.70 -2.95
C SER A 159 -33.74 -24.48 -2.68
N GLU A 160 -33.79 -25.55 -1.89
CA GLU A 160 -32.64 -26.46 -1.88
C GLU A 160 -32.41 -27.06 -3.26
N HIS A 161 -33.47 -27.52 -3.91
CA HIS A 161 -33.30 -27.99 -5.28
C HIS A 161 -32.81 -26.89 -6.20
N GLU A 162 -33.33 -25.66 -6.03
CA GLU A 162 -32.92 -24.57 -6.91
C GLU A 162 -31.42 -24.31 -6.83
N LYS A 163 -30.85 -24.33 -5.62
CA LYS A 163 -29.43 -24.06 -5.56
C LYS A 163 -28.66 -25.12 -6.37
N ASN A 164 -29.24 -26.32 -6.52
CA ASN A 164 -28.54 -27.38 -7.24
C ASN A 164 -28.75 -27.34 -8.74
N VAL A 165 -29.84 -26.75 -9.22
CA VAL A 165 -30.29 -26.92 -10.61
C VAL A 165 -29.18 -26.59 -11.60
N MET A 166 -28.43 -25.53 -11.32
CA MET A 166 -27.43 -25.00 -12.24
C MET A 166 -26.02 -25.41 -11.81
N ASN A 167 -25.91 -26.41 -10.92
CA ASN A 167 -24.64 -26.95 -10.42
C ASN A 167 -24.27 -28.20 -11.21
N ASP A 168 -23.08 -28.21 -11.81
CA ASP A 168 -22.75 -29.25 -12.79
C ASP A 168 -22.66 -30.65 -12.15
N ALA A 169 -22.28 -30.74 -10.88
CA ALA A 169 -22.23 -32.03 -10.19
C ALA A 169 -23.63 -32.65 -10.06
N TRP A 170 -24.63 -31.85 -9.68
CA TRP A 170 -25.98 -32.38 -9.51
C TRP A 170 -26.63 -32.71 -10.86
N ARG A 171 -26.35 -31.94 -11.90
CA ARG A 171 -26.94 -32.26 -13.19
C ARG A 171 -26.47 -33.62 -13.66
N LEU A 172 -25.15 -33.85 -13.62
CA LEU A 172 -24.62 -35.12 -14.11
C LEU A 172 -25.10 -36.26 -13.22
N PHE A 173 -25.09 -36.05 -11.89
CA PHE A 173 -25.58 -37.07 -10.98
C PHE A 173 -26.94 -37.59 -11.41
N GLN A 174 -27.88 -36.66 -11.65
CA GLN A 174 -29.22 -37.05 -12.03
C GLN A 174 -29.28 -37.55 -13.47
N LEU A 175 -28.37 -37.06 -14.34
CA LEU A 175 -28.42 -37.51 -15.72
C LEU A 175 -28.02 -38.96 -15.85
N GLU A 176 -26.97 -39.40 -15.12
CA GLU A 176 -26.67 -40.82 -15.12
C GLU A 176 -27.93 -41.60 -14.79
N LYS A 177 -28.62 -41.24 -13.71
CA LYS A 177 -29.87 -41.91 -13.33
C LYS A 177 -30.88 -41.93 -14.49
N ALA A 178 -31.07 -40.79 -15.16
CA ALA A 178 -32.05 -40.77 -16.23
C ALA A 178 -31.63 -41.58 -17.46
N THR A 179 -30.36 -42.01 -17.58
CA THR A 179 -29.93 -42.83 -18.72
C THR A 179 -29.93 -44.32 -18.43
N GLY A 180 -30.29 -44.73 -17.22
CA GLY A 180 -30.48 -46.13 -16.90
C GLY A 180 -31.85 -46.63 -17.32
N ASN A 181 -32.23 -47.73 -16.70
CA ASN A 181 -33.52 -48.36 -16.95
C ASN A 181 -34.59 -47.52 -16.26
N PRO A 182 -35.50 -46.89 -17.01
CA PRO A 182 -36.51 -46.02 -16.39
C PRO A 182 -37.40 -46.73 -15.38
N LYS A 183 -37.48 -48.05 -15.47
CA LYS A 183 -38.34 -48.82 -14.56
C LYS A 183 -37.66 -49.14 -13.22
N HIS A 184 -36.38 -48.83 -13.11
CA HIS A 184 -35.64 -49.09 -11.88
C HIS A 184 -35.64 -47.87 -10.96
N PRO A 185 -35.86 -48.09 -9.65
CA PRO A 185 -35.87 -46.97 -8.68
C PRO A 185 -34.64 -46.07 -8.78
N PHE A 186 -33.54 -46.54 -9.35
CA PHE A 186 -32.33 -45.74 -9.40
C PHE A 186 -32.55 -44.47 -10.20
N SER A 187 -33.44 -44.51 -11.19
CA SER A 187 -33.77 -43.37 -12.03
C SER A 187 -34.64 -42.30 -11.32
N LYS A 188 -35.05 -42.52 -10.07
CA LYS A 188 -35.90 -41.57 -9.38
C LYS A 188 -35.16 -40.27 -9.03
N PHE A 189 -35.88 -39.16 -9.13
CA PHE A 189 -35.49 -37.86 -8.60
C PHE A 189 -35.76 -37.87 -7.10
N GLY A 190 -34.72 -37.69 -6.29
CA GLY A 190 -34.83 -37.93 -4.85
C GLY A 190 -34.90 -36.69 -3.98
N THR A 191 -34.42 -35.56 -4.49
CA THR A 191 -34.54 -34.32 -3.76
C THR A 191 -36.00 -33.93 -3.63
N GLY A 192 -36.75 -34.02 -4.73
CA GLY A 192 -38.08 -33.44 -4.82
C GLY A 192 -38.08 -31.92 -4.87
N ASN A 193 -39.18 -31.33 -5.30
CA ASN A 193 -39.29 -29.88 -5.33
C ASN A 193 -40.77 -29.51 -5.17
N LYS A 194 -41.07 -28.21 -5.30
CA LYS A 194 -42.44 -27.78 -5.07
C LYS A 194 -43.39 -28.38 -6.09
N TYR A 195 -42.89 -28.72 -7.29
CA TYR A 195 -43.75 -29.40 -8.26
C TYR A 195 -44.10 -30.82 -7.80
N THR A 196 -43.10 -31.61 -7.40
CA THR A 196 -43.41 -33.01 -7.12
C THR A 196 -44.04 -33.20 -5.75
N LEU A 197 -43.75 -32.32 -4.80
CA LEU A 197 -44.26 -32.47 -3.45
C LEU A 197 -45.50 -31.62 -3.18
N GLU A 198 -45.90 -30.74 -4.12
CA GLU A 198 -47.13 -29.97 -3.93
C GLU A 198 -47.97 -29.84 -5.20
N THR A 199 -47.41 -29.18 -6.21
CA THR A 199 -48.21 -28.79 -7.36
C THR A 199 -48.80 -30.00 -8.09
N ARG A 200 -47.98 -31.04 -8.35
CA ARG A 200 -48.52 -32.25 -8.97
C ARG A 200 -49.39 -33.07 -8.03
N PRO A 201 -48.98 -33.38 -6.80
CA PRO A 201 -49.91 -34.07 -5.89
C PRO A 201 -51.26 -33.37 -5.75
N ASN A 202 -51.26 -32.04 -5.58
CA ASN A 202 -52.52 -31.32 -5.51
C ASN A 202 -53.38 -31.54 -6.76
N GLN A 203 -52.77 -31.41 -7.94
CA GLN A 203 -53.50 -31.60 -9.20
C GLN A 203 -53.98 -33.04 -9.40
N GLU A 204 -53.32 -33.99 -8.73
CA GLU A 204 -53.66 -35.41 -8.85
C GLU A 204 -54.50 -35.94 -7.67
N GLY A 205 -54.90 -35.10 -6.72
CA GLY A 205 -55.73 -35.54 -5.60
C GLY A 205 -55.00 -36.15 -4.41
N ILE A 206 -53.67 -36.24 -4.43
CA ILE A 206 -52.94 -36.84 -3.32
C ILE A 206 -53.00 -35.95 -2.09
N ASP A 207 -53.29 -36.55 -0.92
CA ASP A 207 -53.13 -35.92 0.39
C ASP A 207 -51.69 -36.15 0.82
N VAL A 208 -50.88 -35.11 0.78
CA VAL A 208 -49.48 -35.31 1.05
C VAL A 208 -49.25 -35.66 2.52
N ARG A 209 -50.03 -35.07 3.41
CA ARG A 209 -49.88 -35.39 4.82
C ARG A 209 -50.17 -36.87 5.09
N GLN A 210 -51.24 -37.41 4.49
CA GLN A 210 -51.52 -38.84 4.65
C GLN A 210 -50.32 -39.65 4.18
N GLU A 211 -49.79 -39.30 3.01
CA GLU A 211 -48.67 -40.02 2.44
C GLU A 211 -47.46 -40.01 3.37
N LEU A 212 -47.14 -38.85 3.96
CA LEU A 212 -46.07 -38.78 4.96
C LEU A 212 -46.33 -39.72 6.15
N LEU A 213 -47.51 -39.61 6.76
CA LEU A 213 -47.90 -40.49 7.85
C LEU A 213 -47.78 -41.96 7.43
N LYS A 214 -48.15 -42.26 6.20
CA LYS A 214 -48.17 -43.64 5.74
C LYS A 214 -46.75 -44.16 5.59
N PHE A 215 -45.90 -43.36 4.93
CA PHE A 215 -44.49 -43.70 4.78
C PHE A 215 -43.81 -43.86 6.13
N HIS A 216 -44.03 -42.91 7.05
CA HIS A 216 -43.40 -42.99 8.36
C HIS A 216 -43.85 -44.23 9.13
N SER A 217 -45.15 -44.55 9.12
CA SER A 217 -45.55 -45.74 9.88
C SER A 217 -45.08 -47.01 9.20
N ALA A 218 -45.01 -46.99 7.88
CA ALA A 218 -44.66 -48.19 7.14
C ALA A 218 -43.18 -48.49 7.19
N TYR A 219 -42.31 -47.48 7.23
CA TYR A 219 -40.89 -47.73 7.03
C TYR A 219 -40.01 -47.30 8.17
N TYR A 220 -40.41 -46.34 9.00
CA TYR A 220 -39.61 -45.99 10.18
C TYR A 220 -39.89 -47.05 11.23
N SER A 221 -39.41 -48.27 10.93
CA SER A 221 -39.58 -49.41 11.81
C SER A 221 -38.33 -49.66 12.65
N SER A 222 -38.54 -50.07 13.89
CA SER A 222 -37.40 -50.24 14.79
C SER A 222 -36.38 -51.24 14.24
N ASN A 223 -36.81 -52.23 13.45
CA ASN A 223 -35.89 -53.26 12.97
C ASN A 223 -34.91 -52.74 11.94
N LEU A 224 -35.15 -51.54 11.37
CA LEU A 224 -34.30 -50.92 10.38
C LEU A 224 -33.47 -49.76 10.95
N MET A 225 -33.37 -49.60 12.27
CA MET A 225 -32.71 -48.45 12.88
C MET A 225 -31.48 -48.84 13.67
N ALA A 226 -30.42 -48.04 13.51
CA ALA A 226 -29.26 -48.06 14.40
C ALA A 226 -29.16 -46.73 15.13
N VAL A 227 -28.69 -46.75 16.38
CA VAL A 227 -28.63 -45.55 17.22
C VAL A 227 -27.25 -45.50 17.88
N VAL A 228 -26.59 -44.35 17.81
CA VAL A 228 -25.32 -44.12 18.51
C VAL A 228 -25.52 -42.96 19.47
N VAL A 229 -24.96 -43.08 20.68
CA VAL A 229 -25.08 -42.06 21.73
C VAL A 229 -23.72 -41.91 22.41
N LEU A 230 -23.23 -40.66 22.45
CA LEU A 230 -21.96 -40.33 23.05
C LEU A 230 -22.20 -39.30 24.14
N GLY A 231 -21.70 -39.59 25.35
CA GLY A 231 -21.94 -38.77 26.52
C GLY A 231 -20.82 -38.95 27.53
N ARG A 232 -20.87 -38.12 28.58
CA ARG A 232 -19.96 -38.25 29.73
C ARG A 232 -20.44 -39.31 30.72
N GLU A 233 -21.71 -39.70 30.63
CA GLU A 233 -22.29 -40.71 31.50
C GLU A 233 -21.56 -42.05 31.36
N SER A 234 -21.61 -42.87 32.42
CA SER A 234 -21.07 -44.23 32.39
C SER A 234 -21.84 -45.09 31.38
N LEU A 235 -21.20 -46.20 30.95
CA LEU A 235 -21.85 -47.04 29.95
C LEU A 235 -23.18 -47.58 30.46
N ASP A 236 -23.28 -47.85 31.77
CA ASP A 236 -24.54 -48.32 32.36
C ASP A 236 -25.64 -47.27 32.25
N ASP A 237 -25.36 -46.06 32.73
CA ASP A 237 -26.35 -44.98 32.64
C ASP A 237 -26.76 -44.73 31.20
N LEU A 238 -25.80 -44.80 30.26
CA LEU A 238 -26.17 -44.63 28.87
C LEU A 238 -27.09 -45.75 28.43
N THR A 239 -26.80 -46.97 28.87
CA THR A 239 -27.69 -48.07 28.52
C THR A 239 -29.12 -47.79 29.01
N ASN A 240 -29.27 -47.33 30.25
CA ASN A 240 -30.61 -47.10 30.78
C ASN A 240 -31.31 -45.95 30.05
N LEU A 241 -30.55 -44.95 29.64
CA LEU A 241 -31.15 -43.81 28.97
C LEU A 241 -31.69 -44.19 27.61
N VAL A 242 -30.90 -44.95 26.86
CA VAL A 242 -31.33 -45.30 25.52
C VAL A 242 -32.52 -46.25 25.57
N VAL A 243 -32.56 -47.12 26.59
CA VAL A 243 -33.67 -48.05 26.75
C VAL A 243 -34.94 -47.29 27.10
N LYS A 244 -34.84 -46.34 28.03
CA LYS A 244 -35.96 -45.47 28.36
C LYS A 244 -36.58 -44.86 27.10
N LEU A 245 -35.75 -44.26 26.24
CA LEU A 245 -36.31 -43.41 25.20
C LEU A 245 -36.69 -44.16 23.93
N PHE A 246 -36.00 -45.27 23.63
CA PHE A 246 -36.07 -45.86 22.30
C PHE A 246 -36.75 -47.22 22.23
N SER A 247 -36.96 -47.90 23.34
CA SER A 247 -37.63 -49.19 23.24
C SER A 247 -39.12 -49.04 22.94
N GLU A 248 -39.70 -47.88 23.24
CA GLU A 248 -41.05 -47.58 22.80
C GLU A 248 -41.25 -47.71 21.29
N VAL A 249 -40.17 -47.68 20.47
CA VAL A 249 -40.34 -47.60 19.01
C VAL A 249 -41.02 -48.86 18.47
N GLU A 250 -42.03 -48.69 17.63
CA GLU A 250 -42.75 -49.84 17.08
C GLU A 250 -41.96 -50.62 16.02
N ASN A 251 -41.98 -51.95 16.15
CA ASN A 251 -41.30 -52.83 15.21
C ASN A 251 -42.36 -53.40 14.28
N LYS A 252 -42.23 -53.08 13.00
CA LYS A 252 -43.14 -53.62 12.00
C LYS A 252 -42.46 -54.65 11.08
N ASN A 253 -41.32 -55.20 11.51
CA ASN A 253 -40.51 -56.16 10.77
C ASN A 253 -40.54 -55.91 9.26
N VAL A 254 -39.84 -54.86 8.84
CA VAL A 254 -39.90 -54.51 7.44
C VAL A 254 -38.72 -55.21 6.76
N PRO A 255 -38.94 -55.80 5.59
CA PRO A 255 -37.82 -56.33 4.81
C PRO A 255 -36.94 -55.21 4.29
N LEU A 256 -35.63 -55.39 4.42
CA LEU A 256 -34.67 -54.44 3.88
C LEU A 256 -34.76 -54.41 2.35
N PRO A 257 -35.13 -53.29 1.73
CA PRO A 257 -35.33 -53.32 0.27
C PRO A 257 -34.07 -53.74 -0.47
N GLU A 258 -34.29 -54.47 -1.56
CA GLU A 258 -33.21 -54.97 -2.39
C GLU A 258 -33.43 -54.53 -3.83
N PHE A 259 -32.35 -54.51 -4.59
CA PHE A 259 -32.37 -54.11 -6.00
C PHE A 259 -31.43 -55.01 -6.79
N PRO A 260 -31.79 -56.28 -6.95
CA PRO A 260 -30.86 -57.23 -7.57
C PRO A 260 -30.57 -56.97 -9.04
N GLU A 261 -31.58 -56.57 -9.81
CA GLU A 261 -31.36 -56.27 -11.22
C GLU A 261 -30.62 -54.94 -11.34
N HIS A 262 -29.60 -54.89 -12.19
CA HIS A 262 -28.82 -53.67 -12.37
C HIS A 262 -29.60 -52.63 -13.14
N PRO A 263 -29.51 -51.37 -12.76
CA PRO A 263 -30.21 -50.33 -13.53
C PRO A 263 -29.70 -50.18 -14.93
N PHE A 264 -28.49 -50.62 -15.23
CA PHE A 264 -27.96 -50.57 -16.58
C PHE A 264 -27.99 -51.98 -17.15
N GLN A 265 -28.94 -52.22 -18.08
CA GLN A 265 -29.09 -53.45 -18.84
C GLN A 265 -28.44 -53.28 -20.22
N GLU A 266 -28.61 -54.24 -21.10
CA GLU A 266 -27.63 -54.37 -22.17
C GLU A 266 -27.86 -53.32 -23.26
N GLU A 267 -29.09 -52.80 -23.41
CA GLU A 267 -29.33 -51.64 -24.27
C GLU A 267 -28.82 -50.35 -23.66
N HIS A 268 -28.34 -50.37 -22.42
CA HIS A 268 -27.80 -49.18 -21.80
C HIS A 268 -26.29 -49.13 -21.87
N LEU A 269 -25.66 -50.21 -22.32
CA LEU A 269 -24.23 -50.41 -22.43
C LEU A 269 -23.73 -50.08 -23.83
N LYS A 270 -22.40 -49.91 -23.93
CA LYS A 270 -21.72 -49.48 -25.15
C LYS A 270 -22.34 -48.19 -25.71
N GLN A 271 -22.73 -47.31 -24.78
CA GLN A 271 -23.47 -46.09 -25.07
C GLN A 271 -22.59 -44.88 -24.81
N LEU A 272 -22.75 -43.84 -25.64
CA LEU A 272 -21.92 -42.65 -25.55
C LEU A 272 -22.79 -41.42 -25.36
N TYR A 273 -22.41 -40.57 -24.42
CA TYR A 273 -23.20 -39.41 -24.03
C TYR A 273 -22.35 -38.16 -24.16
N LYS A 274 -22.87 -37.16 -24.87
CA LYS A 274 -22.24 -35.85 -25.03
C LYS A 274 -23.07 -34.82 -24.27
N ILE A 275 -22.45 -34.12 -23.33
CA ILE A 275 -23.20 -33.32 -22.35
C ILE A 275 -22.66 -31.91 -22.30
N VAL A 276 -23.57 -30.95 -22.29
CA VAL A 276 -23.22 -29.53 -22.26
C VAL A 276 -23.20 -29.06 -20.81
N PRO A 277 -22.10 -28.49 -20.33
CA PRO A 277 -22.08 -27.98 -18.95
C PRO A 277 -22.56 -26.54 -18.80
N ILE A 278 -22.64 -26.13 -17.54
CA ILE A 278 -22.82 -24.72 -17.20
C ILE A 278 -21.46 -24.04 -17.21
N LYS A 279 -20.64 -24.35 -16.21
CA LYS A 279 -19.25 -23.90 -16.22
C LYS A 279 -18.53 -24.41 -17.48
N ASP A 280 -17.44 -23.74 -17.86
CA ASP A 280 -16.55 -24.25 -18.92
C ASP A 280 -15.61 -25.31 -18.34
N ILE A 281 -16.01 -26.58 -18.46
CA ILE A 281 -15.27 -27.69 -17.92
C ILE A 281 -15.24 -28.78 -18.99
N ARG A 282 -14.16 -29.54 -19.02
CA ARG A 282 -14.02 -30.67 -19.93
C ARG A 282 -13.76 -31.92 -19.10
N ASN A 283 -14.62 -32.92 -19.24
CA ASN A 283 -14.53 -34.13 -18.42
C ASN A 283 -14.92 -35.37 -19.21
N LEU A 284 -14.26 -36.50 -18.89
CA LEU A 284 -14.57 -37.84 -19.41
C LEU A 284 -14.96 -38.76 -18.27
N TYR A 285 -16.12 -39.39 -18.36
CA TYR A 285 -16.58 -40.33 -17.35
C TYR A 285 -16.70 -41.69 -17.99
N VAL A 286 -15.99 -42.69 -17.44
CA VAL A 286 -16.11 -44.07 -17.89
C VAL A 286 -16.70 -44.90 -16.75
N THR A 287 -17.79 -45.61 -17.02
CA THR A 287 -18.50 -46.38 -16.01
C THR A 287 -18.70 -47.81 -16.50
N PHE A 288 -18.58 -48.77 -15.57
CA PHE A 288 -18.90 -50.18 -15.77
C PHE A 288 -19.85 -50.58 -14.66
N PRO A 289 -20.94 -51.26 -14.96
CA PRO A 289 -21.73 -51.88 -13.89
C PRO A 289 -21.08 -53.15 -13.35
N ILE A 290 -21.23 -53.35 -12.04
CA ILE A 290 -20.63 -54.50 -11.38
C ILE A 290 -21.58 -55.00 -10.30
N PRO A 291 -21.45 -56.26 -9.91
CA PRO A 291 -22.31 -56.79 -8.85
C PRO A 291 -22.07 -56.04 -7.55
N ASP A 292 -23.00 -56.19 -6.61
CA ASP A 292 -22.79 -55.60 -5.29
C ASP A 292 -21.62 -56.31 -4.57
N LEU A 293 -20.54 -55.56 -4.28
CA LEU A 293 -19.33 -56.09 -3.64
C LEU A 293 -19.33 -55.97 -2.12
N GLN A 294 -20.43 -55.52 -1.53
CA GLN A 294 -20.38 -55.17 -0.11
C GLN A 294 -20.11 -56.39 0.78
N LYS A 295 -20.67 -57.56 0.41
CA LYS A 295 -20.42 -58.77 1.20
C LYS A 295 -18.94 -59.17 1.21
N TYR A 296 -18.14 -58.65 0.26
CA TYR A 296 -16.73 -59.00 0.18
C TYR A 296 -15.84 -58.03 0.97
N TYR A 297 -16.43 -57.27 1.90
CA TYR A 297 -15.71 -56.16 2.51
C TYR A 297 -14.43 -56.60 3.23
N LYS A 298 -14.31 -57.85 3.67
CA LYS A 298 -13.11 -58.24 4.41
C LYS A 298 -11.90 -58.35 3.50
N SER A 299 -12.11 -58.54 2.20
CA SER A 299 -11.04 -58.55 1.22
C SER A 299 -11.03 -57.34 0.29
N ASN A 300 -12.19 -56.68 0.12
CA ASN A 300 -12.38 -55.41 -0.59
C ASN A 300 -11.82 -55.42 -2.01
N PRO A 301 -12.26 -56.35 -2.85
CA PRO A 301 -11.73 -56.39 -4.21
C PRO A 301 -11.80 -55.05 -4.93
N GLY A 302 -12.94 -54.35 -4.89
CA GLY A 302 -13.06 -53.12 -5.67
C GLY A 302 -12.04 -52.08 -5.27
N HIS A 303 -11.69 -52.04 -3.98
CA HIS A 303 -10.70 -51.06 -3.55
C HIS A 303 -9.28 -51.47 -3.98
N TYR A 304 -8.95 -52.76 -3.95
CA TYR A 304 -7.69 -53.21 -4.52
C TYR A 304 -7.54 -52.69 -5.94
N LEU A 305 -8.58 -52.88 -6.75
CA LEU A 305 -8.47 -52.49 -8.14
C LEU A 305 -8.45 -50.96 -8.28
N GLY A 306 -9.22 -50.25 -7.45
CA GLY A 306 -9.20 -48.80 -7.53
C GLY A 306 -7.86 -48.21 -7.12
N HIS A 307 -7.22 -48.80 -6.11
CA HIS A 307 -5.86 -48.43 -5.77
C HIS A 307 -4.94 -48.42 -7.00
N LEU A 308 -5.04 -49.45 -7.84
CA LEU A 308 -4.12 -49.56 -8.98
C LEU A 308 -4.57 -48.70 -10.16
N ILE A 309 -5.83 -48.84 -10.60
CA ILE A 309 -6.30 -48.09 -11.75
C ILE A 309 -6.27 -46.59 -11.47
N GLY A 310 -6.43 -46.20 -10.22
CA GLY A 310 -6.35 -44.81 -9.85
C GLY A 310 -5.03 -44.31 -9.36
N HIS A 311 -3.96 -45.08 -9.49
CA HIS A 311 -2.66 -44.67 -8.96
C HIS A 311 -2.17 -43.43 -9.72
N GLU A 312 -1.47 -42.52 -9.02
CA GLU A 312 -0.92 -41.34 -9.67
C GLU A 312 0.60 -41.31 -9.72
N GLY A 313 1.28 -42.33 -9.19
CA GLY A 313 2.71 -42.40 -9.23
C GLY A 313 3.31 -42.86 -10.55
N PRO A 314 4.62 -43.07 -10.53
CA PRO A 314 5.33 -43.53 -11.74
C PRO A 314 4.74 -44.83 -12.29
N GLY A 315 4.60 -44.88 -13.61
CA GLY A 315 4.08 -46.07 -14.27
C GLY A 315 2.58 -46.15 -14.33
N SER A 316 1.88 -45.25 -13.67
CA SER A 316 0.43 -45.25 -13.57
C SER A 316 -0.26 -44.82 -14.86
N LEU A 317 -1.56 -45.13 -14.92
CA LEU A 317 -2.37 -44.74 -16.07
C LEU A 317 -2.41 -43.21 -16.22
N LEU A 318 -2.59 -42.49 -15.11
CA LEU A 318 -2.64 -41.04 -15.17
C LEU A 318 -1.32 -40.46 -15.61
N SER A 319 -0.22 -41.04 -15.16
CA SER A 319 1.10 -40.52 -15.50
C SER A 319 1.33 -40.51 -17.01
N GLU A 320 0.79 -41.50 -17.74
CA GLU A 320 0.99 -41.48 -19.18
C GLU A 320 -0.02 -40.58 -19.86
N LEU A 321 -1.30 -40.63 -19.44
CA LEU A 321 -2.27 -39.66 -19.94
C LEU A 321 -1.86 -38.21 -19.62
N LYS A 322 -1.21 -37.97 -18.48
CA LYS A 322 -0.71 -36.62 -18.21
C LYS A 322 0.49 -36.30 -19.08
N SER A 323 1.32 -37.29 -19.39
CA SER A 323 2.51 -36.93 -20.14
C SER A 323 2.22 -36.79 -21.63
N LYS A 324 1.08 -37.29 -22.12
CA LYS A 324 0.67 -36.98 -23.49
C LYS A 324 -0.09 -35.69 -23.57
N GLY A 325 -0.33 -35.03 -22.44
CA GLY A 325 -1.00 -33.74 -22.41
C GLY A 325 -2.48 -33.80 -22.66
N TRP A 326 -3.14 -34.89 -22.24
CA TRP A 326 -4.55 -35.18 -22.44
C TRP A 326 -5.39 -35.02 -21.18
N VAL A 327 -4.83 -35.34 -20.03
CA VAL A 327 -5.54 -35.45 -18.76
C VAL A 327 -4.69 -34.77 -17.71
N ASN A 328 -5.33 -34.22 -16.67
CA ASN A 328 -4.60 -33.62 -15.54
C ASN A 328 -4.87 -34.32 -14.23
N THR A 329 -6.08 -34.88 -14.08
CA THR A 329 -6.49 -35.55 -12.87
C THR A 329 -7.23 -36.82 -13.28
N LEU A 330 -7.17 -37.83 -12.42
CA LEU A 330 -7.82 -39.10 -12.68
C LEU A 330 -8.35 -39.62 -11.34
N VAL A 331 -9.56 -40.17 -11.37
CA VAL A 331 -10.11 -40.91 -10.25
C VAL A 331 -10.65 -42.24 -10.76
N GLY A 332 -10.40 -43.30 -10.02
CA GLY A 332 -10.90 -44.63 -10.38
C GLY A 332 -11.25 -45.43 -9.15
N GLY A 333 -12.31 -46.23 -9.23
CA GLY A 333 -12.56 -47.23 -8.21
C GLY A 333 -14.04 -47.51 -8.09
N GLN A 334 -14.38 -48.22 -7.02
CA GLN A 334 -15.76 -48.66 -6.87
C GLN A 334 -16.61 -47.49 -6.36
N LYS A 335 -17.77 -47.33 -6.97
CA LYS A 335 -18.72 -46.28 -6.60
C LYS A 335 -20.00 -46.97 -6.19
N GLU A 336 -20.54 -46.56 -5.05
CA GLU A 336 -21.73 -47.18 -4.48
C GLU A 336 -23.03 -46.92 -5.25
N GLY A 337 -23.85 -47.96 -5.33
CA GLY A 337 -25.14 -47.90 -5.98
C GLY A 337 -26.28 -48.11 -4.99
N ALA A 338 -26.60 -49.38 -4.70
CA ALA A 338 -27.56 -49.78 -3.67
C ALA A 338 -27.36 -51.27 -3.44
N ARG A 339 -27.99 -51.81 -2.38
CA ARG A 339 -28.00 -53.26 -2.21
C ARG A 339 -28.45 -53.91 -3.50
N GLY A 340 -27.51 -54.56 -4.21
CA GLY A 340 -27.79 -55.22 -5.47
C GLY A 340 -26.82 -54.91 -6.60
N PHE A 341 -26.35 -53.66 -6.69
CA PHE A 341 -25.53 -53.19 -7.81
C PHE A 341 -24.56 -52.11 -7.35
N MET A 342 -23.45 -51.96 -8.10
CA MET A 342 -22.38 -51.01 -7.84
C MET A 342 -21.85 -50.52 -9.17
N PHE A 343 -20.86 -49.66 -9.14
CA PHE A 343 -20.22 -49.27 -10.37
C PHE A 343 -18.72 -49.25 -10.16
N PHE A 344 -18.00 -49.40 -11.23
CA PHE A 344 -16.59 -49.10 -11.23
C PHE A 344 -16.42 -47.94 -12.19
N ILE A 345 -15.72 -46.89 -11.74
CA ILE A 345 -15.57 -45.65 -12.52
C ILE A 345 -14.10 -45.34 -12.82
N ILE A 346 -13.88 -44.71 -13.97
CA ILE A 346 -12.62 -44.04 -14.28
C ILE A 346 -12.94 -42.68 -14.88
N ASN A 347 -12.76 -41.62 -14.09
CA ASN A 347 -13.08 -40.25 -14.53
C ASN A 347 -11.82 -39.37 -14.60
N VAL A 348 -11.62 -38.73 -15.76
CA VAL A 348 -10.51 -37.82 -16.00
C VAL A 348 -11.09 -36.47 -16.38
N ASP A 349 -10.35 -35.41 -16.11
CA ASP A 349 -10.61 -34.13 -16.74
C ASP A 349 -9.83 -34.08 -18.07
N LEU A 350 -10.18 -33.13 -18.94
CA LEU A 350 -9.60 -33.12 -20.28
C LEU A 350 -8.98 -31.78 -20.61
N THR A 351 -7.73 -31.79 -21.07
CA THR A 351 -7.14 -30.63 -21.73
C THR A 351 -7.85 -30.37 -23.05
N GLU A 352 -7.44 -29.30 -23.72
CA GLU A 352 -7.96 -29.02 -25.06
C GLU A 352 -7.66 -30.16 -26.01
N GLU A 353 -6.42 -30.66 -25.99
CA GLU A 353 -6.04 -31.81 -26.80
C GLU A 353 -6.80 -33.06 -26.36
N GLY A 354 -6.85 -33.32 -25.05
CA GLY A 354 -7.51 -34.54 -24.59
C GLY A 354 -8.90 -34.71 -25.18
N LEU A 355 -9.63 -33.60 -25.33
CA LEU A 355 -10.98 -33.62 -25.89
C LEU A 355 -11.03 -34.19 -27.29
N LEU A 356 -9.98 -34.00 -28.07
CA LEU A 356 -9.89 -34.48 -29.44
C LEU A 356 -9.37 -35.90 -29.53
N HIS A 357 -9.10 -36.53 -28.38
CA HIS A 357 -8.42 -37.82 -28.31
C HIS A 357 -9.09 -38.74 -27.32
N VAL A 358 -10.39 -38.55 -27.09
CA VAL A 358 -11.09 -39.37 -26.12
C VAL A 358 -10.96 -40.83 -26.49
N GLU A 359 -11.02 -41.15 -27.78
CA GLU A 359 -10.89 -42.54 -28.18
C GLU A 359 -9.58 -43.14 -27.70
N ASP A 360 -8.47 -42.41 -27.84
CA ASP A 360 -7.20 -42.98 -27.41
C ASP A 360 -7.07 -42.99 -25.88
N ILE A 361 -7.64 -42.00 -25.20
CA ILE A 361 -7.64 -42.01 -23.74
C ILE A 361 -8.26 -43.30 -23.24
N ILE A 362 -9.42 -43.64 -23.78
CA ILE A 362 -10.08 -44.86 -23.32
C ILE A 362 -9.26 -46.08 -23.72
N LEU A 363 -8.65 -46.07 -24.92
CA LEU A 363 -7.81 -47.20 -25.32
C LEU A 363 -6.69 -47.43 -24.31
N HIS A 364 -6.04 -46.35 -23.85
CA HIS A 364 -5.02 -46.48 -22.80
C HIS A 364 -5.61 -47.04 -21.51
N MET A 365 -6.85 -46.66 -21.19
CA MET A 365 -7.48 -47.23 -20.01
C MET A 365 -7.53 -48.74 -20.09
N PHE A 366 -8.00 -49.29 -21.21
CA PHE A 366 -8.11 -50.74 -21.36
C PHE A 366 -6.74 -51.39 -21.50
N GLN A 367 -5.79 -50.74 -22.15
CA GLN A 367 -4.42 -51.22 -22.11
C GLN A 367 -3.95 -51.47 -20.68
N TYR A 368 -4.25 -50.55 -19.75
CA TYR A 368 -3.84 -50.71 -18.36
C TYR A 368 -4.64 -51.81 -17.66
N ILE A 369 -5.94 -51.93 -17.96
CA ILE A 369 -6.71 -53.04 -17.40
C ILE A 369 -6.19 -54.35 -17.95
N GLN A 370 -5.82 -54.36 -19.23
CA GLN A 370 -5.33 -55.59 -19.83
C GLN A 370 -4.00 -56.00 -19.19
N LYS A 371 -3.14 -55.05 -18.86
CA LYS A 371 -1.95 -55.40 -18.10
C LYS A 371 -2.31 -56.07 -16.77
N LEU A 372 -3.31 -55.56 -16.07
CA LEU A 372 -3.66 -56.16 -14.79
C LEU A 372 -4.21 -57.58 -14.95
N ARG A 373 -4.80 -57.89 -16.11
CA ARG A 373 -5.24 -59.25 -16.38
C ARG A 373 -4.03 -60.14 -16.65
N ALA A 374 -3.06 -59.64 -17.40
CA ALA A 374 -1.85 -60.39 -17.69
C ALA A 374 -1.05 -60.69 -16.42
N GLU A 375 -0.72 -59.67 -15.63
CA GLU A 375 0.08 -59.93 -14.44
C GLU A 375 -0.67 -60.79 -13.43
N GLY A 376 -2.01 -60.73 -13.41
CA GLY A 376 -2.80 -61.34 -12.37
C GLY A 376 -2.63 -60.66 -11.02
N PRO A 377 -3.50 -60.99 -10.06
CA PRO A 377 -3.46 -60.31 -8.75
C PRO A 377 -2.13 -60.46 -8.05
N GLN A 378 -1.79 -59.47 -7.22
CA GLN A 378 -0.50 -59.38 -6.55
C GLN A 378 -0.74 -59.28 -5.06
N GLU A 379 -0.53 -60.40 -4.35
CA GLU A 379 -0.84 -60.36 -2.92
C GLU A 379 -0.02 -59.29 -2.19
N TRP A 380 1.20 -58.99 -2.66
CA TRP A 380 2.05 -58.08 -1.89
C TRP A 380 1.44 -56.69 -1.85
N VAL A 381 0.66 -56.35 -2.89
CA VAL A 381 -0.07 -55.10 -2.95
C VAL A 381 -1.17 -55.07 -1.90
N PHE A 382 -2.11 -56.03 -2.00
CA PHE A 382 -3.13 -56.20 -0.97
C PHE A 382 -2.51 -56.15 0.42
N GLN A 383 -1.32 -56.69 0.58
CA GLN A 383 -0.73 -56.72 1.90
C GLN A 383 -0.28 -55.33 2.32
N GLU A 384 0.14 -54.51 1.35
CA GLU A 384 0.61 -53.18 1.71
C GLU A 384 -0.56 -52.30 2.14
N LEU A 385 -1.71 -52.44 1.44
CA LEU A 385 -2.94 -51.75 1.84
C LEU A 385 -3.34 -52.15 3.23
N LYS A 386 -3.35 -53.46 3.48
CA LYS A 386 -3.71 -54.02 4.78
C LYS A 386 -2.87 -53.39 5.88
N ASP A 387 -1.55 -53.31 5.66
CA ASP A 387 -0.66 -52.79 6.69
C ASP A 387 -0.83 -51.28 6.87
N LEU A 388 -0.99 -50.54 5.77
CA LEU A 388 -1.24 -49.10 5.89
C LEU A 388 -2.57 -48.82 6.58
N ASN A 389 -3.65 -49.46 6.14
CA ASN A 389 -4.93 -49.27 6.83
C ASN A 389 -4.79 -49.56 8.33
N ALA A 390 -4.01 -50.57 8.68
CA ALA A 390 -3.84 -50.91 10.09
C ALA A 390 -3.22 -49.75 10.86
N VAL A 391 -2.17 -49.16 10.29
CA VAL A 391 -1.53 -48.01 10.91
C VAL A 391 -2.51 -46.84 11.01
N ALA A 392 -3.19 -46.54 9.90
CA ALA A 392 -4.25 -45.53 9.88
C ALA A 392 -5.25 -45.68 11.03
N PHE A 393 -5.74 -46.90 11.25
CA PHE A 393 -6.74 -47.09 12.29
C PHE A 393 -6.14 -46.94 13.67
N ARG A 394 -4.93 -47.46 13.85
CA ARG A 394 -4.30 -47.45 15.17
C ARG A 394 -4.10 -46.04 15.68
N PHE A 395 -3.74 -45.11 14.79
CA PHE A 395 -3.44 -43.73 15.14
C PHE A 395 -4.46 -42.76 14.55
N LYS A 396 -5.68 -43.23 14.29
CA LYS A 396 -6.73 -42.37 13.78
C LYS A 396 -6.93 -41.17 14.72
N ASP A 397 -7.12 -39.99 14.14
CA ASP A 397 -7.35 -38.80 14.97
C ASP A 397 -8.68 -38.97 15.70
N LYS A 398 -8.73 -38.58 16.96
CA LYS A 398 -9.98 -38.62 17.71
C LYS A 398 -11.04 -37.71 17.04
N GLU A 399 -12.20 -38.30 16.72
CA GLU A 399 -13.21 -37.66 15.90
C GLU A 399 -14.05 -36.65 16.69
N ARG A 400 -14.79 -35.82 15.96
CA ARG A 400 -15.68 -34.83 16.59
C ARG A 400 -16.94 -35.58 17.03
N PRO A 401 -17.45 -35.31 18.23
CA PRO A 401 -18.61 -36.16 18.53
C PRO A 401 -19.75 -36.24 17.50
N ARG A 402 -20.21 -35.11 16.96
CA ARG A 402 -21.36 -35.11 16.05
C ARG A 402 -21.11 -35.92 14.79
N GLY A 403 -19.92 -35.79 14.21
CA GLY A 403 -19.66 -36.51 12.97
C GLY A 403 -19.44 -38.01 13.19
N TYR A 404 -18.92 -38.36 14.38
CA TYR A 404 -18.63 -39.74 14.77
C TYR A 404 -19.90 -40.55 15.01
N THR A 405 -20.84 -40.03 15.80
CA THR A 405 -22.08 -40.75 15.99
C THR A 405 -22.81 -40.91 14.67
N SER A 406 -22.80 -39.87 13.83
CA SER A 406 -23.52 -39.99 12.57
C SER A 406 -22.93 -41.08 11.70
N LYS A 407 -21.60 -41.11 11.57
CA LYS A 407 -20.89 -42.12 10.77
C LYS A 407 -21.22 -43.54 11.24
N ILE A 408 -21.04 -43.80 12.54
CA ILE A 408 -21.20 -45.14 13.07
C ILE A 408 -22.63 -45.60 12.90
N ALA A 409 -23.59 -44.75 13.29
CA ALA A 409 -24.98 -45.14 13.15
C ALA A 409 -25.26 -45.63 11.73
N GLY A 410 -24.54 -45.10 10.76
CA GLY A 410 -24.79 -45.50 9.38
C GLY A 410 -24.25 -46.88 9.06
N ILE A 411 -23.09 -47.23 9.64
CA ILE A 411 -22.43 -48.50 9.32
C ILE A 411 -22.84 -49.64 10.25
N LEU A 412 -23.55 -49.35 11.35
CA LEU A 412 -23.96 -50.42 12.28
C LEU A 412 -24.85 -51.45 11.59
N HIS A 413 -25.55 -51.05 10.54
CA HIS A 413 -26.36 -51.92 9.70
C HIS A 413 -25.53 -52.95 8.97
N TYR A 414 -24.24 -52.69 8.76
CA TYR A 414 -23.45 -53.48 7.84
C TYR A 414 -22.47 -54.42 8.52
N TYR A 415 -22.16 -54.22 9.81
CA TYR A 415 -21.12 -55.00 10.46
C TYR A 415 -21.54 -55.46 11.84
N PRO A 416 -21.00 -56.56 12.31
CA PRO A 416 -21.29 -57.01 13.67
C PRO A 416 -20.80 -55.98 14.67
N LEU A 417 -21.44 -55.96 15.84
CA LEU A 417 -21.18 -54.90 16.79
C LEU A 417 -19.73 -54.86 17.21
N GLU A 418 -19.15 -56.01 17.57
CA GLU A 418 -17.81 -56.03 18.13
C GLU A 418 -16.75 -55.54 17.15
N GLU A 419 -17.12 -55.40 15.89
CA GLU A 419 -16.19 -55.11 14.81
C GLU A 419 -16.55 -53.85 14.01
N VAL A 420 -17.56 -53.08 14.45
CA VAL A 420 -18.04 -51.96 13.64
C VAL A 420 -16.98 -50.86 13.55
N LEU A 421 -16.26 -50.61 14.63
CA LEU A 421 -15.15 -49.64 14.55
C LEU A 421 -14.07 -50.08 13.56
N THR A 422 -13.75 -51.38 13.47
CA THR A 422 -12.62 -51.85 12.67
C THR A 422 -13.00 -52.32 11.27
N ALA A 423 -14.28 -52.55 10.98
CA ALA A 423 -14.60 -53.28 9.75
C ALA A 423 -14.09 -52.55 8.51
N GLU A 424 -14.19 -51.22 8.48
CA GLU A 424 -13.84 -50.46 7.28
C GLU A 424 -12.35 -50.22 7.16
N TYR A 425 -11.58 -50.59 8.16
CA TYR A 425 -10.14 -50.43 8.17
C TYR A 425 -9.37 -51.73 8.05
N LEU A 426 -9.76 -52.79 8.78
CA LEU A 426 -8.94 -53.97 9.00
C LEU A 426 -9.29 -55.09 8.01
N LEU A 427 -8.56 -55.14 6.89
CA LEU A 427 -8.74 -56.17 5.86
C LEU A 427 -8.33 -57.56 6.39
N GLU A 428 -9.02 -58.60 5.90
CA GLU A 428 -8.58 -59.93 6.34
C GLU A 428 -7.64 -60.62 5.35
N GLU A 429 -8.14 -61.61 4.62
CA GLU A 429 -7.33 -62.46 3.77
C GLU A 429 -7.54 -62.12 2.30
N PHE A 430 -6.51 -62.33 1.50
CA PHE A 430 -6.50 -62.02 0.08
C PHE A 430 -7.40 -62.98 -0.70
N ARG A 431 -8.24 -62.44 -1.56
CA ARG A 431 -9.19 -63.23 -2.33
C ARG A 431 -9.01 -62.90 -3.81
N PRO A 432 -7.90 -63.33 -4.42
CA PRO A 432 -7.69 -63.02 -5.84
C PRO A 432 -8.82 -63.49 -6.74
N ASP A 433 -9.65 -64.45 -6.32
CA ASP A 433 -10.73 -64.87 -7.20
C ASP A 433 -11.73 -63.74 -7.41
N LEU A 434 -12.09 -63.03 -6.32
CA LEU A 434 -12.96 -61.84 -6.38
C LEU A 434 -12.34 -60.73 -7.24
N ILE A 435 -11.05 -60.45 -7.05
CA ILE A 435 -10.36 -59.49 -7.90
C ILE A 435 -10.52 -59.87 -9.38
N GLU A 436 -10.24 -61.13 -9.74
CA GLU A 436 -10.39 -61.50 -11.16
C GLU A 436 -11.84 -61.44 -11.60
N MET A 437 -12.77 -61.60 -10.65
CA MET A 437 -14.18 -61.52 -10.99
C MET A 437 -14.58 -60.10 -11.39
N VAL A 438 -14.26 -59.13 -10.54
CA VAL A 438 -14.54 -57.73 -10.83
C VAL A 438 -13.85 -57.31 -12.12
N LEU A 439 -12.55 -57.61 -12.22
CA LEU A 439 -11.79 -57.27 -13.41
C LEU A 439 -12.50 -57.71 -14.68
N ASP A 440 -13.17 -58.85 -14.62
CA ASP A 440 -13.81 -59.43 -15.78
C ASP A 440 -14.97 -58.58 -16.27
N LYS A 441 -15.55 -57.78 -15.39
CA LYS A 441 -16.60 -56.86 -15.81
C LYS A 441 -16.05 -55.62 -16.53
N LEU A 442 -14.76 -55.33 -16.42
CA LEU A 442 -14.19 -54.09 -16.94
C LEU A 442 -13.70 -54.30 -18.37
N ARG A 443 -14.67 -54.41 -19.27
CA ARG A 443 -14.40 -54.74 -20.66
C ARG A 443 -15.23 -53.85 -21.58
N PRO A 444 -14.72 -53.58 -22.77
CA PRO A 444 -15.46 -52.72 -23.70
C PRO A 444 -16.94 -53.03 -23.85
N GLU A 445 -17.34 -54.29 -23.97
CA GLU A 445 -18.76 -54.57 -24.15
C GLU A 445 -19.61 -54.12 -22.98
N ASN A 446 -18.99 -53.80 -21.84
CA ASN A 446 -19.71 -53.42 -20.63
C ASN A 446 -19.56 -51.92 -20.26
N VAL A 447 -19.17 -51.03 -21.22
CA VAL A 447 -18.78 -49.67 -20.86
C VAL A 447 -19.86 -48.64 -21.23
N ARG A 448 -19.94 -47.61 -20.40
CA ARG A 448 -20.70 -46.41 -20.67
C ARG A 448 -19.76 -45.23 -20.61
N VAL A 449 -19.89 -44.29 -21.57
CA VAL A 449 -18.92 -43.22 -21.78
C VAL A 449 -19.64 -41.89 -21.90
N ALA A 450 -19.20 -40.91 -21.14
CA ALA A 450 -19.82 -39.59 -21.19
C ALA A 450 -18.73 -38.53 -21.33
N ILE A 451 -18.95 -37.59 -22.24
CA ILE A 451 -18.05 -36.46 -22.44
C ILE A 451 -18.79 -35.18 -22.11
N VAL A 452 -18.12 -34.29 -21.37
CA VAL A 452 -18.69 -33.01 -21.00
C VAL A 452 -17.81 -31.91 -21.57
N SER A 453 -18.38 -31.09 -22.47
CA SER A 453 -17.65 -29.99 -23.09
C SER A 453 -18.62 -28.97 -23.63
N LYS A 454 -18.21 -27.70 -23.57
CA LYS A 454 -19.07 -26.66 -24.12
C LYS A 454 -19.04 -26.71 -25.65
N SER A 455 -18.18 -27.56 -26.22
CA SER A 455 -18.11 -27.72 -27.68
C SER A 455 -19.35 -28.41 -28.25
N PHE A 456 -20.21 -28.99 -27.38
CA PHE A 456 -21.43 -29.61 -27.82
C PHE A 456 -22.61 -28.67 -27.83
N GLU A 457 -22.44 -27.46 -27.28
CA GLU A 457 -23.48 -26.45 -27.35
C GLU A 457 -24.01 -26.36 -28.78
N GLY A 458 -25.33 -26.53 -28.93
CA GLY A 458 -25.96 -26.43 -30.23
C GLY A 458 -25.95 -27.69 -31.06
N LYS A 459 -25.27 -28.73 -30.60
CA LYS A 459 -25.19 -30.01 -31.29
C LYS A 459 -25.91 -31.13 -30.54
N THR A 460 -26.79 -30.81 -29.59
CA THR A 460 -27.52 -31.79 -28.80
C THR A 460 -28.98 -31.91 -29.27
N ASP A 461 -29.64 -32.98 -28.80
CA ASP A 461 -31.02 -33.26 -29.19
C ASP A 461 -31.86 -33.82 -28.05
N ARG A 462 -31.33 -33.91 -26.83
CA ARG A 462 -32.10 -34.41 -25.70
C ARG A 462 -31.98 -33.45 -24.53
N THR A 463 -32.93 -33.56 -23.61
CA THR A 463 -33.09 -32.67 -22.46
C THR A 463 -33.49 -33.53 -21.29
N GLU A 464 -32.68 -33.54 -20.23
CA GLU A 464 -33.09 -34.19 -19.00
C GLU A 464 -34.17 -33.36 -18.30
N GLU A 465 -35.19 -34.06 -17.82
CA GLU A 465 -36.39 -33.46 -17.27
C GLU A 465 -36.11 -32.51 -16.10
N TRP A 466 -35.42 -33.02 -15.08
CA TRP A 466 -35.39 -32.41 -13.76
C TRP A 466 -34.50 -31.18 -13.65
N TYR A 467 -33.41 -31.15 -14.41
CA TYR A 467 -32.40 -30.12 -14.36
C TYR A 467 -32.29 -29.36 -15.67
N GLY A 468 -32.71 -29.96 -16.78
CA GLY A 468 -32.74 -29.29 -18.07
C GLY A 468 -31.53 -29.54 -18.92
N THR A 469 -30.51 -30.21 -18.35
CA THR A 469 -29.30 -30.67 -19.00
C THR A 469 -29.48 -31.02 -20.48
N GLN A 470 -28.65 -30.41 -21.33
CA GLN A 470 -28.68 -30.62 -22.78
C GLN A 470 -27.66 -31.69 -23.15
N TYR A 471 -28.10 -32.73 -23.88
CA TYR A 471 -27.19 -33.82 -24.21
C TYR A 471 -27.68 -34.56 -25.43
N LYS A 472 -26.84 -35.50 -25.86
CA LYS A 472 -27.03 -36.29 -27.06
C LYS A 472 -26.56 -37.68 -26.70
N GLN A 473 -27.28 -38.70 -27.16
CA GLN A 473 -26.90 -40.09 -26.91
C GLN A 473 -26.71 -40.82 -28.23
N GLU A 474 -25.57 -41.47 -28.37
CA GLU A 474 -25.28 -42.32 -29.53
C GLU A 474 -24.64 -43.61 -29.07
N ALA A 475 -24.77 -44.63 -29.90
CA ALA A 475 -24.08 -45.87 -29.65
C ALA A 475 -22.61 -45.73 -29.97
N ILE A 476 -21.78 -46.42 -29.22
CA ILE A 476 -20.37 -46.52 -29.61
C ILE A 476 -20.26 -47.49 -30.80
N PRO A 477 -19.61 -47.09 -31.88
CA PRO A 477 -19.49 -47.99 -33.04
C PRO A 477 -18.70 -49.24 -32.66
N ASP A 478 -19.25 -50.38 -33.05
CA ASP A 478 -18.55 -51.63 -32.76
C ASP A 478 -17.19 -51.76 -33.45
N GLU A 479 -16.88 -50.89 -34.41
CA GLU A 479 -15.49 -50.85 -34.87
C GLU A 479 -14.60 -50.34 -33.73
N VAL A 480 -15.15 -49.41 -32.92
CA VAL A 480 -14.40 -48.74 -31.84
C VAL A 480 -14.36 -49.65 -30.64
N ILE A 481 -15.48 -50.32 -30.36
CA ILE A 481 -15.47 -51.35 -29.32
C ILE A 481 -14.38 -52.37 -29.59
N LYS A 482 -14.27 -52.82 -30.84
CA LYS A 482 -13.34 -53.90 -31.12
C LYS A 482 -11.90 -53.43 -30.93
N LYS A 483 -11.58 -52.19 -31.37
CA LYS A 483 -10.22 -51.67 -31.19
C LYS A 483 -9.82 -51.69 -29.73
N TRP A 484 -10.78 -51.41 -28.83
CA TRP A 484 -10.55 -51.44 -27.39
C TRP A 484 -10.40 -52.87 -26.86
N GLN A 485 -11.22 -53.79 -27.37
CA GLN A 485 -11.07 -55.21 -27.10
C GLN A 485 -9.68 -55.74 -27.46
N ASN A 486 -9.09 -55.24 -28.55
CA ASN A 486 -7.80 -55.74 -29.01
C ASN A 486 -6.63 -54.93 -28.47
N ALA A 487 -6.78 -54.33 -27.30
CA ALA A 487 -5.80 -53.39 -26.79
C ALA A 487 -4.53 -54.12 -26.39
N ASP A 488 -3.46 -53.87 -27.15
CA ASP A 488 -2.17 -54.47 -26.88
C ASP A 488 -1.64 -54.02 -25.53
N LEU A 489 -0.60 -54.69 -25.03
CA LEU A 489 0.02 -54.17 -23.83
C LEU A 489 0.89 -52.97 -24.18
N ASN A 490 0.93 -52.02 -23.24
CA ASN A 490 1.69 -50.77 -23.38
C ASN A 490 2.83 -50.79 -22.38
N GLY A 491 4.06 -50.73 -22.91
CA GLY A 491 5.26 -50.76 -22.07
C GLY A 491 5.33 -49.65 -21.04
N LYS A 492 4.63 -48.55 -21.28
CA LYS A 492 4.67 -47.38 -20.40
C LYS A 492 3.99 -47.64 -19.06
N PHE A 493 3.19 -48.70 -18.95
CA PHE A 493 2.47 -49.03 -17.72
C PHE A 493 3.22 -50.06 -16.89
N LYS A 494 3.38 -49.77 -15.59
CA LYS A 494 4.04 -50.62 -14.60
C LYS A 494 3.29 -50.55 -13.27
N LEU A 495 3.18 -51.68 -12.58
CA LEU A 495 2.63 -51.65 -11.23
C LEU A 495 3.45 -50.74 -10.33
N PRO A 496 2.85 -50.21 -9.27
CA PRO A 496 3.60 -49.32 -8.38
C PRO A 496 4.70 -50.10 -7.68
N THR A 497 5.72 -49.39 -7.23
CA THR A 497 6.79 -50.00 -6.48
C THR A 497 6.45 -49.99 -5.00
N LYS A 498 7.28 -50.66 -4.21
CA LYS A 498 7.01 -50.76 -2.78
C LYS A 498 7.08 -49.36 -2.19
N ASN A 499 5.98 -48.90 -1.62
CA ASN A 499 5.89 -47.55 -1.06
C ASN A 499 6.99 -47.20 -0.08
N GLU A 500 7.93 -46.36 -0.51
CA GLU A 500 9.05 -46.08 0.38
C GLU A 500 8.75 -45.02 1.44
N PHE A 501 7.53 -44.49 1.50
CA PHE A 501 7.14 -43.53 2.53
C PHE A 501 6.38 -44.17 3.69
N ILE A 502 6.22 -45.49 3.72
CA ILE A 502 5.55 -46.16 4.83
C ILE A 502 6.23 -45.80 6.15
N PRO A 503 5.51 -45.26 7.14
CA PRO A 503 6.16 -44.90 8.40
C PRO A 503 6.49 -46.14 9.22
N THR A 504 7.60 -46.06 9.96
CA THR A 504 8.06 -47.15 10.81
C THR A 504 8.52 -46.71 12.19
N ASN A 505 8.69 -45.41 12.45
CA ASN A 505 9.07 -44.95 13.78
C ASN A 505 7.86 -44.22 14.36
N PHE A 506 7.11 -44.92 15.21
CA PHE A 506 5.98 -44.32 15.91
C PHE A 506 6.31 -43.98 17.36
N GLU A 507 7.59 -43.86 17.69
CA GLU A 507 7.93 -43.54 19.07
C GLU A 507 7.49 -42.10 19.38
N ILE A 508 6.72 -41.94 20.45
CA ILE A 508 6.36 -40.63 20.97
C ILE A 508 7.50 -40.07 21.83
N LEU A 509 8.15 -39.00 21.38
CA LEU A 509 9.21 -38.44 22.19
C LEU A 509 8.66 -38.01 23.56
N PRO A 510 9.47 -38.11 24.61
CA PRO A 510 8.99 -37.73 25.96
C PRO A 510 8.84 -36.23 26.08
N LEU A 511 7.81 -35.79 26.80
CA LEU A 511 7.72 -34.34 27.09
C LEU A 511 9.00 -33.70 27.59
N GLU A 512 9.59 -32.79 26.79
CA GLU A 512 10.74 -32.00 27.22
C GLU A 512 10.44 -31.29 28.54
N LYS A 513 11.49 -30.99 29.29
CA LYS A 513 11.23 -30.61 30.66
C LYS A 513 10.72 -29.18 30.76
N GLU A 514 10.97 -28.37 29.75
CA GLU A 514 10.42 -27.02 29.69
C GLU A 514 9.41 -26.87 28.56
N ALA A 515 8.67 -27.92 28.25
CA ALA A 515 7.63 -27.79 27.24
C ALA A 515 6.54 -26.86 27.77
N THR A 516 5.88 -26.16 26.84
CA THR A 516 4.91 -25.12 27.15
C THR A 516 3.50 -25.54 26.74
N PRO A 517 2.46 -25.01 27.41
CA PRO A 517 1.08 -25.39 27.05
C PRO A 517 0.56 -24.68 25.80
N TYR A 518 1.12 -23.54 25.45
CA TYR A 518 0.83 -22.82 24.22
C TYR A 518 2.11 -22.72 23.41
N PRO A 519 2.01 -22.36 22.13
CA PRO A 519 3.24 -22.29 21.32
C PRO A 519 4.15 -21.18 21.86
N ALA A 520 5.45 -21.40 21.73
CA ALA A 520 6.43 -20.45 22.26
C ALA A 520 7.27 -19.89 21.12
N LEU A 521 7.60 -18.61 21.22
CA LEU A 521 8.41 -17.96 20.21
C LEU A 521 9.87 -18.33 20.46
N ILE A 522 10.35 -19.38 19.78
CA ILE A 522 11.66 -19.95 20.07
C ILE A 522 12.73 -19.44 19.11
N LYS A 523 12.37 -18.58 18.16
CA LYS A 523 13.35 -17.96 17.27
C LYS A 523 12.70 -16.73 16.63
N ASP A 524 13.47 -15.64 16.52
CA ASP A 524 12.99 -14.31 16.16
C ASP A 524 14.13 -13.54 15.49
N THR A 525 14.40 -13.83 14.24
CA THR A 525 15.43 -13.13 13.49
C THR A 525 14.75 -12.20 12.50
N ALA A 526 15.55 -11.53 11.68
CA ALA A 526 14.97 -10.67 10.66
C ALA A 526 14.25 -11.49 9.60
N MET A 527 14.59 -12.78 9.51
CA MET A 527 14.05 -13.64 8.49
C MET A 527 12.97 -14.60 8.99
N SER A 528 12.97 -14.98 10.26
CA SER A 528 12.10 -16.05 10.72
C SER A 528 11.54 -15.71 12.09
N LYS A 529 10.24 -15.74 12.23
CA LYS A 529 9.58 -15.95 13.52
C LYS A 529 9.14 -17.42 13.56
N LEU A 530 9.61 -18.17 14.57
CA LEU A 530 9.35 -19.62 14.66
C LEU A 530 8.62 -19.91 15.95
N TRP A 531 7.36 -20.32 15.82
CA TRP A 531 6.52 -20.71 16.96
C TRP A 531 6.48 -22.23 17.11
N PHE A 532 6.70 -22.71 18.34
CA PHE A 532 6.89 -24.14 18.58
C PHE A 532 6.09 -24.59 19.78
N LYS A 533 5.41 -25.72 19.63
CA LYS A 533 4.86 -26.42 20.78
C LYS A 533 4.93 -27.92 20.56
N GLN A 534 5.52 -28.62 21.52
CA GLN A 534 5.46 -30.06 21.54
C GLN A 534 4.09 -30.52 22.05
N ASP A 535 3.51 -31.47 21.32
CA ASP A 535 2.17 -31.93 21.67
C ASP A 535 2.12 -32.48 23.08
N ASP A 536 1.16 -31.99 23.87
CA ASP A 536 0.95 -32.48 25.24
C ASP A 536 -0.45 -33.04 25.47
N LYS A 537 -1.24 -33.28 24.43
CA LYS A 537 -2.62 -33.72 24.59
C LYS A 537 -2.86 -35.08 23.96
N PHE A 538 -2.41 -35.29 22.72
CA PHE A 538 -2.90 -36.37 21.88
C PHE A 538 -1.93 -37.54 21.74
N PHE A 539 -0.64 -37.28 21.83
CA PHE A 539 0.37 -38.34 21.88
C PHE A 539 0.20 -39.37 20.78
N LEU A 540 -0.08 -38.87 19.52
CA LEU A 540 0.06 -39.68 18.32
C LEU A 540 1.35 -39.30 17.60
N PRO A 541 1.94 -40.18 16.77
CA PRO A 541 3.25 -39.94 16.13
C PRO A 541 3.14 -39.10 14.85
N LYS A 542 2.69 -37.86 15.03
CA LYS A 542 2.31 -36.96 13.96
C LYS A 542 2.78 -35.54 14.31
N ALA A 543 2.96 -34.72 13.26
CA ALA A 543 3.27 -33.31 13.47
C ALA A 543 2.71 -32.48 12.32
N ASN A 544 2.32 -31.26 12.64
CA ASN A 544 1.85 -30.29 11.66
C ASN A 544 2.88 -29.18 11.55
N LEU A 545 3.26 -28.84 10.31
CA LEU A 545 4.32 -27.87 10.04
C LEU A 545 3.77 -26.76 9.16
N ASN A 546 3.63 -25.54 9.72
CA ASN A 546 2.95 -24.42 9.05
C ASN A 546 3.91 -23.26 8.77
N PHE A 547 4.03 -22.87 7.50
CA PHE A 547 4.92 -21.78 7.07
C PHE A 547 4.17 -20.74 6.25
N GLU A 548 4.20 -19.46 6.71
CA GLU A 548 3.86 -18.30 5.86
C GLU A 548 5.13 -17.69 5.29
N PHE A 549 5.25 -17.71 3.98
CA PHE A 549 6.27 -16.95 3.26
C PHE A 549 5.65 -15.62 2.85
N PHE A 550 6.19 -14.53 3.42
CA PHE A 550 5.68 -13.19 3.20
C PHE A 550 6.55 -12.54 2.11
N SER A 551 5.92 -11.98 1.06
CA SER A 551 6.65 -11.17 0.04
C SER A 551 5.76 -10.07 -0.53
N PRO A 552 6.26 -8.84 -0.66
CA PRO A 552 5.43 -7.78 -1.25
C PRO A 552 5.15 -7.98 -2.71
N PHE A 553 5.84 -8.91 -3.38
CA PHE A 553 5.59 -9.16 -4.80
C PHE A 553 4.57 -10.25 -5.08
N ALA A 554 3.96 -10.81 -4.05
CA ALA A 554 2.93 -11.82 -4.26
C ALA A 554 1.62 -11.19 -4.70
N TYR A 555 1.41 -9.92 -4.37
CA TYR A 555 0.12 -9.29 -4.61
C TYR A 555 0.25 -7.84 -5.07
N VAL A 556 1.42 -7.39 -5.48
CA VAL A 556 1.60 -5.97 -5.78
C VAL A 556 0.64 -5.51 -6.89
N ASP A 557 0.35 -6.38 -7.86
CA ASP A 557 -0.57 -6.02 -8.92
C ASP A 557 -1.18 -7.29 -9.50
N PRO A 558 -2.27 -7.17 -10.28
CA PRO A 558 -2.89 -8.39 -10.83
C PRO A 558 -1.93 -9.32 -11.54
N LEU A 559 -0.98 -8.80 -12.31
CA LEU A 559 -0.06 -9.67 -13.02
C LEU A 559 0.80 -10.46 -12.03
N HIS A 560 1.20 -9.84 -10.94
CA HIS A 560 2.04 -10.56 -10.01
C HIS A 560 1.25 -11.61 -9.25
N SER A 561 0.00 -11.31 -8.93
CA SER A 561 -0.82 -12.32 -8.27
C SER A 561 -1.04 -13.51 -9.19
N ASN A 562 -1.35 -13.26 -10.46
CA ASN A 562 -1.46 -14.39 -11.40
C ASN A 562 -0.18 -15.23 -11.43
N MET A 563 0.97 -14.62 -11.23
CA MET A 563 2.19 -15.40 -11.38
C MET A 563 2.46 -16.21 -10.13
N ALA A 564 2.12 -15.66 -8.97
CA ALA A 564 2.24 -16.42 -7.74
C ALA A 564 1.32 -17.65 -7.75
N TYR A 565 0.10 -17.50 -8.27
CA TYR A 565 -0.78 -18.66 -8.43
C TYR A 565 -0.15 -19.72 -9.34
N LEU A 566 0.22 -19.33 -10.55
CA LEU A 566 0.71 -20.30 -11.53
C LEU A 566 1.97 -20.99 -11.05
N TYR A 567 2.85 -20.23 -10.39
CA TYR A 567 4.04 -20.81 -9.80
C TYR A 567 3.68 -21.99 -8.88
N LEU A 568 2.80 -21.76 -7.92
CA LEU A 568 2.46 -22.82 -6.96
C LEU A 568 1.72 -23.98 -7.62
N GLU A 569 0.75 -23.70 -8.51
CA GLU A 569 0.10 -24.76 -9.28
C GLU A 569 1.11 -25.59 -10.07
N LEU A 570 1.97 -24.93 -10.83
CA LEU A 570 2.99 -25.64 -11.59
C LEU A 570 3.90 -26.46 -10.71
N LEU A 571 4.12 -25.99 -9.49
CA LEU A 571 5.05 -26.67 -8.60
C LEU A 571 4.39 -27.90 -8.02
N LYS A 572 3.17 -27.74 -7.50
CA LYS A 572 2.35 -28.88 -7.11
C LYS A 572 2.23 -29.89 -8.25
N ASP A 573 1.93 -29.41 -9.46
CA ASP A 573 1.81 -30.31 -10.60
C ASP A 573 3.07 -31.14 -10.75
N SER A 574 4.23 -30.49 -10.64
CA SER A 574 5.50 -31.17 -10.84
C SER A 574 5.79 -32.19 -9.73
N LEU A 575 5.51 -31.84 -8.46
CA LEU A 575 5.69 -32.72 -7.30
C LEU A 575 4.70 -33.88 -7.21
N ASN A 576 3.62 -33.87 -7.99
CA ASN A 576 2.49 -34.75 -7.69
C ASN A 576 2.86 -36.23 -7.70
N GLU A 577 3.52 -36.74 -8.76
CA GLU A 577 3.85 -38.17 -8.77
C GLU A 577 4.72 -38.56 -7.59
N TYR A 578 5.74 -37.76 -7.31
CA TYR A 578 6.61 -38.09 -6.19
C TYR A 578 5.84 -38.11 -4.87
N ALA A 579 4.93 -37.14 -4.68
CA ALA A 579 4.29 -36.94 -3.39
C ALA A 579 3.10 -37.86 -3.17
N TYR A 580 2.66 -38.59 -4.20
CA TYR A 580 1.54 -39.51 -4.06
C TYR A 580 1.82 -40.62 -3.04
N ALA A 581 2.94 -41.33 -3.20
CA ALA A 581 3.37 -42.31 -2.20
C ALA A 581 3.22 -41.77 -0.79
N ALA A 582 3.80 -40.61 -0.49
CA ALA A 582 3.69 -40.06 0.86
C ALA A 582 2.23 -39.92 1.25
N GLU A 583 1.39 -39.44 0.32
CA GLU A 583 0.00 -39.17 0.64
C GLU A 583 -0.72 -40.47 1.01
N LEU A 584 -0.40 -41.54 0.28
CA LEU A 584 -0.83 -42.89 0.59
C LEU A 584 -0.33 -43.33 1.95
N ALA A 585 0.85 -42.87 2.36
CA ALA A 585 1.44 -43.24 3.65
C ALA A 585 1.10 -42.27 4.80
N GLY A 586 0.13 -41.38 4.66
CA GLY A 586 -0.27 -40.53 5.78
C GLY A 586 0.52 -39.24 5.92
N LEU A 587 1.23 -38.83 4.89
CA LEU A 587 2.05 -37.64 4.85
C LEU A 587 1.57 -36.78 3.67
N SER A 588 1.01 -35.61 3.97
CA SER A 588 0.44 -34.76 2.92
C SER A 588 0.84 -33.32 3.15
N TYR A 589 0.75 -32.53 2.08
CA TYR A 589 1.05 -31.12 2.17
C TYR A 589 0.07 -30.35 1.30
N ASP A 590 -0.11 -29.08 1.65
CA ASP A 590 -0.82 -28.15 0.80
C ASP A 590 0.02 -26.89 0.65
N LEU A 591 -0.05 -26.30 -0.53
CA LEU A 591 0.81 -25.19 -0.94
C LEU A 591 -0.04 -24.21 -1.74
N GLN A 592 -0.27 -23.01 -1.19
CA GLN A 592 -1.31 -22.08 -1.63
C GLN A 592 -0.75 -20.65 -1.71
N ASN A 593 -1.05 -19.92 -2.79
CA ASN A 593 -0.73 -18.48 -2.77
C ASN A 593 -1.76 -17.69 -1.97
N THR A 594 -1.26 -16.64 -1.31
CA THR A 594 -2.05 -15.78 -0.46
C THR A 594 -1.84 -14.33 -0.88
N ILE A 595 -2.61 -13.43 -0.28
CA ILE A 595 -2.42 -12.01 -0.56
C ILE A 595 -1.15 -11.43 0.06
N TYR A 596 -0.42 -12.19 0.87
CA TYR A 596 0.82 -11.70 1.44
C TYR A 596 2.02 -12.52 1.01
N GLY A 597 1.79 -13.63 0.31
CA GLY A 597 2.88 -14.48 -0.12
C GLY A 597 2.43 -15.90 -0.37
N MET A 598 2.93 -16.85 0.42
CA MET A 598 2.67 -18.27 0.18
C MET A 598 2.48 -18.99 1.49
N TYR A 599 1.59 -19.97 1.48
CA TYR A 599 1.34 -20.83 2.62
C TYR A 599 1.72 -22.26 2.26
N LEU A 600 2.48 -22.89 3.15
CA LEU A 600 2.89 -24.27 2.97
C LEU A 600 2.56 -25.00 4.25
N SER A 601 1.87 -26.11 4.12
CA SER A 601 1.52 -26.92 5.28
C SER A 601 1.93 -28.35 4.98
N VAL A 602 2.61 -28.97 5.94
CA VAL A 602 2.88 -30.39 5.87
C VAL A 602 2.32 -31.02 7.14
N LYS A 603 1.43 -32.00 6.98
CA LYS A 603 0.74 -32.66 8.07
C LYS A 603 0.98 -34.16 7.96
N GLY A 604 1.04 -34.86 9.11
CA GLY A 604 0.98 -36.32 9.09
C GLY A 604 2.03 -36.99 9.97
N TYR A 605 2.34 -38.25 9.65
CA TYR A 605 3.29 -39.00 10.48
C TYR A 605 4.64 -38.31 10.48
N ASN A 606 5.17 -38.05 11.67
CA ASN A 606 6.41 -37.30 11.78
C ASN A 606 7.61 -38.04 11.22
N ASP A 607 7.52 -39.37 11.05
CA ASP A 607 8.68 -40.15 10.64
C ASP A 607 9.40 -39.55 9.45
N LYS A 608 8.80 -39.57 8.25
CA LYS A 608 9.53 -39.15 7.06
C LYS A 608 9.21 -37.73 6.62
N GLN A 609 8.58 -36.94 7.50
CA GLN A 609 8.31 -35.52 7.24
C GLN A 609 9.52 -34.76 6.75
N PRO A 610 10.68 -34.84 7.38
CA PRO A 610 11.82 -34.06 6.88
C PRO A 610 12.15 -34.36 5.43
N ILE A 611 11.96 -35.61 4.99
CA ILE A 611 12.28 -35.95 3.63
C ILE A 611 11.40 -35.19 2.66
N LEU A 612 10.08 -35.15 2.94
CA LEU A 612 9.15 -34.45 2.06
C LEU A 612 9.36 -32.94 2.10
N LEU A 613 9.45 -32.37 3.30
CA LEU A 613 9.59 -30.93 3.42
C LEU A 613 10.79 -30.43 2.63
N LYS A 614 11.92 -31.16 2.71
CA LYS A 614 13.12 -30.74 1.99
C LYS A 614 12.92 -30.85 0.48
N LYS A 615 12.23 -31.88 0.03
CA LYS A 615 11.95 -31.95 -1.40
C LYS A 615 11.11 -30.75 -1.86
N ILE A 616 10.13 -30.33 -1.06
CA ILE A 616 9.29 -29.19 -1.45
C ILE A 616 10.10 -27.92 -1.47
N ILE A 617 10.80 -27.61 -0.37
CA ILE A 617 11.56 -26.37 -0.31
C ILE A 617 12.61 -26.33 -1.40
N GLU A 618 13.19 -27.48 -1.75
CA GLU A 618 14.20 -27.47 -2.80
C GLU A 618 13.57 -27.32 -4.17
N LYS A 619 12.39 -27.89 -4.39
CA LYS A 619 11.80 -27.69 -5.71
C LYS A 619 11.39 -26.24 -5.86
N MET A 620 10.86 -25.63 -4.79
CA MET A 620 10.56 -24.21 -4.81
C MET A 620 11.74 -23.39 -5.30
N ALA A 621 12.89 -23.55 -4.62
CA ALA A 621 14.03 -22.68 -4.79
C ALA A 621 14.82 -22.93 -6.07
N THR A 622 14.48 -23.99 -6.84
CA THR A 622 15.22 -24.36 -8.05
C THR A 622 14.28 -24.77 -9.20
N PHE A 623 13.09 -24.16 -9.29
CA PHE A 623 12.03 -24.74 -10.10
C PHE A 623 12.28 -24.52 -11.59
N GLU A 624 12.17 -25.56 -12.39
CA GLU A 624 12.28 -25.43 -13.84
C GLU A 624 10.94 -25.76 -14.47
N ILE A 625 10.38 -24.79 -15.13
CA ILE A 625 9.02 -24.89 -15.65
C ILE A 625 9.05 -25.67 -16.96
N ASP A 626 8.15 -26.65 -17.08
CA ASP A 626 7.91 -27.33 -18.35
C ASP A 626 6.96 -26.48 -19.19
N GLU A 627 7.43 -26.00 -20.35
CA GLU A 627 6.57 -25.14 -21.16
C GLU A 627 5.19 -25.74 -21.38
N LYS A 628 5.10 -27.07 -21.48
CA LYS A 628 3.83 -27.67 -21.89
C LYS A 628 2.84 -27.70 -20.71
N ARG A 629 3.32 -28.00 -19.51
CA ARG A 629 2.52 -27.82 -18.30
C ARG A 629 2.05 -26.38 -18.16
N PHE A 630 2.96 -25.41 -18.34
CA PHE A 630 2.62 -23.99 -18.18
C PHE A 630 1.50 -23.57 -19.12
N GLU A 631 1.55 -24.02 -20.38
CA GLU A 631 0.41 -23.73 -21.23
C GLU A 631 -0.87 -24.32 -20.66
N ILE A 632 -0.80 -25.58 -20.20
CA ILE A 632 -2.03 -26.30 -19.86
C ILE A 632 -2.59 -25.76 -18.55
N ILE A 633 -1.72 -25.45 -17.60
CA ILE A 633 -2.21 -24.93 -16.33
C ILE A 633 -2.70 -23.49 -16.46
N LYS A 634 -2.02 -22.67 -17.27
CA LYS A 634 -2.52 -21.32 -17.60
C LYS A 634 -3.93 -21.39 -18.16
N GLU A 635 -4.18 -22.28 -19.12
CA GLU A 635 -5.50 -22.33 -19.73
C GLU A 635 -6.56 -22.73 -18.70
N ALA A 636 -6.24 -23.72 -17.87
CA ALA A 636 -7.13 -24.12 -16.78
C ALA A 636 -7.46 -22.96 -15.87
N TYR A 637 -6.45 -22.13 -15.57
CA TYR A 637 -6.63 -21.00 -14.69
C TYR A 637 -7.52 -19.95 -15.33
N MET A 638 -7.28 -19.64 -16.61
CA MET A 638 -8.18 -18.76 -17.33
C MET A 638 -9.62 -19.24 -17.13
N ARG A 639 -9.82 -20.55 -17.28
CA ARG A 639 -11.18 -21.07 -17.19
C ARG A 639 -11.75 -20.91 -15.80
N SER A 640 -10.95 -21.15 -14.75
CA SER A 640 -11.58 -21.09 -13.43
C SER A 640 -11.94 -19.66 -13.09
N LEU A 641 -11.22 -18.69 -13.68
CA LEU A 641 -11.55 -17.31 -13.39
C LEU A 641 -12.88 -16.95 -14.01
N ASN A 642 -13.10 -17.39 -15.26
CA ASN A 642 -14.40 -17.19 -15.90
C ASN A 642 -15.49 -17.95 -15.18
N ASN A 643 -15.17 -19.18 -14.74
CA ASN A 643 -16.20 -20.04 -14.17
C ASN A 643 -16.78 -19.48 -12.89
N PHE A 644 -16.10 -18.50 -12.29
CA PHE A 644 -16.68 -17.84 -11.14
C PHE A 644 -18.05 -17.26 -11.47
N ARG A 645 -18.30 -16.95 -12.74
CA ARG A 645 -19.62 -16.46 -13.13
C ARG A 645 -20.75 -17.43 -12.74
N ALA A 646 -20.48 -18.74 -12.61
CA ALA A 646 -21.54 -19.69 -12.31
C ALA A 646 -21.58 -20.13 -10.85
N GLU A 647 -20.89 -19.43 -9.95
CA GLU A 647 -21.05 -19.69 -8.53
C GLU A 647 -22.39 -19.17 -8.07
N GLN A 648 -22.74 -19.48 -6.81
CA GLN A 648 -24.07 -19.08 -6.41
C GLN A 648 -24.17 -17.63 -5.94
N PRO A 649 -25.37 -17.06 -6.04
CA PRO A 649 -25.54 -15.65 -5.65
C PRO A 649 -24.99 -15.33 -4.28
N HIS A 650 -25.22 -16.14 -3.26
CA HIS A 650 -24.67 -15.75 -1.96
C HIS A 650 -23.15 -15.82 -1.98
N GLN A 651 -22.58 -16.63 -2.84
CA GLN A 651 -21.13 -16.70 -2.93
C GLN A 651 -20.58 -15.41 -3.58
N HIS A 652 -21.21 -14.96 -4.66
CA HIS A 652 -20.96 -13.62 -5.19
C HIS A 652 -21.14 -12.53 -4.13
N ALA A 653 -22.22 -12.58 -3.36
CA ALA A 653 -22.43 -11.56 -2.34
C ALA A 653 -21.21 -11.44 -1.44
N MET A 654 -20.75 -12.56 -0.87
CA MET A 654 -19.65 -12.54 0.08
C MET A 654 -18.35 -12.05 -0.58
N TYR A 655 -18.20 -12.31 -1.88
CA TYR A 655 -16.97 -11.97 -2.57
C TYR A 655 -16.92 -10.47 -2.85
N TYR A 656 -18.01 -9.90 -3.37
CA TYR A 656 -18.05 -8.45 -3.52
C TYR A 656 -17.81 -7.74 -2.20
N LEU A 657 -18.51 -8.15 -1.13
CA LEU A 657 -18.29 -7.50 0.14
C LEU A 657 -16.81 -7.45 0.48
N ARG A 658 -16.08 -8.51 0.12
CA ARG A 658 -14.66 -8.61 0.41
C ARG A 658 -13.84 -7.74 -0.52
N LEU A 659 -14.42 -7.41 -1.67
CA LEU A 659 -13.73 -6.59 -2.66
C LEU A 659 -14.09 -5.11 -2.45
N LEU A 660 -14.75 -4.82 -1.33
CA LEU A 660 -15.16 -3.47 -1.01
C LEU A 660 -14.74 -3.06 0.40
N MET A 661 -14.45 -4.02 1.28
CA MET A 661 -14.06 -3.64 2.60
C MET A 661 -12.58 -3.81 2.86
N THR A 662 -11.83 -4.34 1.90
CA THR A 662 -10.39 -4.49 2.05
C THR A 662 -9.68 -3.38 1.28
N GLU A 663 -8.60 -2.89 1.89
CA GLU A 663 -7.76 -1.87 1.27
C GLU A 663 -7.39 -2.21 -0.18
N VAL A 664 -6.90 -3.41 -0.41
CA VAL A 664 -6.41 -3.81 -1.72
C VAL A 664 -7.04 -5.14 -2.05
N ALA A 665 -7.49 -5.27 -3.29
CA ALA A 665 -8.14 -6.50 -3.69
C ALA A 665 -8.38 -6.52 -5.19
N TRP A 666 -7.70 -7.40 -5.91
CA TRP A 666 -7.90 -7.52 -7.35
C TRP A 666 -9.11 -8.40 -7.65
N THR A 667 -9.93 -7.94 -8.57
CA THR A 667 -11.09 -8.63 -9.06
C THR A 667 -10.73 -9.76 -10.03
N LYS A 668 -11.71 -10.62 -10.30
CA LYS A 668 -11.49 -11.68 -11.26
C LYS A 668 -11.26 -11.10 -12.66
N ASP A 669 -11.99 -10.03 -13.02
CA ASP A 669 -11.78 -9.50 -14.37
C ASP A 669 -10.40 -8.88 -14.52
N GLU A 670 -9.90 -8.25 -13.43
CA GLU A 670 -8.54 -7.70 -13.48
C GLU A 670 -7.51 -8.81 -13.64
N LEU A 671 -7.60 -9.85 -12.81
CA LEU A 671 -6.75 -11.03 -12.97
C LEU A 671 -6.91 -11.66 -14.35
N LYS A 672 -8.12 -11.69 -14.86
CA LYS A 672 -8.35 -12.33 -16.14
C LYS A 672 -7.70 -11.55 -17.28
N GLU A 673 -7.76 -10.22 -17.26
CA GLU A 673 -7.19 -9.44 -18.35
C GLU A 673 -5.67 -9.60 -18.38
N ALA A 674 -5.10 -9.41 -17.21
CA ALA A 674 -3.67 -9.50 -16.93
C ALA A 674 -3.10 -10.88 -17.19
N LEU A 675 -3.95 -11.90 -17.37
CA LEU A 675 -3.41 -13.23 -17.60
C LEU A 675 -2.78 -13.35 -18.99
N ASP A 676 -3.32 -12.67 -20.00
CA ASP A 676 -2.73 -12.79 -21.32
C ASP A 676 -1.31 -12.25 -21.36
N ASP A 677 -0.95 -11.42 -20.39
CA ASP A 677 0.38 -10.85 -20.32
C ASP A 677 1.37 -11.71 -19.55
N VAL A 678 0.97 -12.89 -19.09
CA VAL A 678 1.91 -13.80 -18.42
C VAL A 678 2.52 -14.67 -19.49
N THR A 679 3.83 -14.56 -19.65
CA THR A 679 4.57 -15.40 -20.58
C THR A 679 5.50 -16.30 -19.79
N LEU A 680 5.88 -17.39 -20.44
CA LEU A 680 6.88 -18.24 -19.79
C LEU A 680 8.10 -17.44 -19.36
N PRO A 681 8.71 -16.60 -20.21
CA PRO A 681 9.87 -15.81 -19.75
C PRO A 681 9.52 -14.90 -18.60
N ARG A 682 8.36 -14.23 -18.67
CA ARG A 682 7.95 -13.37 -17.59
C ARG A 682 7.85 -14.14 -16.28
N LEU A 683 7.33 -15.38 -16.33
CA LEU A 683 7.18 -16.18 -15.13
C LEU A 683 8.54 -16.65 -14.59
N LYS A 684 9.50 -16.97 -15.48
CA LYS A 684 10.84 -17.33 -15.02
C LYS A 684 11.49 -16.17 -14.29
N ALA A 685 11.33 -14.95 -14.82
CA ALA A 685 11.88 -13.80 -14.10
C ALA A 685 11.15 -13.55 -12.78
N PHE A 686 9.85 -13.83 -12.74
CA PHE A 686 9.06 -13.57 -11.55
C PHE A 686 9.58 -14.35 -10.36
N ILE A 687 9.77 -15.67 -10.51
CA ILE A 687 10.02 -16.52 -9.34
C ILE A 687 11.25 -16.06 -8.57
N PRO A 688 12.41 -15.87 -9.20
CA PRO A 688 13.60 -15.57 -8.41
C PRO A 688 13.43 -14.28 -7.68
N GLN A 689 12.69 -13.34 -8.29
CA GLN A 689 12.39 -12.07 -7.67
C GLN A 689 11.58 -12.39 -6.42
N LEU A 690 10.40 -12.98 -6.60
CA LEU A 690 9.58 -13.37 -5.47
C LEU A 690 10.42 -13.89 -4.32
N LEU A 691 11.25 -14.90 -4.61
CA LEU A 691 12.06 -15.56 -3.60
C LEU A 691 13.21 -14.71 -3.07
N SER A 692 13.58 -13.64 -3.77
CA SER A 692 14.78 -12.87 -3.43
C SER A 692 14.72 -12.25 -2.03
N ARG A 693 13.53 -11.84 -1.61
CA ARG A 693 13.33 -11.25 -0.30
C ARG A 693 12.19 -12.01 0.34
N LEU A 694 12.26 -12.25 1.64
CA LEU A 694 11.20 -13.00 2.28
C LEU A 694 11.27 -12.83 3.78
N HIS A 695 10.12 -13.07 4.40
CA HIS A 695 10.02 -13.27 5.84
C HIS A 695 9.19 -14.52 6.09
N ILE A 696 9.71 -15.42 6.92
CA ILE A 696 9.07 -16.70 7.23
C ILE A 696 8.50 -16.67 8.64
N GLU A 697 7.19 -16.82 8.77
CA GLU A 697 6.58 -17.11 10.06
C GLU A 697 6.02 -18.53 10.04
N ALA A 698 6.29 -19.31 11.10
CA ALA A 698 6.00 -20.73 11.13
C ALA A 698 5.48 -21.20 12.49
N LEU A 699 4.64 -22.23 12.43
CA LEU A 699 4.17 -22.97 13.59
C LEU A 699 4.54 -24.43 13.39
N LEU A 700 5.39 -24.95 14.25
CA LEU A 700 5.71 -26.37 14.26
C LEU A 700 5.13 -26.96 15.55
N HIS A 701 4.38 -28.06 15.41
CA HIS A 701 3.51 -28.53 16.50
C HIS A 701 3.27 -30.02 16.34
N GLY A 702 3.72 -30.79 17.31
CA GLY A 702 3.36 -32.18 17.40
C GLY A 702 4.45 -32.98 18.10
N ASN A 703 4.68 -34.17 17.56
CA ASN A 703 5.68 -35.08 18.09
C ASN A 703 7.09 -34.65 17.66
N ILE A 704 7.57 -33.55 18.24
CA ILE A 704 8.90 -33.05 17.91
C ILE A 704 9.50 -32.27 19.09
N THR A 705 10.83 -32.30 19.18
CA THR A 705 11.55 -31.54 20.20
C THR A 705 11.90 -30.13 19.72
N LYS A 706 12.07 -29.23 20.69
CA LYS A 706 12.56 -27.87 20.40
C LYS A 706 13.81 -27.89 19.52
N GLN A 707 14.73 -28.80 19.78
CA GLN A 707 15.90 -28.80 18.91
C GLN A 707 15.52 -29.27 17.50
N ALA A 708 14.52 -30.15 17.39
CA ALA A 708 14.15 -30.65 16.08
C ALA A 708 13.49 -29.55 15.27
N ALA A 709 12.67 -28.74 15.96
CA ALA A 709 12.03 -27.59 15.34
C ALA A 709 13.06 -26.62 14.81
N LEU A 710 13.98 -26.17 15.67
CA LEU A 710 15.00 -25.26 15.21
C LEU A 710 15.72 -25.82 13.98
N GLY A 711 15.85 -27.14 13.90
CA GLY A 711 16.55 -27.73 12.78
C GLY A 711 15.74 -27.74 11.50
N ILE A 712 14.41 -27.85 11.61
CA ILE A 712 13.53 -27.76 10.44
C ILE A 712 13.52 -26.34 9.90
N MET A 713 13.27 -25.37 10.78
CA MET A 713 13.34 -23.97 10.40
C MET A 713 14.68 -23.63 9.77
N GLN A 714 15.79 -24.10 10.37
CA GLN A 714 17.10 -23.85 9.79
C GLN A 714 17.25 -24.51 8.42
N MET A 715 16.74 -25.72 8.26
CA MET A 715 16.80 -26.36 6.95
C MET A 715 16.07 -25.54 5.90
N VAL A 716 14.89 -25.00 6.25
CA VAL A 716 14.15 -24.22 5.29
C VAL A 716 14.92 -22.96 4.90
N GLU A 717 15.39 -22.19 5.90
CA GLU A 717 16.20 -20.99 5.65
C GLU A 717 17.41 -21.32 4.78
N ASP A 718 18.16 -22.37 5.13
CA ASP A 718 19.39 -22.66 4.41
C ASP A 718 19.13 -23.01 2.96
N THR A 719 18.07 -23.79 2.67
CA THR A 719 17.74 -24.17 1.29
C THR A 719 17.39 -22.95 0.46
N LEU A 720 16.59 -22.05 1.04
CA LEU A 720 16.29 -20.79 0.36
C LEU A 720 17.57 -19.98 0.14
N ILE A 721 18.37 -19.79 1.20
CA ILE A 721 19.55 -18.95 1.13
C ILE A 721 20.57 -19.49 0.11
N GLU A 722 20.67 -20.81 -0.04
CA GLU A 722 21.64 -21.39 -0.96
C GLU A 722 21.20 -21.29 -2.42
N HIS A 723 19.95 -21.66 -2.71
CA HIS A 723 19.50 -21.77 -4.10
C HIS A 723 18.80 -20.51 -4.62
N ALA A 724 18.30 -19.65 -3.74
CA ALA A 724 17.54 -18.49 -4.16
C ALA A 724 18.04 -17.19 -3.55
N HIS A 725 19.12 -17.22 -2.78
CA HIS A 725 19.80 -16.01 -2.33
C HIS A 725 18.86 -15.10 -1.53
N THR A 726 17.93 -15.75 -0.84
CA THR A 726 16.93 -15.06 -0.04
C THR A 726 17.57 -14.24 1.06
N LYS A 727 17.07 -13.03 1.24
CA LYS A 727 17.50 -12.11 2.29
C LYS A 727 16.27 -11.59 3.01
N PRO A 728 16.41 -11.14 4.26
CA PRO A 728 15.22 -10.77 5.05
C PRO A 728 14.53 -9.54 4.50
N LEU A 729 13.28 -9.36 4.89
CA LEU A 729 12.58 -8.12 4.61
C LEU A 729 12.78 -7.16 5.77
N LEU A 730 12.47 -5.89 5.54
CA LEU A 730 12.51 -4.92 6.63
C LEU A 730 11.25 -5.00 7.48
N PRO A 731 11.36 -4.74 8.77
CA PRO A 731 10.14 -4.69 9.58
C PRO A 731 9.07 -3.80 8.98
N SER A 732 9.47 -2.64 8.46
CA SER A 732 8.48 -1.70 7.95
C SER A 732 7.78 -2.17 6.69
N GLN A 733 8.27 -3.24 6.02
CA GLN A 733 7.61 -3.83 4.84
C GLN A 733 6.54 -4.85 5.19
N LEU A 734 6.49 -5.29 6.44
CA LEU A 734 5.56 -6.34 6.87
C LEU A 734 4.22 -5.71 7.21
N VAL A 735 3.60 -5.10 6.19
CA VAL A 735 2.34 -4.39 6.35
C VAL A 735 1.18 -5.30 5.98
N ARG A 736 0.09 -5.15 6.73
CA ARG A 736 -1.14 -5.90 6.49
C ARG A 736 -2.21 -4.92 6.02
N TYR A 737 -3.19 -5.42 5.28
CA TYR A 737 -4.26 -4.56 4.77
C TYR A 737 -5.28 -4.19 5.86
N ARG A 738 -5.76 -2.95 5.78
CA ARG A 738 -6.78 -2.44 6.69
C ARG A 738 -8.16 -2.56 6.07
N GLU A 739 -9.17 -2.60 6.93
CA GLU A 739 -10.56 -2.52 6.49
C GLU A 739 -11.10 -1.10 6.47
N VAL A 740 -11.91 -0.83 5.44
CA VAL A 740 -12.59 0.45 5.24
C VAL A 740 -13.40 0.78 6.48
N GLN A 741 -13.29 2.02 6.94
CA GLN A 741 -13.99 2.50 8.14
C GLN A 741 -15.26 3.23 7.73
N LEU A 742 -16.40 2.69 8.12
CA LEU A 742 -17.58 3.33 7.56
C LEU A 742 -18.08 4.44 8.48
N PRO A 743 -18.77 5.41 7.89
CA PRO A 743 -19.24 6.58 8.64
C PRO A 743 -20.43 6.29 9.54
N ASP A 744 -20.40 6.86 10.74
CA ASP A 744 -21.56 6.86 11.62
C ASP A 744 -22.84 7.19 10.87
N ARG A 745 -23.85 6.33 10.97
CA ARG A 745 -25.15 6.45 10.31
C ARG A 745 -25.08 6.20 8.81
N GLY A 746 -24.05 5.49 8.35
CA GLY A 746 -23.90 5.25 6.92
C GLY A 746 -24.73 4.07 6.46
N TRP A 747 -25.17 4.14 5.20
CA TRP A 747 -25.76 2.98 4.52
C TRP A 747 -25.31 2.97 3.06
N PHE A 748 -24.52 1.96 2.68
CA PHE A 748 -24.05 1.81 1.30
C PHE A 748 -24.56 0.52 0.71
N VAL A 749 -24.79 0.53 -0.59
CA VAL A 749 -25.36 -0.61 -1.28
C VAL A 749 -24.59 -0.80 -2.57
N TYR A 750 -24.18 -2.05 -2.85
CA TYR A 750 -23.48 -2.38 -4.07
C TYR A 750 -24.27 -3.47 -4.76
N GLN A 751 -24.54 -3.29 -6.05
CA GLN A 751 -25.48 -4.11 -6.81
C GLN A 751 -24.74 -4.70 -8.01
N GLN A 752 -24.92 -6.01 -8.19
CA GLN A 752 -24.35 -6.76 -9.30
C GLN A 752 -25.39 -7.79 -9.72
N ARG A 753 -25.20 -8.41 -10.89
CA ARG A 753 -26.13 -9.42 -11.39
C ARG A 753 -25.40 -10.75 -11.55
N ASN A 754 -26.02 -11.84 -11.10
CA ASN A 754 -25.57 -13.20 -11.42
C ASN A 754 -26.24 -13.65 -12.72
N GLU A 755 -25.44 -13.91 -13.75
CA GLU A 755 -25.98 -14.22 -15.07
C GLU A 755 -26.46 -15.67 -15.22
N VAL A 756 -26.29 -16.54 -14.21
CA VAL A 756 -26.48 -17.99 -14.36
C VAL A 756 -27.65 -18.52 -13.51
N HIS A 757 -27.67 -18.23 -12.22
CA HIS A 757 -28.72 -18.69 -11.33
C HIS A 757 -29.93 -17.76 -11.37
N ASN A 758 -31.14 -18.33 -11.32
CA ASN A 758 -32.31 -17.47 -11.19
C ASN A 758 -32.70 -17.25 -9.73
N ASN A 759 -31.74 -17.21 -8.83
CA ASN A 759 -31.96 -16.70 -7.49
C ASN A 759 -31.06 -15.50 -7.25
N SER A 760 -31.39 -14.75 -6.23
CA SER A 760 -30.60 -13.61 -5.82
C SER A 760 -29.93 -13.90 -4.49
N GLY A 761 -28.93 -13.07 -4.19
CA GLY A 761 -28.23 -13.15 -2.92
C GLY A 761 -28.05 -11.78 -2.32
N ILE A 762 -27.82 -11.78 -1.02
CA ILE A 762 -27.56 -10.56 -0.26
C ILE A 762 -26.64 -10.91 0.89
N GLU A 763 -25.60 -10.10 1.10
CA GLU A 763 -24.95 -10.03 2.41
C GLU A 763 -25.20 -8.64 2.96
N ILE A 764 -25.49 -8.58 4.27
CA ILE A 764 -25.76 -7.35 5.02
C ILE A 764 -24.76 -7.31 6.16
N TYR A 765 -23.84 -6.33 6.14
CA TYR A 765 -22.77 -6.24 7.12
C TYR A 765 -23.00 -4.99 7.95
N TYR A 766 -23.20 -5.17 9.26
CA TYR A 766 -23.25 -4.10 10.26
C TYR A 766 -21.86 -4.05 10.92
N GLN A 767 -21.00 -3.16 10.46
CA GLN A 767 -19.67 -3.06 11.03
C GLN A 767 -19.76 -2.44 12.43
N THR A 768 -19.29 -3.15 13.47
CA THR A 768 -19.28 -2.58 14.82
C THR A 768 -17.96 -1.82 15.10
N ASP A 769 -16.88 -2.51 15.41
CA ASP A 769 -15.67 -1.84 15.85
C ASP A 769 -14.51 -2.81 15.72
N MET A 770 -13.36 -2.37 16.19
CA MET A 770 -12.18 -3.20 16.11
C MET A 770 -12.32 -4.32 17.13
N GLN A 771 -11.70 -5.45 16.84
CA GLN A 771 -11.67 -6.54 17.79
C GLN A 771 -10.96 -6.11 19.06
N SER A 772 -11.47 -6.59 20.19
CA SER A 772 -11.21 -6.17 21.55
C SER A 772 -11.91 -7.20 22.42
N THR A 773 -11.42 -7.42 23.63
CA THR A 773 -12.12 -8.36 24.49
C THR A 773 -13.60 -7.99 24.65
N SER A 774 -13.92 -6.71 24.94
CA SER A 774 -15.32 -6.32 25.13
C SER A 774 -16.12 -6.38 23.83
N GLU A 775 -15.59 -5.80 22.75
CA GLU A 775 -16.39 -5.78 21.52
C GLU A 775 -16.59 -7.18 20.96
N ASN A 776 -15.62 -8.08 21.16
CA ASN A 776 -15.73 -9.47 20.70
C ASN A 776 -16.89 -10.20 21.37
N MET A 777 -17.04 -10.02 22.69
CA MET A 777 -18.04 -10.76 23.43
C MET A 777 -19.40 -10.09 23.41
N PHE A 778 -19.46 -8.76 23.20
CA PHE A 778 -20.74 -8.14 22.86
C PHE A 778 -21.27 -8.78 21.58
N LEU A 779 -20.42 -8.85 20.55
CA LEU A 779 -20.87 -9.31 19.25
C LEU A 779 -21.22 -10.78 19.27
N GLU A 780 -20.40 -11.59 19.93
CA GLU A 780 -20.65 -13.02 19.91
C GLU A 780 -21.91 -13.37 20.69
N LEU A 781 -22.11 -12.73 21.84
CA LEU A 781 -23.29 -12.99 22.64
C LEU A 781 -24.56 -12.57 21.90
N PHE A 782 -24.52 -11.41 21.23
CA PHE A 782 -25.68 -11.01 20.45
C PHE A 782 -25.97 -12.02 19.35
N ALA A 783 -24.93 -12.43 18.62
CA ALA A 783 -25.12 -13.45 17.59
C ALA A 783 -25.78 -14.72 18.17
N GLN A 784 -25.30 -15.15 19.34
CA GLN A 784 -25.84 -16.32 20.00
C GLN A 784 -27.32 -16.15 20.30
N ILE A 785 -27.70 -15.00 20.85
CA ILE A 785 -29.07 -14.72 21.20
C ILE A 785 -30.00 -14.74 19.98
N ILE A 786 -29.52 -14.34 18.81
CA ILE A 786 -30.39 -14.18 17.66
C ILE A 786 -30.25 -15.33 16.68
N SER A 787 -29.21 -16.14 16.85
CA SER A 787 -28.93 -17.26 15.96
C SER A 787 -30.22 -17.98 15.59
N GLU A 788 -30.86 -18.60 16.59
CA GLU A 788 -32.03 -19.43 16.32
C GLU A 788 -33.21 -18.58 15.91
N PRO A 789 -33.58 -17.53 16.64
CA PRO A 789 -34.69 -16.67 16.20
C PRO A 789 -34.56 -16.17 14.76
N ALA A 790 -33.33 -15.92 14.30
CA ALA A 790 -33.14 -15.44 12.94
C ALA A 790 -33.40 -16.53 11.91
N PHE A 791 -32.88 -17.75 12.17
CA PHE A 791 -33.11 -18.90 11.30
C PHE A 791 -34.59 -19.27 11.30
N ASN A 792 -35.19 -19.29 12.49
CA ASN A 792 -36.60 -19.58 12.62
C ASN A 792 -37.48 -18.55 11.90
N THR A 793 -37.19 -17.26 12.09
CA THR A 793 -37.99 -16.22 11.43
C THR A 793 -37.79 -16.20 9.91
N LEU A 794 -36.52 -16.14 9.46
CA LEU A 794 -36.29 -15.83 8.05
C LEU A 794 -36.37 -17.05 7.16
N ARG A 795 -36.11 -18.22 7.75
CA ARG A 795 -36.14 -19.49 7.03
C ARG A 795 -37.38 -20.35 7.34
N THR A 796 -37.49 -20.86 8.56
CA THR A 796 -38.64 -21.71 8.92
C THR A 796 -39.98 -21.02 8.63
N LYS A 797 -40.20 -19.80 9.19
CA LYS A 797 -41.51 -19.10 9.13
C LYS A 797 -41.75 -18.33 7.83
N GLU A 798 -40.88 -17.38 7.46
CA GLU A 798 -41.15 -16.63 6.21
C GLU A 798 -40.66 -17.32 4.95
N GLN A 799 -39.89 -18.41 5.05
CA GLN A 799 -39.41 -19.17 3.89
C GLN A 799 -38.86 -18.27 2.79
N LEU A 800 -37.84 -17.46 3.16
CA LEU A 800 -37.20 -16.58 2.20
C LEU A 800 -36.30 -17.39 1.27
N GLY A 801 -35.52 -18.30 1.83
CA GLY A 801 -34.83 -19.27 1.01
C GLY A 801 -34.25 -20.37 1.86
N TYR A 802 -33.56 -21.28 1.18
CA TYR A 802 -33.00 -22.41 1.89
C TYR A 802 -31.74 -22.00 2.64
N ILE A 803 -30.94 -21.11 2.07
CA ILE A 803 -29.71 -20.64 2.70
C ILE A 803 -30.02 -19.37 3.47
N VAL A 804 -29.92 -19.44 4.78
CA VAL A 804 -30.18 -18.28 5.63
C VAL A 804 -29.21 -18.36 6.79
N PHE A 805 -28.31 -17.37 6.90
CA PHE A 805 -27.23 -17.41 7.86
C PHE A 805 -27.16 -16.11 8.62
N SER A 806 -26.85 -16.16 9.92
CA SER A 806 -26.51 -14.96 10.68
C SER A 806 -25.33 -15.28 11.58
N GLY A 807 -24.38 -14.35 11.70
CA GLY A 807 -23.34 -14.45 12.70
C GLY A 807 -22.30 -13.36 12.66
N PRO A 808 -21.19 -13.56 13.35
CA PRO A 808 -20.10 -12.58 13.28
C PRO A 808 -19.38 -12.64 11.94
N ARG A 809 -18.84 -11.50 11.54
CA ARG A 809 -17.88 -11.39 10.46
C ARG A 809 -16.61 -10.80 11.04
N ARG A 810 -15.49 -11.45 10.80
CA ARG A 810 -14.18 -10.97 11.22
C ARG A 810 -13.29 -10.81 9.99
N ALA A 811 -12.69 -9.63 9.84
CA ALA A 811 -11.76 -9.39 8.74
C ALA A 811 -10.81 -8.25 9.12
N ASN A 812 -9.51 -8.50 8.94
CA ASN A 812 -8.49 -7.46 9.05
C ASN A 812 -8.54 -6.73 10.41
N GLY A 813 -8.90 -7.46 11.48
CA GLY A 813 -9.00 -6.92 12.83
C GLY A 813 -10.29 -6.20 13.16
N ILE A 814 -11.14 -5.95 12.18
CA ILE A 814 -12.41 -5.33 12.40
C ILE A 814 -13.46 -6.45 12.41
N GLN A 815 -14.67 -6.13 12.87
CA GLN A 815 -15.73 -7.12 12.98
C GLN A 815 -17.08 -6.43 12.90
N GLY A 816 -18.08 -7.22 12.54
CA GLY A 816 -19.43 -6.81 12.76
C GLY A 816 -20.35 -8.01 12.76
N LEU A 817 -21.64 -7.72 12.56
CA LEU A 817 -22.69 -8.72 12.43
C LEU A 817 -23.13 -8.82 10.98
N ARG A 818 -23.29 -10.04 10.49
CA ARG A 818 -23.69 -10.26 9.09
C ARG A 818 -24.82 -11.26 8.89
N PHE A 819 -25.68 -10.93 7.93
CA PHE A 819 -26.82 -11.74 7.51
C PHE A 819 -26.60 -12.12 6.05
N ILE A 820 -26.72 -13.41 5.72
CA ILE A 820 -26.60 -13.87 4.34
C ILE A 820 -27.84 -14.67 4.00
N ILE A 821 -28.34 -14.48 2.77
CA ILE A 821 -29.58 -15.11 2.33
C ILE A 821 -29.54 -15.28 0.81
N GLN A 822 -29.90 -16.46 0.34
CA GLN A 822 -30.15 -16.68 -1.08
C GLN A 822 -31.64 -16.99 -1.24
N SER A 823 -32.33 -16.25 -2.13
CA SER A 823 -33.79 -16.32 -2.20
C SER A 823 -34.28 -16.07 -3.62
N GLU A 824 -35.58 -16.35 -3.87
CA GLU A 824 -36.19 -15.94 -5.13
C GLU A 824 -36.63 -14.48 -5.07
N LYS A 825 -36.94 -14.01 -3.87
CA LYS A 825 -37.38 -12.65 -3.66
C LYS A 825 -36.21 -11.72 -3.97
N PRO A 826 -36.50 -10.45 -4.29
CA PRO A 826 -35.43 -9.51 -4.66
C PRO A 826 -34.68 -9.02 -3.43
N PRO A 827 -33.45 -8.54 -3.61
CA PRO A 827 -32.65 -8.25 -2.41
C PRO A 827 -33.19 -7.09 -1.60
N HIS A 828 -33.83 -6.10 -2.23
CA HIS A 828 -34.40 -5.03 -1.40
C HIS A 828 -35.47 -5.61 -0.45
N TYR A 829 -36.31 -6.54 -0.96
CA TYR A 829 -37.28 -7.20 -0.09
C TYR A 829 -36.57 -7.93 1.05
N LEU A 830 -35.50 -8.65 0.73
CA LEU A 830 -34.78 -9.34 1.80
C LEU A 830 -34.27 -8.36 2.85
N GLU A 831 -33.78 -7.20 2.39
CA GLU A 831 -33.30 -6.17 3.29
C GLU A 831 -34.34 -5.71 4.33
N SER A 832 -35.60 -5.55 3.91
CA SER A 832 -36.62 -5.09 4.85
C SER A 832 -37.00 -6.21 5.83
N ARG A 833 -37.07 -7.45 5.35
CA ARG A 833 -37.37 -8.55 6.25
C ARG A 833 -36.30 -8.74 7.31
N VAL A 834 -35.03 -8.47 6.96
CA VAL A 834 -33.97 -8.54 7.96
C VAL A 834 -34.10 -7.39 8.93
N GLU A 835 -34.48 -6.22 8.43
CA GLU A 835 -34.68 -5.06 9.30
C GLU A 835 -35.87 -5.29 10.22
N ALA A 836 -36.93 -5.92 9.70
CA ALA A 836 -38.07 -6.27 10.54
C ALA A 836 -37.65 -7.22 11.66
N PHE A 837 -36.88 -8.26 11.30
CA PHE A 837 -36.41 -9.19 12.32
C PHE A 837 -35.66 -8.45 13.42
N LEU A 838 -34.89 -7.42 13.05
CA LEU A 838 -34.04 -6.80 14.05
C LEU A 838 -34.86 -6.08 15.10
N ILE A 839 -35.96 -5.46 14.66
CA ILE A 839 -36.91 -4.80 15.56
C ILE A 839 -37.48 -5.81 16.55
N THR A 840 -38.14 -6.86 16.01
CA THR A 840 -38.74 -7.86 16.89
C THR A 840 -37.72 -8.48 17.85
N MET A 841 -36.46 -8.62 17.45
CA MET A 841 -35.45 -9.05 18.42
C MET A 841 -35.31 -8.07 19.56
N GLU A 842 -35.46 -6.78 19.28
CA GLU A 842 -35.41 -5.82 20.38
C GLU A 842 -36.51 -6.10 21.41
N LYS A 843 -37.74 -6.45 20.99
CA LYS A 843 -38.72 -6.76 22.05
C LYS A 843 -38.27 -8.02 22.77
N SER A 844 -37.94 -9.07 21.99
CA SER A 844 -37.54 -10.34 22.57
C SER A 844 -36.56 -10.13 23.69
N ILE A 845 -35.62 -9.20 23.51
CA ILE A 845 -34.57 -9.09 24.51
C ILE A 845 -35.04 -8.33 25.75
N GLU A 846 -35.93 -7.33 25.60
CA GLU A 846 -36.57 -6.74 26.77
C GLU A 846 -37.30 -7.80 27.58
N ASP A 847 -38.10 -8.60 26.88
CA ASP A 847 -38.92 -9.59 27.53
C ASP A 847 -38.11 -10.75 28.12
N MET A 848 -36.89 -10.96 27.65
CA MET A 848 -36.19 -12.18 28.01
C MET A 848 -35.89 -12.20 29.50
N THR A 849 -36.19 -13.33 30.13
CA THR A 849 -35.98 -13.46 31.55
C THR A 849 -34.49 -13.53 31.86
N GLU A 850 -34.14 -13.31 33.11
CA GLU A 850 -32.72 -13.31 33.41
C GLU A 850 -32.16 -14.72 33.34
N GLU A 851 -33.01 -15.73 33.47
CA GLU A 851 -32.49 -17.08 33.32
C GLU A 851 -32.22 -17.42 31.86
N ALA A 852 -33.15 -17.05 30.97
CA ALA A 852 -32.92 -17.31 29.55
C ALA A 852 -31.64 -16.63 29.13
N PHE A 853 -31.46 -15.37 29.53
CA PHE A 853 -30.21 -14.69 29.25
C PHE A 853 -29.03 -15.55 29.69
N GLN A 854 -29.06 -16.07 30.91
CA GLN A 854 -27.90 -16.80 31.41
C GLN A 854 -27.69 -18.13 30.69
N LYS A 855 -28.75 -18.74 30.14
CA LYS A 855 -28.57 -19.93 29.31
C LYS A 855 -27.75 -19.62 28.07
N HIS A 856 -28.11 -18.52 27.37
CA HIS A 856 -27.33 -18.00 26.25
C HIS A 856 -25.87 -17.73 26.64
N ILE A 857 -25.62 -17.20 27.84
CA ILE A 857 -24.24 -17.00 28.26
C ILE A 857 -23.52 -18.35 28.40
N GLN A 858 -24.17 -19.32 29.05
CA GLN A 858 -23.51 -20.60 29.24
C GLN A 858 -23.33 -21.34 27.91
N ALA A 859 -24.27 -21.15 26.97
CA ALA A 859 -24.16 -21.81 25.68
C ALA A 859 -22.94 -21.32 24.93
N LEU A 860 -22.77 -20.01 24.88
CA LEU A 860 -21.59 -19.47 24.21
C LEU A 860 -20.31 -19.88 24.95
N ALA A 861 -20.34 -19.89 26.28
CA ALA A 861 -19.19 -20.36 27.05
C ALA A 861 -18.78 -21.77 26.65
N ILE A 862 -19.75 -22.69 26.60
CA ILE A 862 -19.41 -24.07 26.26
C ILE A 862 -18.75 -24.13 24.90
N ARG A 863 -19.36 -23.44 23.93
CA ARG A 863 -18.86 -23.48 22.56
C ARG A 863 -17.43 -22.97 22.49
N ARG A 864 -17.20 -21.78 23.04
CA ARG A 864 -15.88 -21.17 22.96
C ARG A 864 -14.84 -22.01 23.68
N LEU A 865 -15.21 -22.59 24.83
CA LEU A 865 -14.27 -23.38 25.63
C LEU A 865 -14.15 -24.83 25.17
N ASP A 866 -15.00 -25.26 24.22
CA ASP A 866 -14.88 -26.60 23.63
C ASP A 866 -13.45 -26.84 23.18
N LYS A 867 -12.74 -27.78 23.83
CA LYS A 867 -11.34 -27.95 23.48
C LYS A 867 -11.18 -28.90 22.29
N PRO A 868 -10.06 -28.82 21.57
CA PRO A 868 -9.97 -29.54 20.31
C PRO A 868 -9.57 -31.00 20.56
N LYS A 869 -9.94 -31.85 19.60
CA LYS A 869 -9.84 -33.29 19.81
C LYS A 869 -8.71 -33.95 19.04
N LYS A 870 -8.22 -33.36 17.95
CA LYS A 870 -7.07 -33.86 17.21
C LYS A 870 -6.02 -32.76 17.03
N LEU A 871 -4.79 -33.18 16.70
CA LEU A 871 -3.69 -32.22 16.55
C LEU A 871 -4.03 -31.11 15.56
N SER A 872 -4.48 -31.48 14.35
CA SER A 872 -4.80 -30.52 13.29
C SER A 872 -5.66 -29.38 13.81
N ALA A 873 -6.58 -29.66 14.74
CA ALA A 873 -7.57 -28.66 15.11
C ALA A 873 -7.04 -27.70 16.17
N GLU A 874 -6.12 -28.21 16.99
CA GLU A 874 -5.44 -27.39 17.97
C GLU A 874 -4.45 -26.52 17.18
N SER A 875 -3.80 -27.12 16.18
CA SER A 875 -2.86 -26.39 15.33
C SER A 875 -3.55 -25.21 14.69
N ALA A 876 -4.72 -25.45 14.09
CA ALA A 876 -5.48 -24.38 13.46
C ALA A 876 -5.85 -23.26 14.45
N LYS A 877 -6.25 -23.60 15.67
CA LYS A 877 -6.62 -22.53 16.60
C LYS A 877 -5.43 -21.58 16.78
N TYR A 878 -4.24 -22.16 16.98
CA TYR A 878 -3.02 -21.36 17.11
C TYR A 878 -2.68 -20.64 15.80
N TRP A 879 -2.77 -21.33 14.66
CA TRP A 879 -2.42 -20.68 13.41
C TRP A 879 -3.27 -19.44 13.18
N GLY A 880 -4.53 -19.48 13.63
CA GLY A 880 -5.37 -18.30 13.48
C GLY A 880 -4.87 -17.11 14.27
N GLU A 881 -4.33 -17.36 15.47
CA GLU A 881 -3.69 -16.29 16.22
C GLU A 881 -2.44 -15.79 15.50
N ILE A 882 -1.74 -16.69 14.83
CA ILE A 882 -0.46 -16.29 14.28
C ILE A 882 -0.63 -15.51 12.97
N ILE A 883 -1.46 -15.98 12.05
CA ILE A 883 -1.62 -15.22 10.81
C ILE A 883 -2.41 -13.94 11.03
N SER A 884 -3.18 -13.86 12.12
CA SER A 884 -3.90 -12.65 12.45
C SER A 884 -3.05 -11.66 13.25
N GLN A 885 -1.85 -12.06 13.62
CA GLN A 885 -0.89 -11.18 14.27
C GLN A 885 -1.40 -10.69 15.62
N GLN A 886 -2.27 -11.46 16.28
CA GLN A 886 -2.76 -11.11 17.61
C GLN A 886 -2.15 -11.97 18.69
N TYR A 887 -1.83 -13.22 18.37
CA TYR A 887 -1.00 -14.06 19.22
C TYR A 887 -1.58 -14.22 20.62
N ASN A 888 -2.92 -14.21 20.73
CA ASN A 888 -3.62 -14.35 22.01
C ASN A 888 -4.02 -15.82 22.23
N PHE A 889 -3.04 -16.63 22.62
CA PHE A 889 -3.22 -18.08 22.69
C PHE A 889 -4.09 -18.50 23.85
N ASP A 890 -4.15 -17.69 24.91
CA ASP A 890 -5.06 -17.90 26.04
C ASP A 890 -6.36 -17.10 25.85
N ARG A 891 -6.75 -16.87 24.59
CA ARG A 891 -7.90 -15.99 24.33
C ARG A 891 -9.19 -16.55 24.92
N ASP A 892 -9.45 -17.86 24.78
CA ASP A 892 -10.76 -18.38 25.15
C ASP A 892 -11.06 -18.19 26.65
N ASN A 893 -10.08 -18.42 27.52
CA ASN A 893 -10.37 -18.32 28.96
C ASN A 893 -10.67 -16.88 29.36
N THR A 894 -9.81 -15.95 28.96
CA THR A 894 -10.02 -14.55 29.33
C THR A 894 -11.30 -14.00 28.72
N GLU A 895 -11.66 -14.42 27.49
CA GLU A 895 -12.87 -13.90 26.86
C GLU A 895 -14.13 -14.51 27.46
N VAL A 896 -14.06 -15.79 27.84
CA VAL A 896 -15.23 -16.42 28.44
C VAL A 896 -15.45 -15.85 29.84
N ALA A 897 -14.36 -15.65 30.60
CA ALA A 897 -14.47 -14.97 31.90
C ALA A 897 -15.21 -13.65 31.75
N TYR A 898 -14.73 -12.77 30.85
CA TYR A 898 -15.42 -11.51 30.63
C TYR A 898 -16.88 -11.74 30.24
N LEU A 899 -17.13 -12.68 29.33
CA LEU A 899 -18.50 -12.94 28.88
C LEU A 899 -19.46 -13.18 30.04
N LYS A 900 -18.99 -13.86 31.09
CA LYS A 900 -19.87 -14.21 32.21
C LYS A 900 -20.32 -12.97 33.00
N THR A 901 -19.49 -11.93 33.01
CA THR A 901 -19.83 -10.66 33.62
C THR A 901 -20.83 -9.84 32.81
N LEU A 902 -21.12 -10.19 31.58
CA LEU A 902 -22.05 -9.35 30.83
C LEU A 902 -23.45 -9.50 31.38
N THR A 903 -24.20 -8.41 31.26
CA THR A 903 -25.59 -8.34 31.67
C THR A 903 -26.49 -8.09 30.47
N LYS A 904 -27.79 -8.37 30.67
CA LYS A 904 -28.71 -8.14 29.58
C LYS A 904 -28.70 -6.66 29.21
N GLU A 905 -28.44 -5.79 30.20
CA GLU A 905 -28.45 -4.36 29.94
C GLU A 905 -27.29 -3.95 29.06
N ASP A 906 -26.08 -4.44 29.36
CA ASP A 906 -24.93 -4.24 28.48
C ASP A 906 -25.27 -4.61 27.02
N ILE A 907 -25.97 -5.74 26.82
CA ILE A 907 -26.30 -6.14 25.45
C ILE A 907 -27.34 -5.20 24.85
N ILE A 908 -28.34 -4.78 25.63
CA ILE A 908 -29.35 -3.90 25.05
C ILE A 908 -28.71 -2.60 24.60
N LYS A 909 -27.80 -2.02 25.42
CA LYS A 909 -27.22 -0.73 25.05
C LYS A 909 -26.24 -0.90 23.91
N PHE A 910 -25.46 -2.00 23.90
CA PHE A 910 -24.64 -2.31 22.73
C PHE A 910 -25.48 -2.38 21.46
N TYR A 911 -26.66 -3.01 21.54
CA TYR A 911 -27.53 -3.07 20.38
C TYR A 911 -27.98 -1.67 19.97
N LYS A 912 -28.42 -0.86 20.95
CA LYS A 912 -29.03 0.43 20.62
C LYS A 912 -28.01 1.41 20.09
N GLU A 913 -26.74 1.26 20.51
CA GLU A 913 -25.68 2.14 20.04
C GLU A 913 -25.14 1.74 18.68
N MET A 914 -24.94 0.43 18.44
CA MET A 914 -24.27 -0.03 17.23
C MET A 914 -25.16 -0.65 16.16
N LEU A 915 -26.34 -1.18 16.48
CA LEU A 915 -27.04 -2.03 15.49
C LEU A 915 -28.43 -1.57 15.13
N ALA A 916 -29.18 -1.03 16.10
CA ALA A 916 -30.54 -0.53 15.88
C ALA A 916 -30.61 0.39 14.66
N VAL A 917 -31.79 0.47 14.06
CA VAL A 917 -31.96 1.30 12.85
C VAL A 917 -31.68 2.78 13.12
N ASP A 918 -31.90 3.24 14.36
CA ASP A 918 -31.65 4.62 14.76
C ASP A 918 -30.37 4.77 15.55
N ALA A 919 -29.47 3.80 15.48
CA ALA A 919 -28.27 3.83 16.30
C ALA A 919 -27.38 5.01 15.88
N PRO A 920 -26.79 5.72 16.84
CA PRO A 920 -25.85 6.78 16.46
C PRO A 920 -24.61 6.26 15.72
N ARG A 921 -24.19 5.02 15.97
CA ARG A 921 -22.96 4.48 15.39
C ARG A 921 -23.21 3.30 14.45
N ARG A 922 -24.36 3.26 13.79
CA ARG A 922 -24.63 2.19 12.86
C ARG A 922 -23.76 2.36 11.61
N HIS A 923 -23.26 1.25 11.07
CA HIS A 923 -22.42 1.30 9.86
C HIS A 923 -22.83 0.11 9.01
N LYS A 924 -23.57 0.35 7.93
CA LYS A 924 -24.25 -0.74 7.26
C LYS A 924 -23.88 -0.73 5.79
N VAL A 925 -23.40 -1.89 5.29
CA VAL A 925 -23.05 -2.07 3.87
C VAL A 925 -23.84 -3.29 3.39
N SER A 926 -24.38 -3.22 2.17
CA SER A 926 -25.19 -4.30 1.63
C SER A 926 -24.73 -4.61 0.22
N VAL A 927 -24.53 -5.90 -0.05
CA VAL A 927 -24.24 -6.36 -1.40
C VAL A 927 -25.48 -7.09 -1.90
N HIS A 928 -26.02 -6.62 -3.02
CA HIS A 928 -27.22 -7.15 -3.64
C HIS A 928 -26.83 -7.85 -4.92
N VAL A 929 -27.03 -9.16 -4.98
CA VAL A 929 -26.75 -9.88 -6.20
C VAL A 929 -28.08 -10.29 -6.79
N LEU A 930 -28.42 -9.69 -7.93
CA LEU A 930 -29.68 -9.94 -8.60
C LEU A 930 -29.67 -11.25 -9.34
N ALA A 931 -30.82 -11.94 -9.37
CA ALA A 931 -30.98 -13.11 -10.21
C ALA A 931 -30.86 -12.74 -11.68
N ARG A 932 -30.54 -13.76 -12.48
CA ARG A 932 -30.40 -13.66 -13.94
C ARG A 932 -31.41 -12.70 -14.59
N GLU A 933 -32.71 -12.89 -14.32
CA GLU A 933 -33.75 -12.15 -15.04
C GLU A 933 -34.46 -11.09 -14.21
N MET A 934 -33.95 -10.78 -13.02
CA MET A 934 -34.58 -9.88 -12.07
C MET A 934 -34.35 -8.43 -12.52
N ASP A 935 -35.08 -7.48 -11.91
CA ASP A 935 -34.98 -6.07 -12.31
C ASP A 935 -34.53 -5.15 -11.18
N SER A 936 -33.83 -4.08 -11.58
CA SER A 936 -33.19 -3.13 -10.67
C SER A 936 -34.19 -2.13 -10.07
N ASN A 950 -50.74 -11.17 9.66
CA ASN A 950 -49.92 -10.53 8.63
C ASN A 950 -48.39 -10.78 8.90
N LEU A 951 -47.53 -9.92 8.34
CA LEU A 951 -46.10 -9.93 8.63
C LEU A 951 -45.78 -8.82 9.63
N SER A 952 -44.68 -8.99 10.38
CA SER A 952 -44.13 -7.89 11.16
C SER A 952 -43.70 -6.78 10.20
N GLN A 953 -43.85 -5.54 10.62
CA GLN A 953 -43.60 -4.43 9.70
C GLN A 953 -42.12 -4.07 9.68
N ALA A 954 -41.63 -3.74 8.46
CA ALA A 954 -40.25 -3.27 8.33
C ALA A 954 -40.15 -1.77 8.68
N PRO A 955 -39.09 -1.36 9.36
CA PRO A 955 -38.88 0.07 9.60
C PRO A 955 -38.67 0.84 8.30
N ALA A 956 -38.64 2.15 8.41
CA ALA A 956 -38.38 3.00 7.27
C ALA A 956 -36.86 3.21 7.16
N LEU A 957 -36.35 3.17 5.92
CA LEU A 957 -34.90 3.20 5.73
C LEU A 957 -34.48 4.47 4.95
N PRO A 958 -33.33 5.05 5.27
CA PRO A 958 -32.74 6.16 4.48
C PRO A 958 -32.55 5.76 3.02
N GLN A 959 -32.15 6.72 2.19
CA GLN A 959 -31.87 6.46 0.79
C GLN A 959 -30.40 6.07 0.66
N PRO A 960 -30.12 4.75 0.68
CA PRO A 960 -28.78 4.15 0.59
C PRO A 960 -27.86 4.82 -0.43
N GLU A 961 -26.63 5.07 -0.03
CA GLU A 961 -25.63 5.64 -0.93
C GLU A 961 -25.27 4.49 -1.83
N VAL A 962 -25.37 4.68 -3.14
CA VAL A 962 -25.11 3.58 -4.07
C VAL A 962 -23.66 3.66 -4.55
N ILE A 963 -22.95 2.56 -4.39
CA ILE A 963 -21.56 2.46 -4.82
C ILE A 963 -21.55 2.06 -6.29
N GLN A 964 -20.88 2.87 -7.10
CA GLN A 964 -20.72 2.69 -8.53
C GLN A 964 -19.30 2.28 -8.89
N ASN A 965 -18.38 2.36 -7.94
CA ASN A 965 -16.96 2.31 -8.19
C ASN A 965 -16.29 1.97 -6.88
N MET A 966 -15.54 0.88 -6.82
CA MET A 966 -14.98 0.52 -5.52
C MET A 966 -13.79 1.40 -5.20
N THR A 967 -13.03 1.78 -6.22
CA THR A 967 -11.89 2.64 -5.99
C THR A 967 -12.30 3.96 -5.37
N GLU A 968 -13.31 4.63 -5.94
CA GLU A 968 -13.77 5.88 -5.36
C GLU A 968 -14.32 5.66 -3.98
N PHE A 969 -15.17 4.66 -3.83
CA PHE A 969 -15.74 4.36 -2.53
C PHE A 969 -14.66 4.33 -1.47
N LYS A 970 -13.58 3.59 -1.74
CA LYS A 970 -12.47 3.45 -0.80
C LYS A 970 -11.77 4.76 -0.44
N ARG A 971 -11.26 5.47 -1.44
CA ARG A 971 -10.55 6.73 -1.23
C ARG A 971 -11.32 7.68 -0.31
N GLY A 972 -12.63 7.78 -0.53
CA GLY A 972 -13.48 8.65 0.26
C GLY A 972 -13.74 8.29 1.72
N LEU A 973 -13.25 7.16 2.22
CA LEU A 973 -13.43 6.80 3.62
C LEU A 973 -12.11 6.62 4.34
N PRO A 974 -12.12 6.77 5.65
CA PRO A 974 -10.96 6.41 6.46
C PRO A 974 -10.65 4.92 6.34
N LEU A 975 -9.50 4.53 6.86
CA LEU A 975 -9.17 3.13 7.07
C LEU A 975 -8.93 2.90 8.54
N PHE A 976 -9.38 1.75 9.06
CA PHE A 976 -9.19 1.43 10.48
C PHE A 976 -7.72 1.27 10.80
N PRO A 977 -7.39 1.25 12.05
CA PRO A 977 -6.06 0.76 12.45
C PRO A 977 -5.94 -0.74 12.28
N LEU A 978 -4.84 -1.31 12.78
CA LEU A 978 -4.70 -2.74 13.01
C LEU A 978 -4.70 -3.00 14.50
N VAL A 979 -4.88 -4.26 14.86
CA VAL A 979 -4.91 -4.63 16.26
C VAL A 979 -3.48 -4.75 16.76
N LYS A 980 -3.22 -4.25 17.98
CA LYS A 980 -1.93 -4.49 18.65
C LYS A 980 -1.77 -5.97 19.03
N PRO A 981 -0.58 -6.54 18.83
CA PRO A 981 -0.27 -7.88 19.34
C PRO A 981 -0.37 -7.97 20.86
N HIS A 982 -0.37 -9.21 21.35
CA HIS A 982 -0.50 -9.53 22.76
C HIS A 982 0.86 -9.77 23.42
N ILE A 983 1.69 -10.64 22.84
CA ILE A 983 2.94 -11.07 23.49
C ILE A 983 3.70 -12.04 22.55
N GLY B 10 11.26 77.88 -23.94
CA GLY B 10 11.34 78.32 -22.56
C GLY B 10 11.86 77.32 -21.52
N ILE B 11 12.86 77.72 -20.72
CA ILE B 11 13.65 76.86 -19.82
C ILE B 11 12.84 76.34 -18.63
N PRO B 12 13.17 75.17 -18.07
CA PRO B 12 12.31 74.49 -17.07
C PRO B 12 12.47 75.14 -15.69
N MET B 13 11.59 74.77 -14.78
CA MET B 13 11.64 75.27 -13.42
C MET B 13 12.35 74.15 -12.68
N ASN B 14 13.41 74.48 -11.95
CA ASN B 14 14.13 73.38 -11.30
C ASN B 14 13.59 73.17 -9.89
N ASN B 15 13.20 71.93 -9.59
CA ASN B 15 13.04 71.54 -8.21
C ASN B 15 14.43 71.49 -7.59
N PRO B 16 14.61 72.10 -6.43
CA PRO B 16 15.94 72.10 -5.79
C PRO B 16 16.28 70.82 -5.06
N ALA B 17 15.28 70.04 -4.62
CA ALA B 17 15.59 68.75 -4.01
C ALA B 17 16.06 67.72 -5.04
N ILE B 18 16.03 68.06 -6.33
CA ILE B 18 16.40 67.16 -7.42
C ILE B 18 17.58 67.73 -8.19
N LYS B 19 18.73 67.07 -8.10
CA LYS B 19 19.91 67.44 -8.89
C LYS B 19 19.70 67.19 -10.37
N ARG B 20 19.08 66.09 -10.76
CA ARG B 20 18.80 65.86 -12.18
C ARG B 20 17.80 64.73 -12.35
N ILE B 21 17.09 64.80 -13.48
CA ILE B 21 16.19 63.76 -13.96
C ILE B 21 16.93 63.05 -15.07
N GLY B 22 16.78 61.74 -15.13
CA GLY B 22 17.43 61.00 -16.19
C GLY B 22 16.64 61.02 -17.49
N ASN B 23 17.34 60.58 -18.55
CA ASN B 23 16.75 60.39 -19.87
C ASN B 23 15.99 59.06 -19.88
N HIS B 24 15.36 58.73 -21.01
CA HIS B 24 14.59 57.50 -21.09
C HIS B 24 15.42 56.31 -20.57
N ILE B 25 14.85 55.61 -19.57
CA ILE B 25 15.42 54.38 -19.03
C ILE B 25 15.10 53.24 -19.98
N THR B 26 16.14 52.63 -20.55
CA THR B 26 15.91 51.67 -21.61
C THR B 26 15.28 50.40 -21.05
N LYS B 27 14.23 49.92 -21.71
CA LYS B 27 13.56 48.73 -21.22
C LYS B 27 13.22 47.78 -22.35
N SER B 28 12.89 46.54 -22.00
CA SER B 28 12.39 45.60 -22.99
C SER B 28 11.05 46.05 -23.53
N PRO B 29 10.83 45.94 -24.85
CA PRO B 29 9.52 46.32 -25.41
C PRO B 29 8.37 45.48 -24.85
N GLU B 30 8.65 44.34 -24.24
CA GLU B 30 7.55 43.61 -23.63
C GLU B 30 7.25 44.08 -22.22
N ASP B 31 8.00 45.06 -21.72
CA ASP B 31 7.90 45.53 -20.34
C ASP B 31 6.95 46.72 -20.33
N LYS B 32 5.83 46.55 -19.64
CA LYS B 32 4.79 47.56 -19.67
C LYS B 32 4.87 48.49 -18.46
N ARG B 33 5.67 48.13 -17.46
CA ARG B 33 6.03 49.02 -16.35
C ARG B 33 6.67 50.28 -16.89
N GLU B 34 6.48 51.39 -16.19
CA GLU B 34 6.94 52.71 -16.60
C GLU B 34 8.05 53.18 -15.66
N TYR B 35 9.09 53.81 -16.22
CA TYR B 35 10.29 54.05 -15.43
C TYR B 35 10.76 55.50 -15.50
N ARG B 36 11.34 55.96 -14.40
CA ARG B 36 12.03 57.25 -14.33
C ARG B 36 13.20 57.18 -13.34
N GLY B 37 14.34 57.66 -13.75
CA GLY B 37 15.51 57.71 -12.90
C GLY B 37 15.80 59.15 -12.53
N LEU B 38 16.40 59.35 -11.36
CA LEU B 38 16.76 60.70 -10.95
C LEU B 38 17.76 60.63 -9.82
N GLU B 39 18.45 61.74 -9.62
CA GLU B 39 19.38 61.91 -8.50
C GLU B 39 18.90 63.07 -7.66
N LEU B 40 18.68 62.82 -6.38
CA LEU B 40 18.31 63.89 -5.47
C LEU B 40 19.46 64.90 -5.28
N ALA B 41 19.15 66.02 -4.64
CA ALA B 41 20.17 67.02 -4.35
C ALA B 41 21.28 66.49 -3.45
N ASN B 42 20.91 65.61 -2.48
CA ASN B 42 21.90 64.97 -1.62
C ASN B 42 22.60 63.77 -2.26
N GLY B 43 22.37 63.48 -3.55
CA GLY B 43 23.12 62.44 -4.22
C GLY B 43 22.60 61.01 -4.13
N ILE B 44 21.45 60.80 -3.48
CA ILE B 44 20.78 59.51 -3.58
C ILE B 44 20.36 59.27 -5.02
N LYS B 45 20.76 58.11 -5.57
CA LYS B 45 20.31 57.67 -6.89
C LYS B 45 18.98 56.97 -6.76
N VAL B 46 18.05 57.26 -7.68
CA VAL B 46 16.65 56.85 -7.54
C VAL B 46 16.11 56.26 -8.83
N LEU B 47 15.48 55.09 -8.75
CA LEU B 47 14.65 54.58 -9.83
C LEU B 47 13.22 54.41 -9.32
N LEU B 48 12.29 55.11 -9.96
CA LEU B 48 10.85 54.97 -9.74
C LEU B 48 10.23 54.05 -10.80
N ILE B 49 9.39 53.10 -10.34
CA ILE B 49 8.72 52.12 -11.21
C ILE B 49 7.20 52.22 -11.01
N SER B 50 6.49 52.60 -12.05
CA SER B 50 5.03 52.72 -12.00
C SER B 50 4.39 51.54 -12.72
N ASP B 51 3.57 50.78 -11.97
CA ASP B 51 2.94 49.58 -12.49
C ASP B 51 1.51 49.55 -11.97
N PRO B 52 0.58 50.14 -12.72
CA PRO B 52 -0.78 50.40 -12.19
C PRO B 52 -1.60 49.16 -11.90
N THR B 53 -1.09 47.96 -12.26
CA THR B 53 -1.73 46.66 -12.04
C THR B 53 -1.26 45.96 -10.77
N THR B 54 -0.12 46.37 -10.22
CA THR B 54 0.53 45.56 -9.20
C THR B 54 -0.29 45.55 -7.93
N ASP B 55 -0.40 44.36 -7.32
CA ASP B 55 -1.18 44.24 -6.10
C ASP B 55 -0.33 44.54 -4.87
N LYS B 56 0.99 44.38 -4.98
CA LYS B 56 1.91 44.72 -3.92
C LYS B 56 2.88 45.78 -4.41
N SER B 57 3.22 46.71 -3.55
CA SER B 57 4.22 47.71 -3.83
C SER B 57 5.52 47.36 -3.10
N SER B 58 6.61 47.99 -3.52
CA SER B 58 7.87 47.60 -2.91
C SER B 58 8.83 48.76 -2.95
N ALA B 59 9.74 48.78 -1.99
CA ALA B 59 10.82 49.74 -2.03
C ALA B 59 12.04 49.05 -1.48
N ALA B 60 13.21 49.47 -1.98
CA ALA B 60 14.50 48.98 -1.51
C ALA B 60 15.46 50.15 -1.46
N LEU B 61 16.41 50.06 -0.53
CA LEU B 61 17.50 51.01 -0.38
C LEU B 61 18.77 50.21 -0.17
N ASP B 62 19.78 50.51 -0.96
CA ASP B 62 21.04 49.81 -0.87
C ASP B 62 22.11 50.85 -0.49
N VAL B 63 22.72 50.67 0.67
CA VAL B 63 23.80 51.56 1.11
C VAL B 63 25.09 50.95 0.60
N HIS B 64 25.95 51.77 0.01
CA HIS B 64 27.10 51.13 -0.63
C HIS B 64 28.20 50.88 0.41
N ILE B 65 27.85 50.24 1.52
CA ILE B 65 28.80 50.05 2.61
C ILE B 65 28.50 48.70 3.20
N GLY B 66 29.55 47.96 3.55
CA GLY B 66 29.31 46.61 4.01
C GLY B 66 30.38 46.13 4.94
N SER B 67 30.50 44.82 5.05
CA SER B 67 31.39 44.23 6.04
C SER B 67 32.84 44.59 5.87
N LEU B 68 33.31 44.92 4.65
CA LEU B 68 34.72 45.30 4.56
C LEU B 68 35.04 46.60 5.34
N SER B 69 34.03 47.40 5.69
CA SER B 69 34.22 48.61 6.48
C SER B 69 33.94 48.42 7.98
N ASP B 70 33.64 47.19 8.43
CA ASP B 70 33.59 46.88 9.85
C ASP B 70 34.84 47.44 10.52
N PRO B 71 34.73 48.02 11.72
CA PRO B 71 35.95 48.36 12.45
C PRO B 71 36.75 47.10 12.73
N PRO B 72 38.07 47.22 12.78
CA PRO B 72 38.86 45.99 12.92
C PRO B 72 38.68 45.35 14.28
N ASN B 73 38.30 46.11 15.30
CA ASN B 73 38.15 45.58 16.66
C ASN B 73 36.74 45.11 16.99
N ILE B 74 35.77 45.24 16.05
CA ILE B 74 34.41 44.75 16.24
C ILE B 74 33.88 44.05 15.00
N ALA B 75 34.20 42.77 14.84
CA ALA B 75 33.83 42.08 13.61
C ALA B 75 32.31 41.89 13.53
N GLY B 76 31.75 42.30 12.40
CA GLY B 76 30.36 42.05 12.13
C GLY B 76 29.51 43.22 12.53
N LEU B 77 30.07 44.41 12.52
CA LEU B 77 29.29 45.53 13.01
C LEU B 77 28.26 45.97 11.99
N SER B 78 28.62 46.01 10.69
CA SER B 78 27.66 46.30 9.62
C SER B 78 26.45 45.41 9.73
N HIS B 79 26.71 44.13 9.97
CA HIS B 79 25.64 43.16 10.01
C HIS B 79 24.74 43.42 11.20
N PHE B 80 25.33 43.57 12.38
CA PHE B 80 24.55 43.86 13.57
C PHE B 80 23.73 45.13 13.40
N LEU B 81 24.32 46.16 12.77
CA LEU B 81 23.59 47.37 12.51
C LEU B 81 22.36 47.10 11.66
N GLU B 82 22.52 46.31 10.61
CA GLU B 82 21.42 45.96 9.72
C GLU B 82 20.24 45.44 10.54
N HIS B 83 20.51 44.56 11.49
CA HIS B 83 19.44 44.02 12.33
C HIS B 83 18.81 45.11 13.16
N MET B 84 19.62 45.92 13.86
CA MET B 84 19.09 46.92 14.76
C MET B 84 18.23 47.97 14.06
N LEU B 85 18.39 48.18 12.76
CA LEU B 85 17.53 49.16 12.12
C LEU B 85 16.07 48.73 12.07
N PHE B 86 15.76 47.43 12.16
CA PHE B 86 14.35 46.97 12.17
C PHE B 86 13.63 47.27 13.48
N LEU B 87 14.35 47.73 14.53
CA LEU B 87 13.89 47.65 15.91
C LEU B 87 13.55 49.01 16.51
N GLY B 88 13.17 49.98 15.71
CA GLY B 88 12.62 51.19 16.28
C GLY B 88 13.35 52.46 15.89
N THR B 89 12.62 53.54 15.72
CA THR B 89 13.21 54.80 15.31
C THR B 89 12.59 55.92 16.16
N LYS B 90 13.19 57.12 16.13
CA LYS B 90 12.67 58.19 16.97
C LYS B 90 11.21 58.45 16.64
N LYS B 91 10.87 58.51 15.36
CA LYS B 91 9.49 58.78 14.95
C LYS B 91 8.53 57.59 15.01
N TYR B 92 9.07 56.39 15.19
CA TYR B 92 8.26 55.17 15.25
C TYR B 92 8.89 54.24 16.26
N PRO B 93 8.73 54.56 17.54
CA PRO B 93 9.52 53.93 18.60
C PRO B 93 9.09 52.53 19.00
N LYS B 94 7.88 52.08 18.61
CA LYS B 94 7.46 50.71 18.90
C LYS B 94 8.42 49.74 18.23
N GLU B 95 9.00 48.84 19.00
CA GLU B 95 10.13 48.07 18.50
C GLU B 95 9.77 47.31 17.21
N ASN B 96 8.58 46.74 17.15
CA ASN B 96 8.13 46.01 15.96
C ASN B 96 7.15 46.79 15.07
N GLU B 97 7.06 48.11 15.20
CA GLU B 97 6.23 48.90 14.29
C GLU B 97 6.41 48.45 12.84
N TYR B 98 7.65 48.25 12.43
CA TYR B 98 7.88 48.11 11.00
C TYR B 98 7.40 46.75 10.52
N SER B 99 7.87 45.70 11.18
CA SER B 99 7.38 44.36 10.90
C SER B 99 5.86 44.27 11.04
N GLN B 100 5.30 44.72 12.15
CA GLN B 100 3.85 44.68 12.35
C GLN B 100 3.11 45.38 11.22
N PHE B 101 3.53 46.58 10.87
CA PHE B 101 2.84 47.26 9.80
C PHE B 101 2.81 46.42 8.54
N LEU B 102 3.98 45.92 8.11
CA LEU B 102 4.03 45.09 6.92
C LEU B 102 3.08 43.91 7.05
N SER B 103 3.23 43.14 8.14
CA SER B 103 2.45 41.92 8.33
C SER B 103 0.96 42.16 8.22
N GLU B 104 0.49 43.30 8.72
CA GLU B 104 -0.93 43.59 8.72
C GLU B 104 -1.39 44.21 7.41
N HIS B 105 -0.49 44.33 6.43
CA HIS B 105 -0.88 44.88 5.15
C HIS B 105 -0.32 44.04 4.01
N ALA B 106 -0.25 42.72 4.22
CA ALA B 106 0.19 41.76 3.21
C ALA B 106 1.67 41.91 2.87
N GLY B 107 2.44 42.48 3.79
CA GLY B 107 3.80 42.83 3.50
C GLY B 107 4.77 41.83 4.10
N SER B 108 6.01 41.92 3.62
CA SER B 108 7.11 41.23 4.24
C SER B 108 8.34 42.12 4.05
N SER B 109 9.44 41.69 4.67
CA SER B 109 10.69 42.46 4.53
C SER B 109 11.87 41.54 4.76
N ASN B 110 13.02 42.03 4.32
CA ASN B 110 14.29 41.36 4.56
C ASN B 110 15.38 42.39 4.32
N ALA B 111 16.62 41.96 4.57
CA ALA B 111 17.81 42.76 4.38
C ALA B 111 18.98 41.80 4.40
N PHE B 112 20.10 42.22 3.82
CA PHE B 112 21.32 41.41 3.88
C PHE B 112 22.52 42.35 3.86
N THR B 113 23.62 41.91 4.48
CA THR B 113 24.89 42.64 4.47
C THR B 113 25.95 41.84 3.74
N SER B 114 26.42 42.33 2.60
CA SER B 114 27.56 41.77 1.89
C SER B 114 28.82 42.59 2.22
N GLY B 115 29.90 42.35 1.48
CA GLY B 115 31.14 43.06 1.77
C GLY B 115 31.07 44.54 1.53
N GLU B 116 30.27 44.98 0.55
CA GLU B 116 30.26 46.38 0.14
C GLU B 116 28.87 47.01 0.08
N HIS B 117 27.82 46.27 0.43
CA HIS B 117 26.45 46.74 0.32
C HIS B 117 25.67 46.24 1.51
N THR B 118 24.79 47.10 2.02
CA THR B 118 23.75 46.70 2.96
C THR B 118 22.42 47.03 2.34
N ASN B 119 21.61 46.01 2.10
CA ASN B 119 20.44 46.09 1.22
C ASN B 119 19.19 45.79 2.03
N TYR B 120 18.27 46.76 2.11
CA TYR B 120 17.02 46.60 2.82
C TYR B 120 15.84 46.70 1.86
N TYR B 121 14.83 45.84 2.03
CA TYR B 121 13.70 45.90 1.15
C TYR B 121 12.43 45.36 1.82
N PHE B 122 11.29 45.87 1.34
CA PHE B 122 9.98 45.37 1.80
C PHE B 122 9.04 45.36 0.61
N ASP B 123 7.96 44.56 0.73
CA ASP B 123 6.76 44.73 -0.08
C ASP B 123 5.54 44.83 0.83
N VAL B 124 4.47 45.37 0.25
CA VAL B 124 3.30 45.73 1.05
C VAL B 124 2.14 45.91 0.09
N SER B 125 0.92 45.70 0.57
CA SER B 125 -0.28 46.03 -0.19
C SER B 125 -0.14 47.40 -0.84
N HIS B 126 -0.64 47.56 -2.07
CA HIS B 126 -0.30 48.79 -2.78
C HIS B 126 -0.94 50.02 -2.17
N GLU B 127 -2.01 49.82 -1.40
CA GLU B 127 -2.71 50.91 -0.76
C GLU B 127 -2.05 51.33 0.56
N HIS B 128 -0.82 50.88 0.78
CA HIS B 128 -0.11 51.23 1.99
C HIS B 128 1.38 51.43 1.74
N LEU B 129 1.72 51.78 0.51
CA LEU B 129 3.10 52.08 0.18
C LEU B 129 3.60 53.23 1.03
N GLU B 130 2.89 54.36 1.02
CA GLU B 130 3.39 55.56 1.70
C GLU B 130 3.62 55.31 3.18
N GLY B 131 2.69 54.63 3.86
CA GLY B 131 2.90 54.35 5.27
C GLY B 131 4.03 53.40 5.53
N ALA B 132 4.25 52.45 4.63
CA ALA B 132 5.38 51.55 4.82
C ALA B 132 6.69 52.28 4.53
N LEU B 133 6.74 53.03 3.42
CA LEU B 133 7.93 53.79 3.09
C LEU B 133 8.32 54.75 4.20
N ASP B 134 7.34 55.41 4.83
CA ASP B 134 7.62 56.30 5.96
C ASP B 134 8.32 55.57 7.12
N ARG B 135 7.74 54.47 7.59
CA ARG B 135 8.43 53.74 8.66
C ARG B 135 9.84 53.32 8.22
N PHE B 136 9.98 52.89 6.96
CA PHE B 136 11.25 52.47 6.36
C PHE B 136 12.28 53.60 6.34
N ALA B 137 11.91 54.77 5.82
CA ALA B 137 12.87 55.87 5.70
C ALA B 137 13.52 56.23 7.04
N GLN B 138 12.78 56.14 8.14
CA GLN B 138 13.38 56.46 9.43
C GLN B 138 14.58 55.59 9.76
N PHE B 139 14.67 54.38 9.18
CA PHE B 139 15.86 53.54 9.41
C PHE B 139 17.14 54.32 9.15
N PHE B 140 17.07 55.33 8.28
CA PHE B 140 18.24 56.00 7.75
C PHE B 140 18.37 57.41 8.29
N LEU B 141 17.55 57.78 9.26
CA LEU B 141 17.54 59.11 9.83
C LEU B 141 17.71 59.13 11.36
N SER B 142 17.13 58.15 12.10
CA SER B 142 16.91 58.20 13.54
C SER B 142 16.75 56.84 14.21
N PRO B 143 17.58 55.86 13.91
CA PRO B 143 17.50 54.60 14.67
C PRO B 143 17.65 54.88 16.15
N LEU B 144 16.94 54.10 16.95
CA LEU B 144 17.02 54.21 18.41
C LEU B 144 18.22 53.45 19.01
N PHE B 145 18.62 52.35 18.38
CA PHE B 145 19.63 51.46 18.93
C PHE B 145 19.43 51.25 20.43
N ASP B 146 18.19 50.94 20.81
CA ASP B 146 17.86 50.70 22.21
C ASP B 146 18.83 49.71 22.83
N GLU B 147 19.21 49.90 24.11
CA GLU B 147 20.11 48.95 24.77
C GLU B 147 19.47 47.59 24.98
N SER B 148 18.26 47.57 25.53
CA SER B 148 17.58 46.28 25.75
C SER B 148 17.43 45.54 24.43
N ALA B 149 17.11 46.27 23.35
CA ALA B 149 17.00 45.68 22.02
C ALA B 149 18.35 45.12 21.54
N LYS B 150 19.41 45.92 21.66
CA LYS B 150 20.73 45.44 21.30
C LYS B 150 21.12 44.21 22.13
N ASP B 151 20.76 44.19 23.40
CA ASP B 151 21.20 43.07 24.22
C ASP B 151 20.50 41.78 23.83
N ARG B 152 19.28 41.88 23.30
CA ARG B 152 18.52 40.73 22.83
C ARG B 152 18.98 40.29 21.42
N GLU B 153 18.88 41.20 20.43
CA GLU B 153 19.18 40.86 19.04
C GLU B 153 20.59 40.29 18.81
N VAL B 154 21.56 40.59 19.67
CA VAL B 154 22.87 39.96 19.47
C VAL B 154 22.73 38.45 19.42
N ASN B 155 21.67 37.92 20.01
CA ASN B 155 21.47 36.48 20.06
C ASN B 155 20.98 35.93 18.72
N ALA B 156 20.09 36.67 18.04
CA ALA B 156 19.75 36.34 16.68
C ALA B 156 21.00 36.26 15.81
N VAL B 157 21.90 37.24 15.91
CA VAL B 157 23.09 37.18 15.07
C VAL B 157 23.99 36.02 15.46
N ASP B 158 24.20 35.80 16.76
CA ASP B 158 24.94 34.62 17.18
C ASP B 158 24.36 33.37 16.54
N SER B 159 23.05 33.22 16.64
CA SER B 159 22.36 32.02 16.20
C SER B 159 22.43 31.89 14.69
N GLU B 160 22.38 33.01 13.98
CA GLU B 160 22.61 32.96 12.55
C GLU B 160 23.99 32.37 12.26
N HIS B 161 25.03 32.91 12.91
CA HIS B 161 26.36 32.32 12.70
C HIS B 161 26.37 30.82 13.02
N GLU B 162 25.72 30.42 14.12
CA GLU B 162 25.74 29.01 14.56
C GLU B 162 25.15 28.04 13.54
N LYS B 163 24.06 28.44 12.84
CA LYS B 163 23.54 27.61 11.75
C LYS B 163 24.63 27.36 10.71
N ASN B 164 25.49 28.36 10.45
CA ASN B 164 26.49 28.23 9.38
C ASN B 164 27.72 27.47 9.80
N VAL B 165 27.98 27.32 11.09
CA VAL B 165 29.29 26.87 11.55
C VAL B 165 29.65 25.53 10.96
N MET B 166 28.69 24.61 10.92
CA MET B 166 28.98 23.26 10.45
C MET B 166 28.55 23.07 9.00
N ASN B 167 28.36 24.16 8.27
CA ASN B 167 28.00 24.13 6.85
C ASN B 167 29.24 24.33 6.00
N ASP B 168 29.49 23.40 5.06
CA ASP B 168 30.79 23.34 4.38
C ASP B 168 31.05 24.56 3.50
N ALA B 169 30.00 25.11 2.89
CA ALA B 169 30.14 26.28 2.02
C ALA B 169 30.49 27.54 2.82
N TRP B 170 29.92 27.70 4.02
CA TRP B 170 30.30 28.84 4.85
C TRP B 170 31.73 28.70 5.33
N ARG B 171 32.14 27.46 5.67
CA ARG B 171 33.50 27.20 6.11
C ARG B 171 34.52 27.55 5.02
N LEU B 172 34.32 26.98 3.82
CA LEU B 172 35.20 27.26 2.68
C LEU B 172 35.16 28.73 2.28
N PHE B 173 34.01 29.38 2.39
CA PHE B 173 33.93 30.80 2.07
C PHE B 173 34.90 31.60 2.94
N GLN B 174 34.91 31.34 4.24
CA GLN B 174 35.75 32.11 5.16
C GLN B 174 37.19 31.60 5.15
N LEU B 175 37.40 30.32 4.81
CA LEU B 175 38.76 29.81 4.71
C LEU B 175 39.52 30.46 3.55
N GLU B 176 38.86 30.66 2.41
CA GLU B 176 39.52 31.42 1.37
C GLU B 176 39.98 32.76 1.92
N LYS B 177 39.07 33.48 2.63
CA LYS B 177 39.39 34.79 3.18
C LYS B 177 40.54 34.75 4.19
N ALA B 178 40.71 33.62 4.87
CA ALA B 178 41.73 33.54 5.91
C ALA B 178 43.09 33.09 5.40
N THR B 179 43.22 32.71 4.13
CA THR B 179 44.48 32.29 3.55
C THR B 179 45.11 33.37 2.67
N GLY B 180 44.44 34.50 2.50
CA GLY B 180 45.03 35.64 1.85
C GLY B 180 45.66 36.58 2.87
N ASN B 181 46.08 37.73 2.37
CA ASN B 181 46.73 38.76 3.17
C ASN B 181 45.92 39.11 4.41
N PRO B 182 46.42 38.78 5.59
CA PRO B 182 45.66 39.07 6.83
C PRO B 182 45.42 40.54 7.06
N LYS B 183 46.21 41.41 6.45
CA LYS B 183 46.10 42.84 6.65
C LYS B 183 45.03 43.47 5.78
N HIS B 184 44.40 42.70 4.94
CA HIS B 184 43.44 43.13 3.93
C HIS B 184 42.01 42.96 4.43
N PRO B 185 41.08 43.90 4.19
CA PRO B 185 39.72 43.73 4.73
C PRO B 185 39.00 42.49 4.25
N PHE B 186 39.32 41.98 3.07
CA PHE B 186 38.76 40.72 2.60
C PHE B 186 38.87 39.61 3.64
N SER B 187 39.82 39.70 4.55
CA SER B 187 40.07 38.65 5.51
C SER B 187 39.15 38.74 6.72
N LYS B 188 38.42 39.84 6.85
CA LYS B 188 37.50 40.04 7.96
C LYS B 188 36.39 39.00 7.96
N PHE B 189 35.79 38.84 9.13
CA PHE B 189 34.70 37.92 9.38
C PHE B 189 33.45 38.78 9.51
N GLY B 190 32.52 38.61 8.57
CA GLY B 190 31.45 39.57 8.33
C GLY B 190 30.17 39.34 9.13
N THR B 191 29.87 38.07 9.43
CA THR B 191 28.65 37.78 10.16
C THR B 191 28.66 38.43 11.54
N GLY B 192 29.74 38.24 12.29
CA GLY B 192 29.74 38.56 13.69
C GLY B 192 29.19 37.40 14.50
N ASN B 193 29.43 37.45 15.81
CA ASN B 193 28.72 36.59 16.74
C ASN B 193 28.73 37.23 18.13
N LYS B 194 28.21 36.49 19.12
CA LYS B 194 28.08 37.05 20.46
C LYS B 194 29.44 37.48 21.00
N TYR B 195 30.48 36.67 20.76
CA TYR B 195 31.84 37.03 21.14
C TYR B 195 32.23 38.40 20.57
N THR B 196 32.17 38.53 19.25
CA THR B 196 32.72 39.73 18.65
C THR B 196 31.83 40.95 18.85
N LEU B 197 30.55 40.78 19.13
CA LEU B 197 29.65 41.90 19.24
C LEU B 197 29.26 42.20 20.68
N GLU B 198 29.62 41.34 21.63
CA GLU B 198 29.23 41.60 23.00
C GLU B 198 30.36 41.24 23.96
N THR B 199 30.85 39.99 24.02
CA THR B 199 31.70 39.66 25.15
C THR B 199 33.07 40.33 25.01
N ARG B 200 33.75 40.14 23.87
CA ARG B 200 35.02 40.83 23.64
C ARG B 200 34.86 42.32 23.80
N PRO B 201 33.88 42.99 23.18
CA PRO B 201 33.68 44.42 23.45
C PRO B 201 33.56 44.78 24.92
N ASN B 202 32.98 43.92 25.75
CA ASN B 202 32.85 44.26 27.16
C ASN B 202 34.17 44.13 27.90
N GLN B 203 35.02 43.16 27.52
CA GLN B 203 36.36 43.04 28.08
C GLN B 203 37.23 44.25 27.74
N GLU B 204 36.90 44.95 26.67
CA GLU B 204 37.74 45.98 26.11
C GLU B 204 37.17 47.35 26.38
N GLY B 205 36.07 47.40 27.14
CA GLY B 205 35.44 48.66 27.47
C GLY B 205 34.78 49.40 26.32
N ILE B 206 34.52 48.72 25.19
CA ILE B 206 33.79 49.39 24.13
C ILE B 206 32.32 49.48 24.53
N ASP B 207 31.68 50.60 24.14
CA ASP B 207 30.26 50.81 24.34
C ASP B 207 29.60 50.62 22.98
N VAL B 208 28.96 49.46 22.80
CA VAL B 208 28.58 49.10 21.44
C VAL B 208 27.44 49.96 20.91
N ARG B 209 26.60 50.53 21.79
CA ARG B 209 25.58 51.41 21.26
C ARG B 209 26.17 52.67 20.68
N GLN B 210 27.31 53.15 21.24
CA GLN B 210 27.99 54.31 20.65
C GLN B 210 28.62 53.96 19.30
N GLU B 211 29.18 52.74 19.18
CA GLU B 211 29.81 52.32 17.93
C GLU B 211 28.80 52.19 16.79
N LEU B 212 27.58 51.67 17.08
CA LEU B 212 26.50 51.74 16.10
C LEU B 212 26.21 53.17 15.69
N LEU B 213 26.06 54.05 16.67
CA LEU B 213 25.79 55.46 16.41
C LEU B 213 26.86 56.10 15.53
N LYS B 214 28.10 55.66 15.71
CA LYS B 214 29.22 56.19 14.94
C LYS B 214 29.21 55.70 13.50
N PHE B 215 28.93 54.40 13.33
CA PHE B 215 28.90 53.81 12.01
C PHE B 215 27.75 54.39 11.20
N HIS B 216 26.56 54.39 11.79
CA HIS B 216 25.42 54.97 11.13
C HIS B 216 25.70 56.38 10.66
N SER B 217 26.38 57.17 11.50
CA SER B 217 26.65 58.56 11.16
C SER B 217 27.79 58.68 10.13
N ALA B 218 28.83 57.86 10.25
CA ALA B 218 29.96 57.97 9.34
C ALA B 218 29.65 57.45 7.94
N TYR B 219 28.81 56.43 7.84
CA TYR B 219 28.67 55.71 6.59
C TYR B 219 27.29 55.73 6.00
N TYR B 220 26.24 55.79 6.80
CA TYR B 220 24.93 55.95 6.20
C TYR B 220 24.79 57.39 5.70
N SER B 221 25.49 57.68 4.62
CA SER B 221 25.51 59.00 4.00
C SER B 221 24.67 58.97 2.71
N SER B 222 23.93 60.04 2.46
CA SER B 222 23.09 60.02 1.28
C SER B 222 23.89 59.78 -0.01
N ASN B 223 25.19 60.13 -0.06
CA ASN B 223 25.89 59.96 -1.33
C ASN B 223 26.26 58.50 -1.63
N LEU B 224 26.08 57.59 -0.66
CA LEU B 224 26.34 56.16 -0.88
C LEU B 224 25.05 55.34 -1.01
N MET B 225 23.93 55.99 -1.31
CA MET B 225 22.60 55.40 -1.19
C MET B 225 21.89 55.39 -2.52
N ALA B 226 21.36 54.24 -2.92
CA ALA B 226 20.45 54.15 -4.05
C ALA B 226 19.12 53.62 -3.57
N VAL B 227 18.03 54.20 -4.09
CA VAL B 227 16.66 53.85 -3.68
C VAL B 227 15.78 53.50 -4.89
N VAL B 228 14.98 52.42 -4.73
CA VAL B 228 14.03 51.99 -5.75
C VAL B 228 12.66 51.87 -5.12
N VAL B 229 11.66 52.43 -5.77
CA VAL B 229 10.28 52.39 -5.30
C VAL B 229 9.40 51.98 -6.47
N LEU B 230 8.61 50.92 -6.27
CA LEU B 230 7.66 50.44 -7.27
C LEU B 230 6.27 50.51 -6.65
N GLY B 231 5.35 51.23 -7.33
CA GLY B 231 3.96 51.24 -6.91
C GLY B 231 3.00 51.53 -8.05
N ARG B 232 1.71 51.54 -7.69
CA ARG B 232 0.64 51.86 -8.63
C ARG B 232 0.64 53.33 -9.02
N GLU B 233 1.15 54.20 -8.16
CA GLU B 233 1.10 55.64 -8.36
C GLU B 233 1.90 56.04 -9.61
N SER B 234 1.55 57.21 -10.14
CA SER B 234 2.21 57.76 -11.31
C SER B 234 3.67 58.11 -11.01
N LEU B 235 4.47 58.19 -12.07
CA LEU B 235 5.87 58.53 -11.85
C LEU B 235 5.99 59.86 -11.13
N ASP B 236 5.14 60.86 -11.50
CA ASP B 236 5.24 62.16 -10.82
C ASP B 236 4.88 62.04 -9.32
N ASP B 237 3.82 61.31 -8.97
CA ASP B 237 3.56 61.14 -7.54
C ASP B 237 4.65 60.30 -6.85
N LEU B 238 5.26 59.33 -7.53
CA LEU B 238 6.35 58.61 -6.88
C LEU B 238 7.52 59.54 -6.60
N THR B 239 7.79 60.47 -7.52
CA THR B 239 8.89 61.42 -7.31
C THR B 239 8.67 62.30 -6.07
N ASN B 240 7.50 62.91 -5.95
CA ASN B 240 7.22 63.71 -4.77
C ASN B 240 7.38 62.89 -3.50
N LEU B 241 6.83 61.68 -3.49
CA LEU B 241 6.88 60.83 -2.30
C LEU B 241 8.32 60.58 -1.87
N VAL B 242 9.18 60.20 -2.83
CA VAL B 242 10.58 59.91 -2.54
C VAL B 242 11.31 61.16 -2.05
N VAL B 243 11.05 62.31 -2.70
CA VAL B 243 11.64 63.59 -2.29
C VAL B 243 11.22 63.96 -0.87
N LYS B 244 9.91 63.93 -0.61
CA LYS B 244 9.41 64.14 0.75
C LYS B 244 10.19 63.29 1.77
N LEU B 245 10.31 61.98 1.53
CA LEU B 245 10.83 61.11 2.59
C LEU B 245 12.35 61.03 2.68
N PHE B 246 13.08 61.21 1.58
CA PHE B 246 14.50 60.94 1.63
C PHE B 246 15.39 62.16 1.42
N SER B 247 14.81 63.33 1.08
CA SER B 247 15.61 64.54 0.93
C SER B 247 16.39 64.88 2.18
N GLU B 248 15.93 64.47 3.34
CA GLU B 248 16.57 64.96 4.54
C GLU B 248 17.69 64.07 5.03
N VAL B 249 17.96 62.94 4.36
CA VAL B 249 19.16 62.18 4.69
C VAL B 249 20.37 63.06 4.45
N GLU B 250 21.24 63.16 5.44
CA GLU B 250 22.36 64.07 5.35
C GLU B 250 23.49 63.51 4.46
N ASN B 251 24.00 64.37 3.58
CA ASN B 251 25.15 64.08 2.74
C ASN B 251 26.45 64.42 3.47
N LYS B 252 27.21 63.39 3.86
CA LYS B 252 28.53 63.54 4.47
C LYS B 252 29.66 63.28 3.47
N ASN B 253 29.38 63.42 2.18
CA ASN B 253 30.34 63.17 1.09
C ASN B 253 31.37 62.12 1.45
N VAL B 254 30.90 60.94 1.77
CA VAL B 254 31.80 59.87 2.16
C VAL B 254 32.44 59.30 0.91
N PRO B 255 33.75 59.27 0.84
CA PRO B 255 34.40 58.60 -0.28
C PRO B 255 34.11 57.12 -0.26
N LEU B 256 33.81 56.60 -1.44
CA LEU B 256 33.50 55.18 -1.60
C LEU B 256 34.73 54.30 -1.42
N PRO B 257 34.71 53.36 -0.47
CA PRO B 257 35.86 52.45 -0.25
C PRO B 257 36.33 51.73 -1.51
N GLU B 258 37.65 51.72 -1.74
CA GLU B 258 38.26 50.96 -2.83
C GLU B 258 39.35 50.05 -2.26
N PHE B 259 39.57 48.94 -2.96
CA PHE B 259 40.46 47.87 -2.49
C PHE B 259 41.34 47.44 -3.65
N PRO B 260 42.30 48.29 -4.03
CA PRO B 260 42.98 48.10 -5.30
C PRO B 260 44.12 47.11 -5.25
N GLU B 261 44.55 46.71 -4.05
CA GLU B 261 45.62 45.72 -3.95
C GLU B 261 44.96 44.37 -3.76
N HIS B 262 45.26 43.40 -4.63
CA HIS B 262 44.59 42.10 -4.48
C HIS B 262 44.90 41.48 -3.11
N PRO B 263 43.92 40.81 -2.48
CA PRO B 263 44.22 40.13 -1.20
C PRO B 263 45.15 38.97 -1.32
N PHE B 264 45.38 38.47 -2.55
CA PHE B 264 46.33 37.39 -2.84
C PHE B 264 47.52 38.06 -3.52
N GLN B 265 48.58 38.25 -2.75
CA GLN B 265 49.86 38.67 -3.26
C GLN B 265 50.66 37.39 -3.55
N GLU B 266 51.86 37.65 -4.05
CA GLU B 266 52.82 36.63 -4.46
C GLU B 266 52.96 35.46 -3.50
N GLU B 267 53.18 35.74 -2.23
CA GLU B 267 53.37 34.62 -1.30
C GLU B 267 52.11 33.78 -1.14
N HIS B 268 50.97 34.20 -1.69
CA HIS B 268 49.75 33.43 -1.61
C HIS B 268 49.47 32.65 -2.89
N LEU B 269 50.35 32.72 -3.87
CA LEU B 269 50.18 32.02 -5.13
C LEU B 269 51.04 30.76 -5.17
N LYS B 270 50.71 29.88 -6.11
CA LYS B 270 51.27 28.54 -6.18
C LYS B 270 51.08 27.76 -4.88
N GLN B 271 50.03 28.06 -4.12
CA GLN B 271 49.74 27.34 -2.88
C GLN B 271 48.72 26.22 -3.11
N LEU B 272 48.70 25.30 -2.17
CA LEU B 272 47.84 24.13 -2.18
C LEU B 272 47.27 23.95 -0.79
N TYR B 273 45.96 23.97 -0.68
CA TYR B 273 45.31 23.76 0.59
C TYR B 273 44.57 22.42 0.61
N LYS B 274 44.70 21.67 1.70
CA LYS B 274 44.02 20.38 1.91
C LYS B 274 43.02 20.53 3.05
N ILE B 275 41.73 20.37 2.74
CA ILE B 275 40.68 20.74 3.69
C ILE B 275 39.84 19.53 4.04
N VAL B 276 39.46 19.43 5.32
CA VAL B 276 38.59 18.36 5.82
C VAL B 276 37.15 18.87 5.84
N PRO B 277 36.23 18.20 5.17
CA PRO B 277 34.84 18.64 5.12
C PRO B 277 34.00 18.05 6.24
N ILE B 278 32.77 18.53 6.32
CA ILE B 278 31.83 17.99 7.30
C ILE B 278 31.11 16.81 6.64
N LYS B 279 30.46 17.07 5.51
CA LYS B 279 29.92 15.99 4.70
C LYS B 279 31.04 15.23 3.99
N ASP B 280 30.74 13.99 3.60
CA ASP B 280 31.65 13.20 2.78
C ASP B 280 31.56 13.68 1.34
N ILE B 281 32.33 14.71 1.02
CA ILE B 281 32.36 15.30 -0.32
C ILE B 281 33.81 15.38 -0.78
N ARG B 282 34.00 15.35 -2.10
CA ARG B 282 35.33 15.43 -2.70
C ARG B 282 35.32 16.50 -3.77
N ASN B 283 35.88 17.65 -3.46
CA ASN B 283 35.90 18.76 -4.42
C ASN B 283 37.30 19.27 -4.68
N LEU B 284 37.49 19.78 -5.90
CA LEU B 284 38.72 20.45 -6.32
C LEU B 284 38.38 21.88 -6.71
N TYR B 285 39.04 22.85 -6.09
CA TYR B 285 38.86 24.27 -6.39
C TYR B 285 40.15 24.86 -6.95
N VAL B 286 40.07 25.48 -8.12
CA VAL B 286 41.21 26.15 -8.77
C VAL B 286 40.86 27.62 -8.96
N THR B 287 41.72 28.51 -8.47
CA THR B 287 41.44 29.94 -8.40
C THR B 287 42.61 30.75 -8.94
N PHE B 288 42.33 31.67 -9.86
CA PHE B 288 43.30 32.65 -10.33
C PHE B 288 42.86 34.05 -9.94
N PRO B 289 43.71 34.84 -9.29
CA PRO B 289 43.43 36.27 -9.12
C PRO B 289 43.43 37.01 -10.44
N ILE B 290 42.46 37.92 -10.59
CA ILE B 290 42.34 38.73 -11.80
C ILE B 290 41.99 40.16 -11.43
N PRO B 291 42.24 41.08 -12.33
CA PRO B 291 41.78 42.46 -12.15
C PRO B 291 40.25 42.57 -12.08
N ASP B 292 39.80 43.70 -11.55
CA ASP B 292 38.38 44.01 -11.49
C ASP B 292 37.87 44.27 -12.89
N LEU B 293 36.95 43.42 -13.36
CA LEU B 293 36.41 43.55 -14.71
C LEU B 293 35.11 44.31 -14.77
N GLN B 294 34.67 44.89 -13.63
CA GLN B 294 33.34 45.50 -13.57
C GLN B 294 33.16 46.53 -14.67
N LYS B 295 34.12 47.44 -14.84
CA LYS B 295 33.94 48.53 -15.78
C LYS B 295 33.83 48.07 -17.25
N TYR B 296 34.16 46.81 -17.55
CA TYR B 296 34.08 46.28 -18.91
C TYR B 296 32.70 45.65 -19.23
N TYR B 297 31.66 46.02 -18.52
CA TYR B 297 30.36 45.33 -18.66
C TYR B 297 29.77 45.35 -20.08
N LYS B 298 30.24 46.22 -20.99
CA LYS B 298 29.69 46.16 -22.35
C LYS B 298 30.36 45.08 -23.22
N SER B 299 31.45 44.45 -22.77
CA SER B 299 32.12 43.33 -23.47
C SER B 299 32.13 42.01 -22.70
N ASN B 300 32.35 42.03 -21.39
CA ASN B 300 32.29 40.89 -20.48
C ASN B 300 33.29 39.82 -20.85
N PRO B 301 34.57 40.17 -21.02
CA PRO B 301 35.58 39.15 -21.33
C PRO B 301 35.60 38.03 -20.32
N GLY B 302 35.32 38.36 -19.06
CA GLY B 302 35.24 37.31 -18.07
C GLY B 302 34.25 36.22 -18.46
N HIS B 303 33.10 36.63 -18.94
CA HIS B 303 32.05 35.66 -19.20
C HIS B 303 32.27 34.92 -20.51
N TYR B 304 32.86 35.58 -21.52
CA TYR B 304 33.33 34.84 -22.69
C TYR B 304 34.21 33.66 -22.26
N LEU B 305 35.25 33.91 -21.47
CA LEU B 305 36.10 32.79 -21.07
C LEU B 305 35.33 31.78 -20.22
N GLY B 306 34.47 32.25 -19.32
CA GLY B 306 33.70 31.31 -18.51
C GLY B 306 32.77 30.44 -19.33
N HIS B 307 32.17 31.02 -20.38
CA HIS B 307 31.29 30.26 -21.27
C HIS B 307 32.04 29.13 -21.92
N LEU B 308 33.26 29.40 -22.38
CA LEU B 308 34.07 28.37 -23.02
C LEU B 308 34.65 27.39 -21.99
N ILE B 309 35.34 27.88 -20.98
CA ILE B 309 35.97 26.94 -20.06
C ILE B 309 34.94 26.13 -19.30
N GLY B 310 33.79 26.71 -19.01
CA GLY B 310 32.76 25.95 -18.33
C GLY B 310 31.78 25.21 -19.22
N HIS B 311 32.04 25.13 -20.51
CA HIS B 311 31.11 24.47 -21.41
C HIS B 311 31.02 23.00 -21.02
N GLU B 312 29.83 22.40 -21.23
CA GLU B 312 29.56 20.99 -20.91
C GLU B 312 29.27 20.12 -22.12
N GLY B 313 29.34 20.68 -23.34
CA GLY B 313 29.03 19.98 -24.56
C GLY B 313 30.16 19.20 -25.18
N PRO B 314 29.89 18.66 -26.36
CA PRO B 314 30.92 17.95 -27.13
C PRO B 314 32.20 18.78 -27.25
N GLY B 315 33.34 18.15 -26.97
CA GLY B 315 34.63 18.79 -27.10
C GLY B 315 35.09 19.54 -25.88
N SER B 316 34.23 19.72 -24.89
CA SER B 316 34.53 20.55 -23.73
C SER B 316 35.53 19.87 -22.79
N LEU B 317 36.04 20.68 -21.85
CA LEU B 317 36.88 20.19 -20.77
C LEU B 317 36.13 19.20 -19.90
N LEU B 318 34.94 19.57 -19.44
CA LEU B 318 34.18 18.65 -18.60
C LEU B 318 33.97 17.30 -19.27
N SER B 319 33.61 17.31 -20.55
CA SER B 319 33.34 16.06 -21.25
C SER B 319 34.54 15.11 -21.18
N GLU B 320 35.78 15.64 -21.26
CA GLU B 320 36.92 14.74 -21.20
C GLU B 320 37.20 14.25 -19.77
N LEU B 321 37.24 15.15 -18.79
CA LEU B 321 37.40 14.70 -17.42
C LEU B 321 36.33 13.69 -17.00
N LYS B 322 35.17 13.73 -17.65
CA LYS B 322 34.09 12.79 -17.36
C LYS B 322 34.32 11.44 -18.05
N SER B 323 34.75 11.46 -19.31
CA SER B 323 35.15 10.23 -19.98
C SER B 323 36.25 9.51 -19.20
N LYS B 324 37.19 10.26 -18.62
CA LYS B 324 38.27 9.70 -17.80
C LYS B 324 37.79 9.14 -16.47
N GLY B 325 36.53 9.35 -16.11
CA GLY B 325 36.06 8.92 -14.80
C GLY B 325 36.56 9.74 -13.61
N TRP B 326 36.99 10.98 -13.81
CA TRP B 326 37.59 11.78 -12.75
C TRP B 326 36.66 12.81 -12.15
N VAL B 327 35.81 13.46 -12.97
CA VAL B 327 34.91 14.48 -12.44
C VAL B 327 33.52 14.25 -13.03
N ASN B 328 32.49 14.67 -12.28
CA ASN B 328 31.11 14.66 -12.73
C ASN B 328 30.55 16.03 -13.08
N THR B 329 30.97 17.08 -12.38
CA THR B 329 30.42 18.41 -12.60
C THR B 329 31.57 19.41 -12.60
N LEU B 330 31.37 20.50 -13.33
CA LEU B 330 32.35 21.57 -13.41
C LEU B 330 31.67 22.94 -13.48
N VAL B 331 32.27 23.92 -12.80
CA VAL B 331 31.86 25.32 -12.87
C VAL B 331 33.03 26.19 -13.28
N GLY B 332 32.82 27.15 -14.16
CA GLY B 332 33.98 27.93 -14.57
C GLY B 332 33.63 29.33 -15.00
N GLY B 333 34.34 30.32 -14.48
CA GLY B 333 34.07 31.69 -14.87
C GLY B 333 34.57 32.65 -13.81
N GLN B 334 34.21 33.91 -13.99
CA GLN B 334 34.67 34.93 -13.07
C GLN B 334 33.85 34.89 -11.79
N LYS B 335 34.51 35.16 -10.65
CA LYS B 335 33.86 35.26 -9.34
C LYS B 335 34.10 36.64 -8.75
N GLU B 336 33.07 37.22 -8.14
CA GLU B 336 33.14 38.59 -7.64
C GLU B 336 34.13 38.71 -6.48
N GLY B 337 34.71 39.90 -6.33
CA GLY B 337 35.60 40.11 -5.18
C GLY B 337 35.22 41.33 -4.35
N ALA B 338 35.62 42.49 -4.85
CA ALA B 338 35.22 43.78 -4.32
C ALA B 338 35.81 44.80 -5.27
N ARG B 339 35.37 46.05 -5.14
CA ARG B 339 35.92 47.08 -6.02
C ARG B 339 37.44 46.98 -5.98
N GLY B 340 38.05 46.48 -7.05
CA GLY B 340 39.49 46.45 -7.20
C GLY B 340 40.09 45.10 -7.44
N PHE B 341 39.36 44.02 -7.19
CA PHE B 341 39.93 42.71 -7.41
C PHE B 341 38.78 41.74 -7.65
N MET B 342 39.06 40.72 -8.46
CA MET B 342 38.12 39.65 -8.79
C MET B 342 38.87 38.33 -8.84
N PHE B 343 38.14 37.24 -9.06
CA PHE B 343 38.76 35.93 -9.23
C PHE B 343 38.24 35.26 -10.49
N PHE B 344 39.02 34.27 -10.92
CA PHE B 344 38.55 33.38 -11.96
C PHE B 344 38.72 31.97 -11.46
N ILE B 345 37.66 31.17 -11.54
CA ILE B 345 37.64 29.88 -10.86
C ILE B 345 37.37 28.78 -11.88
N ILE B 346 37.86 27.59 -11.54
CA ILE B 346 37.40 26.34 -12.13
C ILE B 346 37.25 25.31 -11.03
N ASN B 347 36.04 25.11 -10.52
CA ASN B 347 35.75 24.09 -9.52
C ASN B 347 35.14 22.84 -10.15
N VAL B 348 35.60 21.66 -9.72
CA VAL B 348 35.04 20.39 -10.16
C VAL B 348 34.84 19.53 -8.94
N ASP B 349 33.93 18.56 -9.05
CA ASP B 349 33.80 17.54 -8.02
C ASP B 349 34.61 16.30 -8.42
N LEU B 350 34.93 15.45 -7.45
CA LEU B 350 35.92 14.42 -7.71
C LEU B 350 35.34 13.03 -7.47
N THR B 351 35.49 12.16 -8.46
CA THR B 351 35.24 10.74 -8.26
C THR B 351 36.30 10.18 -7.34
N GLU B 352 36.19 8.90 -7.00
CA GLU B 352 37.26 8.36 -6.18
C GLU B 352 38.58 8.37 -6.94
N GLU B 353 38.58 7.94 -8.20
CA GLU B 353 39.79 8.04 -8.99
C GLU B 353 40.24 9.48 -9.09
N GLY B 354 39.30 10.39 -9.41
CA GLY B 354 39.65 11.79 -9.57
C GLY B 354 40.51 12.32 -8.43
N LEU B 355 40.15 12.01 -7.20
CA LEU B 355 40.89 12.45 -6.03
C LEU B 355 42.37 12.04 -6.12
N LEU B 356 42.68 10.94 -6.82
CA LEU B 356 44.06 10.49 -6.97
C LEU B 356 44.71 11.04 -8.25
N HIS B 357 44.00 11.84 -9.00
CA HIS B 357 44.58 12.39 -10.21
C HIS B 357 44.43 13.91 -10.28
N VAL B 358 44.42 14.58 -9.12
CA VAL B 358 44.24 16.02 -9.15
C VAL B 358 45.29 16.67 -10.04
N GLU B 359 46.52 16.17 -10.02
CA GLU B 359 47.55 16.82 -10.81
C GLU B 359 47.25 16.74 -12.31
N ASP B 360 46.67 15.62 -12.76
CA ASP B 360 46.32 15.44 -14.15
C ASP B 360 45.06 16.18 -14.52
N ILE B 361 44.11 16.26 -13.59
CA ILE B 361 42.96 17.11 -13.85
C ILE B 361 43.44 18.51 -14.18
N ILE B 362 44.30 19.07 -13.32
CA ILE B 362 44.71 20.45 -13.47
C ILE B 362 45.54 20.62 -14.75
N LEU B 363 46.37 19.64 -15.09
CA LEU B 363 47.04 19.67 -16.40
C LEU B 363 46.01 19.79 -17.52
N HIS B 364 44.97 18.96 -17.51
CA HIS B 364 43.95 19.03 -18.55
C HIS B 364 43.30 20.41 -18.62
N MET B 365 43.07 21.07 -17.47
CA MET B 365 42.53 22.43 -17.49
C MET B 365 43.49 23.37 -18.19
N PHE B 366 44.79 23.20 -17.97
CA PHE B 366 45.70 24.12 -18.63
C PHE B 366 45.84 23.79 -20.11
N GLN B 367 45.61 22.53 -20.49
CA GLN B 367 45.59 22.17 -21.89
C GLN B 367 44.42 22.81 -22.62
N TYR B 368 43.27 22.89 -21.96
CA TYR B 368 42.12 23.54 -22.58
C TYR B 368 42.35 25.04 -22.67
N ILE B 369 42.79 25.64 -21.56
CA ILE B 369 43.14 27.05 -21.60
C ILE B 369 44.12 27.34 -22.72
N GLN B 370 45.09 26.42 -22.93
CA GLN B 370 46.06 26.63 -24.00
C GLN B 370 45.39 26.58 -25.37
N LYS B 371 44.43 25.66 -25.56
CA LYS B 371 43.64 25.65 -26.79
C LYS B 371 43.03 27.03 -27.06
N LEU B 372 42.49 27.69 -26.04
CA LEU B 372 41.88 28.98 -26.29
C LEU B 372 42.93 30.02 -26.71
N ARG B 373 44.11 30.03 -26.06
CA ARG B 373 45.18 30.90 -26.55
C ARG B 373 45.51 30.59 -28.01
N ALA B 374 45.57 29.32 -28.39
CA ALA B 374 45.96 28.95 -29.75
C ALA B 374 44.98 29.47 -30.81
N GLU B 375 43.66 29.34 -30.57
CA GLU B 375 42.66 29.78 -31.56
C GLU B 375 42.40 31.27 -31.53
N GLY B 376 42.75 31.96 -30.44
CA GLY B 376 42.40 33.35 -30.26
C GLY B 376 40.94 33.60 -30.02
N PRO B 377 40.58 34.84 -29.74
CA PRO B 377 39.17 35.19 -29.56
C PRO B 377 38.39 35.06 -30.86
N GLN B 378 37.09 34.77 -30.71
CA GLN B 378 36.16 34.37 -31.76
C GLN B 378 34.94 35.28 -31.78
N GLU B 379 34.83 36.16 -32.77
CA GLU B 379 33.70 37.08 -32.77
C GLU B 379 32.37 36.35 -32.84
N TRP B 380 32.32 35.21 -33.52
CA TRP B 380 31.03 34.50 -33.66
C TRP B 380 30.57 33.98 -32.32
N VAL B 381 31.51 33.48 -31.50
CA VAL B 381 31.18 33.12 -30.14
C VAL B 381 30.56 34.30 -29.43
N PHE B 382 31.20 35.47 -29.54
CA PHE B 382 30.65 36.66 -28.94
C PHE B 382 29.28 37.01 -29.52
N GLN B 383 29.12 36.81 -30.82
CA GLN B 383 27.84 37.06 -31.48
C GLN B 383 26.74 36.17 -30.87
N GLU B 384 27.08 34.91 -30.57
CA GLU B 384 26.10 33.99 -30.00
C GLU B 384 25.67 34.47 -28.63
N LEU B 385 26.64 34.85 -27.79
CA LEU B 385 26.30 35.32 -26.45
C LEU B 385 25.50 36.60 -26.52
N LYS B 386 25.88 37.53 -27.40
CA LYS B 386 25.15 38.77 -27.58
C LYS B 386 23.71 38.52 -28.01
N ASP B 387 23.50 37.62 -28.94
CA ASP B 387 22.15 37.37 -29.43
C ASP B 387 21.30 36.68 -28.36
N LEU B 388 21.88 35.71 -27.64
CA LEU B 388 21.14 35.00 -26.62
C LEU B 388 20.76 35.93 -25.48
N ASN B 389 21.70 36.77 -25.04
CA ASN B 389 21.38 37.75 -24.02
C ASN B 389 20.33 38.71 -24.51
N ALA B 390 20.40 39.10 -25.79
CA ALA B 390 19.38 40.01 -26.33
C ALA B 390 17.97 39.40 -26.28
N VAL B 391 17.80 38.12 -26.68
CA VAL B 391 16.46 37.51 -26.58
C VAL B 391 16.06 37.29 -25.11
N ALA B 392 16.99 36.81 -24.28
CA ALA B 392 16.63 36.67 -22.87
C ALA B 392 16.06 37.97 -22.33
N PHE B 393 16.60 39.11 -22.78
CA PHE B 393 16.13 40.37 -22.22
C PHE B 393 14.85 40.85 -22.90
N ARG B 394 14.72 40.63 -24.21
CA ARG B 394 13.45 40.97 -24.85
C ARG B 394 12.31 40.27 -24.17
N PHE B 395 12.51 39.03 -23.79
CA PHE B 395 11.45 38.15 -23.34
C PHE B 395 11.63 37.79 -21.88
N LYS B 396 12.24 38.69 -21.12
CA LYS B 396 12.44 38.45 -19.69
C LYS B 396 11.09 38.34 -18.98
N ASP B 397 11.00 37.35 -18.10
CA ASP B 397 9.79 37.19 -17.31
C ASP B 397 9.61 38.41 -16.40
N LYS B 398 8.37 38.84 -16.21
CA LYS B 398 8.16 39.94 -15.27
C LYS B 398 8.41 39.49 -13.82
N GLU B 399 9.13 40.30 -13.03
CA GLU B 399 9.63 39.87 -11.72
C GLU B 399 8.61 40.17 -10.59
N ARG B 400 8.77 39.53 -9.44
CA ARG B 400 7.97 39.90 -8.27
C ARG B 400 8.62 41.24 -7.85
N PRO B 401 7.81 42.23 -7.45
CA PRO B 401 8.39 43.55 -7.16
C PRO B 401 9.43 43.54 -6.05
N ARG B 402 9.24 42.73 -5.00
CA ARG B 402 10.16 42.77 -3.86
C ARG B 402 11.57 42.44 -4.29
N GLY B 403 11.78 41.28 -4.92
CA GLY B 403 13.10 40.95 -5.42
C GLY B 403 13.66 41.96 -6.41
N TYR B 404 12.78 42.57 -7.21
CA TYR B 404 13.20 43.45 -8.30
C TYR B 404 13.72 44.80 -7.76
N THR B 405 12.98 45.40 -6.81
CA THR B 405 13.45 46.63 -6.22
C THR B 405 14.81 46.41 -5.56
N SER B 406 14.96 45.30 -4.85
CA SER B 406 16.24 45.01 -4.21
C SER B 406 17.36 44.90 -5.24
N LYS B 407 17.15 44.13 -6.31
CA LYS B 407 18.19 43.93 -7.32
C LYS B 407 18.63 45.26 -7.92
N ILE B 408 17.67 46.10 -8.26
CA ILE B 408 18.03 47.34 -8.95
C ILE B 408 18.70 48.30 -7.98
N ALA B 409 18.25 48.33 -6.73
CA ALA B 409 18.89 49.23 -5.80
C ALA B 409 20.37 48.93 -5.74
N GLY B 410 20.72 47.65 -5.87
CA GLY B 410 22.11 47.27 -5.79
C GLY B 410 22.91 47.82 -6.96
N ILE B 411 22.34 47.81 -8.16
CA ILE B 411 23.16 48.08 -9.33
C ILE B 411 23.06 49.52 -9.79
N LEU B 412 22.19 50.33 -9.17
CA LEU B 412 22.21 51.77 -9.42
C LEU B 412 23.57 52.39 -9.08
N HIS B 413 24.28 51.76 -8.16
CA HIS B 413 25.65 52.13 -7.82
C HIS B 413 26.64 51.95 -8.95
N TYR B 414 26.38 51.07 -9.91
CA TYR B 414 27.38 50.66 -10.89
C TYR B 414 27.12 51.11 -12.32
N TYR B 415 25.98 51.72 -12.62
CA TYR B 415 25.64 52.01 -14.00
C TYR B 415 24.93 53.35 -14.13
N PRO B 416 25.06 54.00 -15.27
CA PRO B 416 24.24 55.19 -15.55
C PRO B 416 22.76 54.85 -15.36
N LEU B 417 22.00 55.84 -14.90
CA LEU B 417 20.57 55.63 -14.69
C LEU B 417 19.92 54.94 -15.88
N GLU B 418 20.19 55.45 -17.09
CA GLU B 418 19.47 55.00 -18.28
C GLU B 418 19.78 53.57 -18.64
N GLU B 419 20.85 53.00 -18.08
CA GLU B 419 21.21 51.61 -18.36
C GLU B 419 20.95 50.64 -17.19
N VAL B 420 20.34 51.05 -16.06
CA VAL B 420 20.29 50.06 -14.96
C VAL B 420 19.61 48.80 -15.40
N LEU B 421 18.55 48.90 -16.23
CA LEU B 421 17.78 47.71 -16.58
C LEU B 421 18.55 46.81 -17.54
N THR B 422 19.25 47.38 -18.53
CA THR B 422 19.91 46.65 -19.61
C THR B 422 21.38 46.28 -19.34
N ALA B 423 22.06 46.92 -18.39
CA ALA B 423 23.52 46.82 -18.33
C ALA B 423 23.98 45.39 -18.06
N GLU B 424 23.23 44.65 -17.26
CA GLU B 424 23.68 43.29 -16.97
C GLU B 424 23.21 42.27 -18.00
N TYR B 425 22.49 42.68 -19.06
CA TYR B 425 22.09 41.76 -20.12
C TYR B 425 22.72 42.08 -21.47
N LEU B 426 22.61 43.31 -21.98
CA LEU B 426 23.06 43.60 -23.34
C LEU B 426 24.57 43.74 -23.39
N LEU B 427 25.18 42.95 -24.27
CA LEU B 427 26.53 43.14 -24.75
C LEU B 427 26.55 44.10 -25.95
N GLU B 428 27.61 44.89 -26.05
CA GLU B 428 27.69 45.85 -27.15
C GLU B 428 29.02 45.82 -27.91
N GLU B 429 30.11 45.51 -27.21
CA GLU B 429 31.46 45.68 -27.73
C GLU B 429 32.17 44.34 -27.80
N PHE B 430 32.66 43.98 -28.96
CA PHE B 430 33.62 42.89 -29.05
C PHE B 430 35.02 43.42 -28.73
N ARG B 431 35.64 42.91 -27.67
CA ARG B 431 36.93 43.38 -27.16
C ARG B 431 37.90 42.20 -27.12
N PRO B 432 38.46 41.79 -28.26
CA PRO B 432 39.44 40.69 -28.21
C PRO B 432 40.69 41.02 -27.39
N ASP B 433 41.05 42.31 -27.25
CA ASP B 433 42.15 42.70 -26.37
C ASP B 433 41.86 42.34 -24.91
N LEU B 434 40.64 42.65 -24.43
CA LEU B 434 40.31 42.33 -23.06
C LEU B 434 40.27 40.81 -22.86
N ILE B 435 39.75 40.09 -23.87
CA ILE B 435 39.72 38.63 -23.75
C ILE B 435 41.13 38.05 -23.60
N GLU B 436 42.10 38.58 -24.33
CA GLU B 436 43.47 38.10 -24.22
C GLU B 436 43.99 38.42 -22.83
N MET B 437 43.84 39.69 -22.46
CA MET B 437 44.25 40.22 -21.15
C MET B 437 43.86 39.28 -20.01
N VAL B 438 42.57 38.99 -19.89
CA VAL B 438 42.14 38.07 -18.84
C VAL B 438 42.76 36.69 -19.04
N LEU B 439 42.80 36.22 -20.29
CA LEU B 439 43.30 34.88 -20.55
C LEU B 439 44.75 34.72 -20.11
N ASP B 440 45.53 35.78 -20.21
CA ASP B 440 46.94 35.76 -19.82
C ASP B 440 47.15 35.56 -18.32
N LYS B 441 46.13 35.77 -17.50
CA LYS B 441 46.24 35.59 -16.06
C LYS B 441 45.94 34.15 -15.63
N LEU B 442 45.36 33.34 -16.51
CA LEU B 442 45.06 31.95 -16.21
C LEU B 442 46.30 31.12 -16.51
N ARG B 443 47.25 31.21 -15.60
CA ARG B 443 48.55 30.60 -15.81
C ARG B 443 49.01 29.92 -14.54
N PRO B 444 49.78 28.85 -14.64
CA PRO B 444 50.19 28.12 -13.41
C PRO B 444 50.82 29.00 -12.34
N GLU B 445 51.67 29.95 -12.71
CA GLU B 445 52.27 30.81 -11.70
C GLU B 445 51.29 31.67 -10.90
N ASN B 446 50.00 31.80 -11.31
CA ASN B 446 49.03 32.56 -10.54
C ASN B 446 47.94 31.70 -9.95
N VAL B 447 48.16 30.39 -9.83
CA VAL B 447 47.09 29.51 -9.42
C VAL B 447 47.13 29.24 -7.92
N ARG B 448 45.94 29.02 -7.35
CA ARG B 448 45.73 28.51 -6.01
C ARG B 448 44.82 27.29 -6.11
N VAL B 449 45.14 26.24 -5.35
CA VAL B 449 44.46 24.97 -5.48
C VAL B 449 44.00 24.53 -4.09
N ALA B 450 42.76 24.06 -3.99
CA ALA B 450 42.23 23.52 -2.75
C ALA B 450 41.52 22.20 -3.04
N ILE B 451 41.78 21.21 -2.18
CA ILE B 451 41.22 19.87 -2.28
C ILE B 451 40.45 19.61 -1.00
N VAL B 452 39.16 19.31 -1.14
CA VAL B 452 38.32 19.02 0.00
C VAL B 452 38.04 17.52 -0.03
N SER B 453 38.54 16.79 0.98
CA SER B 453 38.28 15.36 1.08
C SER B 453 38.42 14.87 2.51
N LYS B 454 37.55 13.95 2.91
CA LYS B 454 37.71 13.29 4.21
C LYS B 454 39.06 12.58 4.33
N SER B 455 39.70 12.31 3.20
CA SER B 455 40.93 11.54 3.23
C SER B 455 42.07 12.30 3.92
N PHE B 456 41.90 13.60 4.14
CA PHE B 456 42.86 14.42 4.88
C PHE B 456 42.57 14.46 6.38
N GLU B 457 41.49 13.82 6.84
CA GLU B 457 41.25 13.62 8.27
C GLU B 457 42.52 13.13 8.96
N GLY B 458 42.94 13.87 9.98
CA GLY B 458 44.11 13.52 10.76
C GLY B 458 45.43 14.05 10.24
N LYS B 459 45.46 14.58 9.03
CA LYS B 459 46.70 14.95 8.38
C LYS B 459 46.85 16.45 8.18
N THR B 460 46.07 17.24 8.91
CA THR B 460 46.04 18.69 8.87
C THR B 460 46.74 19.24 10.10
N ASP B 461 47.30 20.45 9.97
CA ASP B 461 48.04 21.09 11.06
C ASP B 461 47.62 22.53 11.29
N ARG B 462 46.47 22.96 10.74
CA ARG B 462 45.98 24.31 10.91
C ARG B 462 44.49 24.28 11.21
N THR B 463 44.01 25.38 11.78
CA THR B 463 42.61 25.51 12.18
C THR B 463 42.17 26.93 11.89
N GLU B 464 41.26 27.10 10.94
CA GLU B 464 40.69 28.44 10.71
C GLU B 464 39.91 28.86 11.94
N GLU B 465 40.02 30.15 12.33
CA GLU B 465 39.59 30.50 13.68
C GLU B 465 38.08 30.66 13.82
N TRP B 466 37.38 31.10 12.79
CA TRP B 466 35.98 31.40 13.03
C TRP B 466 35.07 30.18 12.93
N TYR B 467 35.38 29.22 12.05
CA TYR B 467 34.55 28.03 11.90
C TYR B 467 35.18 26.77 12.49
N GLY B 468 36.50 26.72 12.61
CA GLY B 468 37.13 25.50 13.04
C GLY B 468 37.58 24.60 11.93
N THR B 469 37.59 25.10 10.69
CA THR B 469 37.99 24.26 9.56
C THR B 469 39.40 23.72 9.73
N GLN B 470 39.57 22.43 9.48
CA GLN B 470 40.85 21.75 9.57
C GLN B 470 41.51 21.68 8.20
N TYR B 471 42.72 22.20 8.09
CA TYR B 471 43.38 22.17 6.78
C TYR B 471 44.90 22.18 6.92
N LYS B 472 45.54 21.98 5.78
CA LYS B 472 46.99 22.02 5.67
C LYS B 472 47.32 22.90 4.47
N GLN B 473 48.47 23.57 4.52
CA GLN B 473 48.92 24.38 3.40
C GLN B 473 50.29 23.91 2.95
N GLU B 474 50.53 23.95 1.64
CA GLU B 474 51.78 23.48 1.06
C GLU B 474 52.06 24.26 -0.21
N ALA B 475 53.32 24.64 -0.42
CA ALA B 475 53.67 25.13 -1.73
C ALA B 475 53.49 24.00 -2.76
N ILE B 476 52.90 24.34 -3.89
CA ILE B 476 52.96 23.44 -5.06
C ILE B 476 54.40 23.34 -5.54
N PRO B 477 54.90 22.14 -5.74
CA PRO B 477 56.28 21.96 -6.24
C PRO B 477 56.50 22.59 -7.60
N ASP B 478 57.70 23.17 -7.78
CA ASP B 478 58.07 23.77 -9.07
C ASP B 478 58.04 22.74 -10.19
N GLU B 479 58.49 21.51 -9.92
CA GLU B 479 58.37 20.51 -10.96
C GLU B 479 56.93 20.43 -11.49
N VAL B 480 55.95 20.54 -10.59
CA VAL B 480 54.55 20.47 -11.01
C VAL B 480 54.17 21.68 -11.84
N ILE B 481 54.43 22.89 -11.31
CA ILE B 481 54.16 24.14 -12.03
C ILE B 481 54.70 24.07 -13.45
N LYS B 482 55.96 23.64 -13.60
CA LYS B 482 56.57 23.65 -14.93
C LYS B 482 55.92 22.61 -15.82
N LYS B 483 55.61 21.42 -15.29
CA LYS B 483 54.81 20.47 -16.08
C LYS B 483 53.51 21.11 -16.62
N TRP B 484 52.87 22.00 -15.83
CA TRP B 484 51.62 22.66 -16.25
C TRP B 484 51.89 23.78 -17.24
N GLN B 485 52.97 24.54 -17.04
CA GLN B 485 53.34 25.60 -17.97
C GLN B 485 53.65 25.07 -19.36
N ASN B 486 53.86 23.74 -19.48
CA ASN B 486 54.24 23.09 -20.74
C ASN B 486 53.13 22.19 -21.25
N ALA B 487 51.90 22.62 -21.01
CA ALA B 487 50.73 21.94 -21.51
C ALA B 487 50.67 22.13 -23.01
N ASP B 488 50.89 21.04 -23.75
CA ASP B 488 50.74 21.00 -25.19
C ASP B 488 49.26 20.84 -25.54
N LEU B 489 48.93 20.81 -26.82
CA LEU B 489 47.51 20.67 -27.11
C LEU B 489 47.03 19.24 -26.87
N ASN B 490 45.72 19.10 -26.70
CA ASN B 490 45.07 17.83 -26.43
C ASN B 490 43.94 17.74 -27.44
N GLY B 491 44.01 16.75 -28.32
CA GLY B 491 43.06 16.75 -29.41
C GLY B 491 41.65 16.38 -29.02
N LYS B 492 41.44 15.89 -27.79
CA LYS B 492 40.08 15.67 -27.34
C LYS B 492 39.33 16.99 -27.15
N PHE B 493 40.05 18.11 -27.05
CA PHE B 493 39.47 19.42 -26.81
C PHE B 493 39.25 20.17 -28.13
N LYS B 494 37.97 20.35 -28.47
CA LYS B 494 37.47 21.14 -29.59
C LYS B 494 36.63 22.26 -28.99
N LEU B 495 36.73 23.48 -29.51
CA LEU B 495 35.72 24.51 -29.20
C LEU B 495 34.31 24.07 -29.54
N PRO B 496 33.31 24.73 -28.97
CA PRO B 496 31.92 24.42 -29.30
C PRO B 496 31.61 24.90 -30.70
N THR B 497 30.61 24.28 -31.28
CA THR B 497 30.11 24.69 -32.60
C THR B 497 28.80 25.44 -32.44
N LYS B 498 28.30 26.02 -33.55
CA LYS B 498 27.03 26.75 -33.53
C LYS B 498 25.99 26.01 -32.71
N ASN B 499 25.33 26.76 -31.85
CA ASN B 499 24.28 26.25 -31.01
C ASN B 499 23.02 26.15 -31.85
N GLU B 500 22.67 24.93 -32.24
CA GLU B 500 21.49 24.70 -33.07
C GLU B 500 20.18 24.90 -32.32
N PHE B 501 20.24 24.87 -30.99
CA PHE B 501 19.06 25.06 -30.20
C PHE B 501 18.62 26.52 -30.09
N ILE B 502 19.41 27.45 -30.61
CA ILE B 502 19.05 28.87 -30.51
C ILE B 502 17.71 29.09 -31.21
N PRO B 503 16.70 29.62 -30.52
CA PRO B 503 15.37 29.75 -31.12
C PRO B 503 15.28 30.94 -32.07
N THR B 504 14.41 30.82 -33.08
CA THR B 504 14.18 31.89 -34.05
C THR B 504 12.73 32.17 -34.33
N ASN B 505 11.82 31.27 -33.96
CA ASN B 505 10.39 31.49 -34.12
C ASN B 505 9.85 31.97 -32.78
N PHE B 506 9.68 33.28 -32.66
CA PHE B 506 9.11 33.90 -31.48
C PHE B 506 7.66 34.33 -31.72
N GLU B 507 7.04 33.81 -32.76
CA GLU B 507 5.68 34.22 -33.06
C GLU B 507 4.77 33.79 -31.92
N ILE B 508 3.80 34.65 -31.62
CA ILE B 508 2.81 34.36 -30.58
C ILE B 508 1.54 33.91 -31.29
N LEU B 509 1.18 32.64 -31.13
CA LEU B 509 0.01 32.12 -31.83
C LEU B 509 -1.24 32.86 -31.37
N PRO B 510 -2.20 33.14 -32.25
CA PRO B 510 -3.37 33.94 -31.84
C PRO B 510 -4.25 33.09 -30.93
N LEU B 511 -5.03 33.76 -30.10
CA LEU B 511 -5.78 33.02 -29.10
C LEU B 511 -6.94 32.30 -29.80
N GLU B 512 -6.98 30.98 -29.70
CA GLU B 512 -8.01 30.20 -30.37
C GLU B 512 -9.38 30.62 -29.85
N LYS B 513 -10.42 30.43 -30.66
CA LYS B 513 -11.78 30.84 -30.31
C LYS B 513 -12.43 30.00 -29.21
N GLU B 514 -11.68 29.04 -28.69
CA GLU B 514 -12.18 28.16 -27.65
C GLU B 514 -11.27 28.08 -26.42
N ALA B 515 -10.35 29.03 -26.30
CA ALA B 515 -9.41 29.09 -25.20
C ALA B 515 -10.16 29.38 -23.90
N THR B 516 -9.57 28.96 -22.78
CA THR B 516 -10.25 28.88 -21.50
C THR B 516 -9.46 29.65 -20.44
N PRO B 517 -10.13 30.31 -19.50
CA PRO B 517 -9.39 31.01 -18.43
C PRO B 517 -8.53 30.08 -17.58
N TYR B 518 -8.89 28.79 -17.46
CA TYR B 518 -8.12 27.81 -16.72
C TYR B 518 -7.82 26.59 -17.58
N PRO B 519 -6.86 25.77 -17.18
CA PRO B 519 -6.58 24.53 -17.93
C PRO B 519 -7.82 23.66 -18.05
N ALA B 520 -7.93 23.01 -19.19
CA ALA B 520 -9.03 22.16 -19.59
C ALA B 520 -8.54 20.72 -19.75
N LEU B 521 -9.36 19.74 -19.34
CA LEU B 521 -9.05 18.33 -19.57
C LEU B 521 -9.36 17.97 -21.03
N ILE B 522 -8.34 17.91 -21.89
CA ILE B 522 -8.56 17.70 -23.32
C ILE B 522 -8.24 16.26 -23.76
N LYS B 523 -7.86 15.38 -22.85
CA LYS B 523 -7.76 13.98 -23.19
C LYS B 523 -7.77 13.18 -21.90
N ASP B 524 -8.62 12.12 -21.82
CA ASP B 524 -8.80 11.33 -20.59
C ASP B 524 -8.90 9.84 -20.93
N THR B 525 -7.77 9.21 -21.12
CA THR B 525 -7.74 7.81 -21.49
C THR B 525 -7.11 7.00 -20.38
N ALA B 526 -6.97 5.71 -20.65
CA ALA B 526 -6.44 4.83 -19.63
C ALA B 526 -4.98 5.14 -19.42
N MET B 527 -4.33 5.54 -20.51
CA MET B 527 -2.92 5.85 -20.56
C MET B 527 -2.63 7.24 -19.99
N SER B 528 -3.41 8.25 -20.39
CA SER B 528 -2.95 9.61 -20.21
C SER B 528 -4.12 10.54 -19.94
N LYS B 529 -3.90 11.44 -18.99
CA LYS B 529 -4.85 12.48 -18.60
C LYS B 529 -4.15 13.81 -18.91
N LEU B 530 -4.57 14.53 -19.95
CA LEU B 530 -3.89 15.75 -20.42
C LEU B 530 -4.66 17.02 -20.07
N TRP B 531 -4.02 17.93 -19.33
CA TRP B 531 -4.54 19.29 -19.09
C TRP B 531 -3.82 20.33 -19.95
N PHE B 532 -4.59 21.27 -20.51
CA PHE B 532 -4.07 22.21 -21.50
C PHE B 532 -4.52 23.64 -21.21
N LYS B 533 -3.62 24.61 -21.42
CA LYS B 533 -4.03 26.01 -21.46
C LYS B 533 -3.09 26.79 -22.34
N GLN B 534 -3.65 27.41 -23.37
CA GLN B 534 -2.90 28.40 -24.15
C GLN B 534 -2.79 29.69 -23.34
N ASP B 535 -1.56 30.20 -23.20
CA ASP B 535 -1.32 31.45 -22.47
C ASP B 535 -2.14 32.60 -23.01
N ASP B 536 -2.83 33.29 -22.06
CA ASP B 536 -3.75 34.41 -22.32
C ASP B 536 -3.40 35.64 -21.50
N LYS B 537 -2.20 35.68 -20.92
CA LYS B 537 -1.79 36.73 -20.00
C LYS B 537 -0.44 37.37 -20.38
N PHE B 538 0.58 36.57 -20.67
CA PHE B 538 1.97 37.05 -20.75
C PHE B 538 2.51 37.23 -22.16
N PHE B 539 2.16 36.37 -23.09
CA PHE B 539 2.44 36.61 -24.51
C PHE B 539 3.94 36.62 -24.82
N LEU B 540 4.62 35.82 -24.18
CA LEU B 540 5.99 35.52 -24.44
C LEU B 540 6.11 34.19 -25.16
N PRO B 541 7.10 34.02 -26.01
CA PRO B 541 7.20 32.79 -26.80
C PRO B 541 7.77 31.63 -25.99
N LYS B 542 7.05 31.21 -24.97
CA LYS B 542 7.53 30.18 -24.05
C LYS B 542 6.36 29.27 -23.70
N ALA B 543 6.69 28.09 -23.15
CA ALA B 543 5.67 27.14 -22.73
C ALA B 543 6.28 26.22 -21.67
N ASN B 544 5.44 25.68 -20.79
CA ASN B 544 5.84 24.70 -19.78
C ASN B 544 5.09 23.40 -19.99
N LEU B 545 5.84 22.29 -20.06
CA LEU B 545 5.29 20.95 -20.28
C LEU B 545 5.61 20.13 -19.04
N ASN B 546 4.58 19.73 -18.30
CA ASN B 546 4.72 18.99 -17.05
C ASN B 546 4.13 17.59 -17.18
N PHE B 547 4.90 16.55 -16.83
CA PHE B 547 4.42 15.17 -16.87
C PHE B 547 4.68 14.45 -15.55
N GLU B 548 3.62 13.90 -14.96
CA GLU B 548 3.72 12.95 -13.86
C GLU B 548 3.47 11.55 -14.43
N PHE B 549 4.46 10.68 -14.29
CA PHE B 549 4.36 9.25 -14.62
C PHE B 549 4.11 8.43 -13.36
N PHE B 550 3.07 7.58 -13.35
CA PHE B 550 2.77 6.74 -12.19
C PHE B 550 3.16 5.29 -12.51
N SER B 551 3.85 4.64 -11.57
CA SER B 551 4.12 3.24 -11.64
C SER B 551 4.10 2.75 -10.20
N PRO B 552 3.39 1.67 -9.91
CA PRO B 552 3.45 1.10 -8.55
C PRO B 552 4.87 0.71 -8.14
N PHE B 553 5.71 0.37 -9.12
CA PHE B 553 7.07 -0.13 -8.95
C PHE B 553 8.12 0.95 -8.72
N ALA B 554 7.74 2.22 -8.78
CA ALA B 554 8.70 3.26 -8.46
C ALA B 554 9.00 3.32 -6.96
N TYR B 555 8.04 2.94 -6.10
CA TYR B 555 8.21 3.10 -4.65
C TYR B 555 7.90 1.82 -3.85
N VAL B 556 7.77 0.66 -4.51
CA VAL B 556 7.19 -0.51 -3.84
C VAL B 556 8.01 -0.96 -2.64
N ASP B 557 9.33 -0.77 -2.68
CA ASP B 557 10.20 -1.06 -1.54
C ASP B 557 11.46 -0.22 -1.70
N PRO B 558 12.29 -0.13 -0.66
CA PRO B 558 13.52 0.65 -0.78
C PRO B 558 14.32 0.32 -2.02
N LEU B 559 14.53 -0.96 -2.31
CA LEU B 559 15.41 -1.30 -3.41
C LEU B 559 14.91 -0.69 -4.71
N HIS B 560 13.60 -0.71 -4.91
CA HIS B 560 13.03 -0.16 -6.13
C HIS B 560 13.13 1.36 -6.15
N SER B 561 12.88 2.00 -5.02
CA SER B 561 13.06 3.43 -4.96
C SER B 561 14.49 3.81 -5.33
N ASN B 562 15.49 3.06 -4.83
CA ASN B 562 16.87 3.31 -5.24
C ASN B 562 17.04 3.17 -6.74
N MET B 563 16.48 2.12 -7.32
CA MET B 563 16.64 1.93 -8.75
C MET B 563 15.95 3.00 -9.57
N ALA B 564 14.80 3.49 -9.10
CA ALA B 564 14.16 4.58 -9.82
C ALA B 564 14.96 5.88 -9.70
N TYR B 565 15.68 6.09 -8.59
CA TYR B 565 16.60 7.22 -8.51
C TYR B 565 17.74 7.07 -9.50
N LEU B 566 18.47 5.96 -9.38
CA LEU B 566 19.65 5.74 -10.22
C LEU B 566 19.31 5.82 -11.70
N TYR B 567 18.15 5.29 -12.12
CA TYR B 567 17.76 5.35 -13.52
C TYR B 567 17.68 6.78 -14.02
N LEU B 568 17.02 7.66 -13.26
CA LEU B 568 16.93 9.04 -13.72
C LEU B 568 18.28 9.75 -13.60
N GLU B 569 19.07 9.48 -12.55
CA GLU B 569 20.40 10.11 -12.51
C GLU B 569 21.23 9.67 -13.71
N LEU B 570 21.24 8.36 -14.00
CA LEU B 570 21.99 7.88 -15.14
C LEU B 570 21.50 8.50 -16.42
N LEU B 571 20.19 8.64 -16.55
CA LEU B 571 19.60 9.15 -17.78
C LEU B 571 20.00 10.60 -17.99
N LYS B 572 19.80 11.44 -16.97
CA LYS B 572 20.23 12.83 -17.04
C LYS B 572 21.72 12.93 -17.41
N ASP B 573 22.58 12.14 -16.75
CA ASP B 573 24.01 12.16 -17.04
C ASP B 573 24.29 11.89 -18.52
N SER B 574 23.56 10.95 -19.10
CA SER B 574 23.74 10.62 -20.51
C SER B 574 23.30 11.77 -21.41
N LEU B 575 22.14 12.36 -21.12
CA LEU B 575 21.61 13.46 -21.92
C LEU B 575 22.36 14.75 -21.75
N ASN B 576 23.26 14.86 -20.77
CA ASN B 576 23.72 16.17 -20.37
C ASN B 576 24.51 16.88 -21.46
N GLU B 577 25.37 16.17 -22.19
CA GLU B 577 26.11 16.91 -23.22
C GLU B 577 25.21 17.40 -24.32
N TYR B 578 24.21 16.59 -24.69
CA TYR B 578 23.34 17.00 -25.78
C TYR B 578 22.50 18.20 -25.36
N ALA B 579 22.02 18.22 -24.10
CA ALA B 579 21.06 19.20 -23.60
C ALA B 579 21.68 20.51 -23.15
N TYR B 580 23.01 20.54 -22.99
CA TYR B 580 23.67 21.77 -22.58
C TYR B 580 23.45 22.89 -23.60
N ALA B 581 23.64 22.58 -24.90
CA ALA B 581 23.27 23.56 -25.93
C ALA B 581 21.88 24.14 -25.66
N ALA B 582 20.89 23.28 -25.39
CA ALA B 582 19.53 23.79 -25.19
C ALA B 582 19.46 24.64 -23.94
N GLU B 583 20.20 24.28 -22.89
CA GLU B 583 20.09 25.07 -21.67
C GLU B 583 20.60 26.49 -21.90
N LEU B 584 21.74 26.65 -22.58
CA LEU B 584 22.22 27.98 -22.93
C LEU B 584 21.21 28.72 -23.80
N ALA B 585 20.38 27.98 -24.52
CA ALA B 585 19.46 28.61 -25.44
C ALA B 585 18.08 28.75 -24.82
N GLY B 586 17.98 28.72 -23.49
CA GLY B 586 16.72 29.09 -22.87
C GLY B 586 15.69 27.98 -22.82
N LEU B 587 16.12 26.74 -22.93
CA LEU B 587 15.26 25.58 -23.01
C LEU B 587 15.86 24.56 -22.05
N SER B 588 15.19 24.32 -20.94
CA SER B 588 15.73 23.55 -19.84
C SER B 588 14.72 22.47 -19.46
N TYR B 589 15.20 21.42 -18.78
CA TYR B 589 14.31 20.33 -18.41
C TYR B 589 14.73 19.78 -17.06
N ASP B 590 13.82 19.02 -16.48
CA ASP B 590 14.09 18.48 -15.17
C ASP B 590 13.40 17.13 -15.04
N LEU B 591 14.06 16.19 -14.39
CA LEU B 591 13.62 14.81 -14.35
C LEU B 591 13.98 14.25 -12.99
N GLN B 592 12.99 13.91 -12.17
CA GLN B 592 13.27 13.39 -10.85
C GLN B 592 12.22 12.38 -10.40
N ASN B 593 12.69 11.32 -9.72
CA ASN B 593 11.78 10.29 -9.24
C ASN B 593 10.92 10.80 -8.08
N THR B 594 9.72 10.23 -7.95
CA THR B 594 8.72 10.61 -6.94
C THR B 594 8.27 9.34 -6.23
N ILE B 595 7.39 9.52 -5.25
CA ILE B 595 6.92 8.36 -4.50
C ILE B 595 5.85 7.63 -5.32
N TYR B 596 5.50 8.20 -6.48
CA TYR B 596 4.52 7.60 -7.37
C TYR B 596 5.12 7.22 -8.73
N GLY B 597 6.35 7.64 -9.02
CA GLY B 597 6.94 7.40 -10.31
C GLY B 597 7.97 8.45 -10.68
N MET B 598 7.70 9.20 -11.75
CA MET B 598 8.66 10.14 -12.28
C MET B 598 7.96 11.44 -12.62
N TYR B 599 8.69 12.53 -12.48
CA TYR B 599 8.27 13.85 -12.86
C TYR B 599 9.22 14.35 -13.93
N LEU B 600 8.67 14.83 -15.04
CA LEU B 600 9.45 15.38 -16.14
C LEU B 600 8.95 16.79 -16.40
N SER B 601 9.86 17.77 -16.44
CA SER B 601 9.42 19.12 -16.75
C SER B 601 10.34 19.78 -17.77
N VAL B 602 9.73 20.36 -18.81
CA VAL B 602 10.40 21.05 -19.90
C VAL B 602 9.90 22.48 -19.92
N LYS B 603 10.83 23.46 -19.90
CA LYS B 603 10.49 24.88 -19.73
C LYS B 603 11.30 25.74 -20.68
N GLY B 604 10.68 26.82 -21.19
CA GLY B 604 11.38 27.86 -21.93
C GLY B 604 10.81 28.12 -23.32
N TYR B 605 11.67 28.50 -24.24
CA TYR B 605 11.20 28.92 -25.55
C TYR B 605 10.54 27.75 -26.26
N ASN B 606 9.29 27.95 -26.72
CA ASN B 606 8.57 26.79 -27.26
C ASN B 606 9.19 26.28 -28.56
N ASP B 607 9.74 27.17 -29.38
CA ASP B 607 10.27 26.84 -30.70
C ASP B 607 10.79 25.41 -30.79
N LYS B 608 11.86 25.09 -30.06
CA LYS B 608 12.53 23.82 -30.27
C LYS B 608 12.25 22.83 -29.16
N GLN B 609 11.28 23.14 -28.29
CA GLN B 609 10.90 22.20 -27.24
C GLN B 609 10.55 20.81 -27.75
N PRO B 610 9.75 20.64 -28.80
CA PRO B 610 9.38 19.27 -29.17
C PRO B 610 10.57 18.44 -29.56
N ILE B 611 11.64 19.05 -30.11
CA ILE B 611 12.86 18.28 -30.38
C ILE B 611 13.46 17.74 -29.09
N LEU B 612 13.64 18.60 -28.08
CA LEU B 612 14.27 18.15 -26.84
C LEU B 612 13.39 17.13 -26.12
N LEU B 613 12.08 17.37 -26.10
CA LEU B 613 11.21 16.44 -25.40
C LEU B 613 11.28 15.06 -26.05
N LYS B 614 11.31 15.02 -27.39
CA LYS B 614 11.39 13.73 -28.08
C LYS B 614 12.69 13.02 -27.76
N LYS B 615 13.81 13.76 -27.73
CA LYS B 615 15.07 13.11 -27.36
C LYS B 615 14.99 12.50 -25.95
N ILE B 616 14.34 13.20 -25.01
CA ILE B 616 14.30 12.71 -23.64
C ILE B 616 13.49 11.42 -23.55
N ILE B 617 12.27 11.43 -24.08
CA ILE B 617 11.42 10.24 -24.02
C ILE B 617 12.08 9.08 -24.75
N GLU B 618 12.68 9.36 -25.91
CA GLU B 618 13.37 8.29 -26.61
C GLU B 618 14.48 7.67 -25.75
N LYS B 619 15.24 8.50 -25.04
CA LYS B 619 16.31 8.00 -24.18
C LYS B 619 15.74 7.12 -23.08
N MET B 620 14.66 7.60 -22.45
CA MET B 620 14.01 6.86 -21.38
C MET B 620 13.66 5.44 -21.81
N ALA B 621 13.13 5.31 -23.01
CA ALA B 621 12.50 4.07 -23.42
C ALA B 621 13.48 3.04 -23.95
N THR B 622 14.72 3.46 -24.21
CA THR B 622 15.75 2.68 -24.92
C THR B 622 17.09 2.85 -24.23
N PHE B 623 17.09 2.96 -22.92
CA PHE B 623 18.28 3.45 -22.25
C PHE B 623 19.30 2.32 -22.19
N GLU B 624 20.55 2.62 -22.56
CA GLU B 624 21.67 1.69 -22.39
C GLU B 624 22.61 2.21 -21.32
N ILE B 625 22.55 1.61 -20.14
CA ILE B 625 23.41 1.99 -19.02
C ILE B 625 24.86 1.75 -19.36
N ASP B 626 25.70 2.73 -19.07
CA ASP B 626 27.15 2.53 -19.10
C ASP B 626 27.62 2.14 -17.70
N GLU B 627 28.22 0.95 -17.58
CA GLU B 627 28.57 0.44 -16.26
C GLU B 627 29.58 1.33 -15.53
N LYS B 628 30.55 1.94 -16.24
CA LYS B 628 31.43 2.92 -15.57
C LYS B 628 30.65 4.06 -14.95
N ARG B 629 29.62 4.59 -15.66
CA ARG B 629 28.77 5.65 -15.11
C ARG B 629 27.88 5.13 -13.99
N PHE B 630 27.42 3.89 -14.10
CA PHE B 630 26.57 3.32 -13.05
C PHE B 630 27.33 3.23 -11.72
N GLU B 631 28.58 2.80 -11.76
CA GLU B 631 29.34 2.64 -10.52
C GLU B 631 29.60 3.98 -9.88
N ILE B 632 29.95 4.97 -10.71
CA ILE B 632 30.28 6.30 -10.21
C ILE B 632 29.05 6.96 -9.57
N ILE B 633 27.91 6.94 -10.28
CA ILE B 633 26.72 7.58 -9.77
C ILE B 633 26.13 6.86 -8.56
N LYS B 634 26.27 5.53 -8.50
CA LYS B 634 25.79 4.79 -7.34
C LYS B 634 26.62 5.14 -6.11
N GLU B 635 27.94 5.35 -6.29
CA GLU B 635 28.76 5.75 -5.17
C GLU B 635 28.40 7.16 -4.69
N ALA B 636 28.15 8.08 -5.63
CA ALA B 636 27.76 9.42 -5.25
C ALA B 636 26.45 9.40 -4.49
N TYR B 637 25.53 8.51 -4.90
CA TYR B 637 24.24 8.42 -4.22
C TYR B 637 24.39 7.86 -2.83
N MET B 638 25.23 6.84 -2.65
CA MET B 638 25.51 6.37 -1.29
C MET B 638 25.92 7.54 -0.42
N ARG B 639 26.82 8.38 -0.93
CA ARG B 639 27.31 9.49 -0.11
C ARG B 639 26.17 10.44 0.21
N SER B 640 25.43 10.86 -0.82
CA SER B 640 24.27 11.75 -0.65
C SER B 640 23.40 11.35 0.53
N LEU B 641 23.11 10.05 0.64
CA LEU B 641 22.25 9.58 1.72
C LEU B 641 22.91 9.70 3.08
N ASN B 642 24.19 9.30 3.21
CA ASN B 642 24.89 9.51 4.47
C ASN B 642 25.00 10.99 4.79
N ASN B 643 25.17 11.83 3.78
CA ASN B 643 25.44 13.23 4.06
C ASN B 643 24.24 13.92 4.66
N PHE B 644 23.06 13.32 4.52
CA PHE B 644 21.88 13.89 5.15
C PHE B 644 22.10 14.10 6.66
N ARG B 645 22.98 13.30 7.26
CA ARG B 645 23.22 13.45 8.70
C ARG B 645 23.67 14.86 9.08
N ALA B 646 24.11 15.66 8.11
CA ALA B 646 24.72 16.95 8.39
C ALA B 646 23.85 18.12 7.97
N GLU B 647 22.57 17.88 7.69
CA GLU B 647 21.59 18.93 7.44
C GLU B 647 21.16 19.59 8.74
N GLN B 648 20.41 20.69 8.63
CA GLN B 648 20.13 21.47 9.83
C GLN B 648 19.24 20.67 10.78
N PRO B 649 19.39 20.89 12.08
CA PRO B 649 18.41 20.32 13.03
C PRO B 649 16.96 20.53 12.61
N HIS B 650 16.59 21.73 12.18
CA HIS B 650 15.18 21.89 11.84
C HIS B 650 14.85 21.17 10.53
N GLN B 651 15.81 21.01 9.62
CA GLN B 651 15.51 20.26 8.41
C GLN B 651 15.23 18.80 8.74
N HIS B 652 16.08 18.20 9.57
CA HIS B 652 15.80 16.89 10.17
C HIS B 652 14.40 16.80 10.75
N ALA B 653 14.05 17.75 11.64
CA ALA B 653 12.73 17.69 12.27
C ALA B 653 11.61 17.62 11.22
N MET B 654 11.72 18.41 10.15
CA MET B 654 10.67 18.41 9.14
C MET B 654 10.66 17.07 8.38
N TYR B 655 11.83 16.43 8.25
CA TYR B 655 11.93 15.16 7.54
C TYR B 655 11.25 14.04 8.33
N TYR B 656 11.61 13.88 9.61
CA TYR B 656 10.99 12.89 10.47
C TYR B 656 9.46 13.06 10.52
N LEU B 657 8.96 14.29 10.62
CA LEU B 657 7.51 14.48 10.60
C LEU B 657 6.90 13.91 9.31
N ARG B 658 7.48 14.18 8.13
CA ARG B 658 7.01 13.54 6.89
C ARG B 658 6.97 12.01 7.02
N LEU B 659 8.04 11.43 7.55
CA LEU B 659 8.06 9.98 7.69
C LEU B 659 6.92 9.51 8.58
N LEU B 660 6.67 10.20 9.70
CA LEU B 660 5.67 9.73 10.67
C LEU B 660 4.26 9.76 10.08
N MET B 661 3.91 10.83 9.38
CA MET B 661 2.54 11.12 9.00
C MET B 661 2.12 10.62 7.62
N THR B 662 3.02 10.00 6.86
CA THR B 662 2.70 9.43 5.55
C THR B 662 2.58 7.91 5.66
N GLU B 663 1.58 7.36 4.99
CA GLU B 663 1.35 5.91 5.00
C GLU B 663 2.65 5.12 4.73
N VAL B 664 3.37 5.42 3.65
CA VAL B 664 4.61 4.72 3.32
C VAL B 664 5.75 5.73 3.15
N ALA B 665 6.92 5.38 3.66
CA ALA B 665 8.06 6.28 3.64
C ALA B 665 9.34 5.53 3.95
N TRP B 666 10.15 5.31 2.94
CA TRP B 666 11.42 4.64 3.14
C TRP B 666 12.43 5.67 3.67
N THR B 667 13.00 5.39 4.84
CA THR B 667 13.98 6.26 5.45
C THR B 667 15.33 6.18 4.73
N LYS B 668 16.12 7.26 4.88
CA LYS B 668 17.48 7.27 4.38
C LYS B 668 18.20 5.98 4.72
N ASP B 669 18.11 5.55 5.97
CA ASP B 669 18.88 4.36 6.38
C ASP B 669 18.39 3.12 5.66
N GLU B 670 17.06 2.96 5.54
CA GLU B 670 16.56 1.84 4.75
C GLU B 670 17.09 1.92 3.33
N LEU B 671 16.88 3.07 2.67
CA LEU B 671 17.42 3.29 1.33
C LEU B 671 18.88 2.90 1.25
N LYS B 672 19.67 3.35 2.22
CA LYS B 672 21.11 3.14 2.20
C LYS B 672 21.45 1.66 2.32
N GLU B 673 20.64 0.95 3.09
CA GLU B 673 20.84 -0.49 3.29
C GLU B 673 20.38 -1.30 2.08
N ALA B 674 19.51 -0.70 1.27
CA ALA B 674 18.99 -1.37 0.08
C ALA B 674 19.71 -0.90 -1.18
N LEU B 675 20.75 -0.09 -1.00
CA LEU B 675 21.52 0.42 -2.12
C LEU B 675 22.66 -0.52 -2.49
N ASP B 676 23.02 -1.39 -1.55
CA ASP B 676 24.10 -2.35 -1.79
C ASP B 676 23.68 -3.42 -2.79
N ASP B 677 22.48 -3.96 -2.60
CA ASP B 677 21.96 -5.00 -3.49
C ASP B 677 21.51 -4.49 -4.87
N VAL B 678 21.85 -3.26 -5.28
CA VAL B 678 21.52 -2.79 -6.62
C VAL B 678 22.67 -3.16 -7.53
N THR B 679 22.46 -4.13 -8.42
CA THR B 679 23.48 -4.52 -9.36
C THR B 679 23.11 -4.02 -10.74
N LEU B 680 24.10 -3.92 -11.62
CA LEU B 680 23.77 -3.45 -12.95
C LEU B 680 22.73 -4.34 -13.61
N PRO B 681 22.87 -5.67 -13.56
CA PRO B 681 21.81 -6.51 -14.14
C PRO B 681 20.47 -6.29 -13.46
N ARG B 682 20.47 -6.11 -12.15
CA ARG B 682 19.20 -5.87 -11.45
C ARG B 682 18.52 -4.59 -11.98
N LEU B 683 19.29 -3.51 -12.15
CA LEU B 683 18.75 -2.27 -12.71
C LEU B 683 18.31 -2.45 -14.14
N LYS B 684 19.12 -3.12 -14.96
CA LYS B 684 18.73 -3.32 -16.34
C LYS B 684 17.34 -3.96 -16.46
N ALA B 685 17.00 -4.86 -15.54
CA ALA B 685 15.67 -5.47 -15.57
C ALA B 685 14.59 -4.56 -15.02
N PHE B 686 14.96 -3.70 -14.07
CA PHE B 686 14.02 -2.79 -13.44
C PHE B 686 13.39 -1.84 -14.44
N ILE B 687 14.20 -1.28 -15.34
CA ILE B 687 13.71 -0.22 -16.22
C ILE B 687 12.54 -0.70 -17.07
N PRO B 688 12.67 -1.78 -17.84
CA PRO B 688 11.53 -2.20 -18.65
C PRO B 688 10.31 -2.51 -17.79
N GLN B 689 10.53 -3.06 -16.60
CA GLN B 689 9.43 -3.33 -15.69
C GLN B 689 8.69 -2.05 -15.32
N LEU B 690 9.41 -1.06 -14.78
CA LEU B 690 8.81 0.23 -14.45
C LEU B 690 8.05 0.84 -15.62
N LEU B 691 8.62 0.78 -16.81
CA LEU B 691 8.02 1.35 -17.99
C LEU B 691 6.88 0.52 -18.55
N SER B 692 6.62 -0.66 -17.98
CA SER B 692 5.72 -1.57 -18.66
C SER B 692 4.26 -1.17 -18.52
N ARG B 693 3.83 -0.77 -17.31
CA ARG B 693 2.51 -0.16 -17.07
C ARG B 693 2.68 1.23 -16.49
N LEU B 694 2.07 2.21 -17.16
CA LEU B 694 2.17 3.61 -16.74
C LEU B 694 0.83 4.31 -16.89
N HIS B 695 0.64 5.31 -16.05
CA HIS B 695 -0.35 6.34 -16.32
C HIS B 695 0.35 7.68 -16.33
N ILE B 696 0.00 8.54 -17.30
CA ILE B 696 0.62 9.85 -17.48
C ILE B 696 -0.41 10.94 -17.29
N GLU B 697 -0.15 11.85 -16.36
CA GLU B 697 -0.98 13.03 -16.20
C GLU B 697 -0.10 14.26 -16.44
N ALA B 698 -0.53 15.14 -17.33
CA ALA B 698 0.32 16.20 -17.84
C ALA B 698 -0.40 17.54 -17.82
N LEU B 699 0.39 18.61 -17.64
CA LEU B 699 -0.08 19.98 -17.88
C LEU B 699 0.82 20.58 -18.95
N LEU B 700 0.20 21.07 -20.02
CA LEU B 700 0.90 21.79 -21.07
C LEU B 700 0.26 23.16 -21.14
N HIS B 701 1.09 24.22 -21.07
CA HIS B 701 0.62 25.57 -20.73
C HIS B 701 1.60 26.58 -21.30
N GLY B 702 1.18 27.36 -22.28
CA GLY B 702 2.13 28.33 -22.85
C GLY B 702 1.70 28.80 -24.24
N ASN B 703 2.70 29.11 -25.05
CA ASN B 703 2.53 29.55 -26.42
C ASN B 703 2.38 28.32 -27.34
N ILE B 704 1.32 27.58 -27.11
CA ILE B 704 1.01 26.41 -27.94
C ILE B 704 -0.50 26.34 -28.14
N THR B 705 -0.90 25.72 -29.24
CA THR B 705 -2.32 25.45 -29.50
C THR B 705 -2.75 24.09 -28.95
N LYS B 706 -4.07 23.89 -28.84
CA LYS B 706 -4.63 22.60 -28.44
C LYS B 706 -4.10 21.47 -29.31
N GLN B 707 -3.93 21.73 -30.61
CA GLN B 707 -3.50 20.70 -31.57
C GLN B 707 -2.05 20.32 -31.33
N ALA B 708 -1.20 21.32 -31.08
CA ALA B 708 0.19 21.06 -30.75
C ALA B 708 0.27 20.26 -29.45
N ALA B 709 -0.61 20.54 -28.50
CA ALA B 709 -0.45 19.93 -27.19
C ALA B 709 -0.90 18.47 -27.23
N LEU B 710 -1.97 18.17 -28.00
CA LEU B 710 -2.33 16.77 -28.20
C LEU B 710 -1.24 16.04 -28.94
N GLY B 711 -0.66 16.67 -29.96
CA GLY B 711 0.44 16.05 -30.66
C GLY B 711 1.63 15.77 -29.75
N ILE B 712 1.99 16.74 -28.90
CA ILE B 712 3.05 16.53 -27.94
C ILE B 712 2.73 15.34 -27.05
N MET B 713 1.56 15.36 -26.38
CA MET B 713 1.21 14.25 -25.51
C MET B 713 1.28 12.88 -26.21
N GLN B 714 0.63 12.77 -27.39
CA GLN B 714 0.60 11.51 -28.10
C GLN B 714 1.98 11.09 -28.55
N MET B 715 2.84 12.08 -28.78
CA MET B 715 4.22 11.82 -29.16
C MET B 715 4.83 11.04 -28.01
N VAL B 716 4.71 11.57 -26.79
CA VAL B 716 5.22 10.87 -25.62
C VAL B 716 4.65 9.46 -25.54
N GLU B 717 3.33 9.32 -25.55
CA GLU B 717 2.70 8.00 -25.53
C GLU B 717 3.23 7.06 -26.61
N ASP B 718 3.13 7.48 -27.89
CA ASP B 718 3.60 6.66 -28.99
C ASP B 718 5.04 6.17 -28.76
N THR B 719 5.92 7.06 -28.28
CA THR B 719 7.32 6.67 -28.04
C THR B 719 7.43 5.62 -26.95
N LEU B 720 6.74 5.81 -25.83
CA LEU B 720 6.77 4.80 -24.79
C LEU B 720 6.20 3.48 -25.30
N ILE B 721 5.11 3.53 -26.08
CA ILE B 721 4.47 2.32 -26.60
C ILE B 721 5.40 1.56 -27.55
N GLU B 722 6.03 2.27 -28.48
CA GLU B 722 6.84 1.60 -29.49
C GLU B 722 8.09 0.97 -28.88
N HIS B 723 8.76 1.66 -27.97
CA HIS B 723 10.06 1.22 -27.51
C HIS B 723 10.05 0.50 -26.17
N ALA B 724 9.07 0.75 -25.33
CA ALA B 724 9.01 0.13 -24.02
C ALA B 724 7.77 -0.72 -23.84
N HIS B 725 6.88 -0.75 -24.83
CA HIS B 725 5.71 -1.63 -24.85
C HIS B 725 4.72 -1.26 -23.76
N THR B 726 4.69 0.02 -23.40
CA THR B 726 3.89 0.47 -22.28
C THR B 726 2.40 0.25 -22.49
N LYS B 727 1.74 -0.29 -21.47
CA LYS B 727 0.30 -0.46 -21.48
C LYS B 727 -0.28 0.20 -20.24
N PRO B 728 -1.56 0.54 -20.26
CA PRO B 728 -2.12 1.38 -19.19
C PRO B 728 -2.19 0.67 -17.86
N LEU B 729 -1.99 1.43 -16.79
CA LEU B 729 -2.36 0.88 -15.51
C LEU B 729 -3.88 0.87 -15.35
N LEU B 730 -4.36 0.05 -14.43
CA LEU B 730 -5.78 -0.03 -14.13
C LEU B 730 -6.12 1.09 -13.16
N PRO B 731 -7.38 1.57 -13.18
CA PRO B 731 -7.73 2.66 -12.26
C PRO B 731 -7.55 2.29 -10.80
N SER B 732 -7.83 1.05 -10.44
CA SER B 732 -7.70 0.65 -9.03
C SER B 732 -6.28 0.69 -8.52
N GLN B 733 -5.27 0.83 -9.40
CA GLN B 733 -3.84 0.92 -9.08
C GLN B 733 -3.37 2.34 -8.81
N LEU B 734 -4.21 3.34 -9.06
CA LEU B 734 -3.84 4.76 -8.96
C LEU B 734 -4.24 5.30 -7.59
N VAL B 735 -3.56 4.79 -6.61
CA VAL B 735 -3.83 5.12 -5.22
C VAL B 735 -2.76 6.07 -4.75
N ARG B 736 -3.17 7.01 -3.92
CA ARG B 736 -2.25 7.93 -3.30
C ARG B 736 -2.09 7.54 -1.83
N TYR B 737 -1.02 8.03 -1.21
CA TYR B 737 -0.83 7.77 0.21
C TYR B 737 -1.68 8.74 1.03
N ARG B 738 -2.14 8.24 2.17
CA ARG B 738 -3.00 8.94 3.11
C ARG B 738 -2.16 9.49 4.28
N GLU B 739 -2.72 10.44 5.04
CA GLU B 739 -2.07 10.94 6.24
C GLU B 739 -2.63 10.23 7.48
N VAL B 740 -1.75 9.94 8.43
CA VAL B 740 -2.13 9.38 9.71
C VAL B 740 -3.15 10.27 10.41
N GLN B 741 -4.14 9.65 11.07
CA GLN B 741 -5.22 10.38 11.74
C GLN B 741 -4.99 10.34 13.25
N LEU B 742 -4.67 11.47 13.80
CA LEU B 742 -4.34 11.43 15.20
C LEU B 742 -5.62 11.44 16.03
N PRO B 743 -5.57 10.84 17.22
CA PRO B 743 -6.75 10.77 18.09
C PRO B 743 -6.99 12.08 18.81
N ASP B 744 -8.27 12.48 18.91
CA ASP B 744 -8.65 13.64 19.72
C ASP B 744 -7.90 13.60 21.06
N ARG B 745 -7.34 14.73 21.47
CA ARG B 745 -6.65 14.85 22.75
C ARG B 745 -5.29 14.16 22.88
N GLY B 746 -4.80 13.56 21.79
CA GLY B 746 -3.51 12.91 21.85
C GLY B 746 -2.35 13.87 21.67
N TRP B 747 -1.19 13.44 22.16
CA TRP B 747 0.03 14.21 21.99
C TRP B 747 1.18 13.21 21.94
N PHE B 748 1.76 13.05 20.76
CA PHE B 748 2.90 12.18 20.54
C PHE B 748 4.15 13.02 20.30
N VAL B 749 5.26 12.55 20.87
CA VAL B 749 6.58 13.13 20.66
C VAL B 749 7.50 12.05 20.10
N TYR B 750 8.20 12.37 19.02
CA TYR B 750 9.26 11.53 18.47
C TYR B 750 10.58 12.27 18.62
N GLN B 751 11.60 11.61 19.18
CA GLN B 751 12.85 12.25 19.52
C GLN B 751 14.05 11.60 18.82
N GLN B 752 14.87 12.43 18.17
CA GLN B 752 16.11 12.02 17.53
C GLN B 752 17.23 12.98 17.91
N ARG B 753 18.43 12.63 17.51
CA ARG B 753 19.59 13.48 17.76
C ARG B 753 20.16 13.87 16.42
N ASN B 754 20.63 15.12 16.32
CA ASN B 754 21.46 15.56 15.21
C ASN B 754 22.91 15.45 15.64
N GLU B 755 23.72 14.70 14.92
CA GLU B 755 25.03 14.40 15.48
C GLU B 755 26.13 15.31 14.89
N VAL B 756 25.75 16.42 14.25
CA VAL B 756 26.68 17.33 13.60
C VAL B 756 26.56 18.75 14.16
N HIS B 757 25.35 19.28 14.25
CA HIS B 757 25.07 20.64 14.68
C HIS B 757 24.76 20.70 16.16
N ASN B 758 25.26 21.74 16.83
CA ASN B 758 25.07 21.88 18.26
C ASN B 758 23.93 22.84 18.58
N ASN B 759 22.90 22.85 17.75
CA ASN B 759 21.62 23.39 18.12
C ASN B 759 20.57 22.30 18.06
N SER B 760 19.45 22.52 18.74
CA SER B 760 18.34 21.62 18.58
C SER B 760 17.35 22.18 17.56
N GLY B 761 16.49 21.30 17.07
CA GLY B 761 15.39 21.71 16.22
C GLY B 761 14.12 21.06 16.71
N ILE B 762 12.99 21.64 16.32
CA ILE B 762 11.69 21.14 16.70
C ILE B 762 10.69 21.53 15.61
N GLU B 763 9.79 20.62 15.27
CA GLU B 763 8.55 20.97 14.59
C GLU B 763 7.37 20.55 15.48
N ILE B 764 6.37 21.40 15.56
CA ILE B 764 5.16 21.12 16.30
C ILE B 764 4.01 21.18 15.32
N TYR B 765 3.25 20.09 15.24
CA TYR B 765 2.17 19.97 14.27
C TYR B 765 0.87 19.78 15.01
N TYR B 766 -0.05 20.74 14.84
CA TYR B 766 -1.41 20.63 15.37
C TYR B 766 -2.30 20.30 14.17
N GLN B 767 -2.56 19.01 13.98
CA GLN B 767 -3.39 18.58 12.89
C GLN B 767 -4.84 19.02 13.11
N THR B 768 -5.45 19.66 12.11
CA THR B 768 -6.85 20.04 12.25
C THR B 768 -7.77 19.03 11.54
N ASP B 769 -7.99 19.16 10.23
CA ASP B 769 -8.94 18.28 9.56
C ASP B 769 -8.60 18.24 8.06
N MET B 770 -9.31 17.38 7.30
CA MET B 770 -9.14 17.42 5.86
C MET B 770 -9.37 18.83 5.35
N GLN B 771 -8.74 19.12 4.20
CA GLN B 771 -8.92 20.40 3.54
C GLN B 771 -10.31 20.53 2.93
N SER B 772 -10.93 21.66 3.22
CA SER B 772 -12.15 22.08 2.61
C SER B 772 -12.10 23.61 2.65
N THR B 773 -13.00 24.25 1.91
CA THR B 773 -13.02 25.71 1.94
C THR B 773 -13.05 26.27 3.35
N SER B 774 -14.05 25.86 4.12
CA SER B 774 -14.15 26.14 5.55
C SER B 774 -12.83 25.95 6.31
N GLU B 775 -12.35 24.71 6.43
CA GLU B 775 -11.21 24.45 7.28
C GLU B 775 -9.96 25.17 6.75
N ASN B 776 -9.79 25.23 5.43
CA ASN B 776 -8.65 25.94 4.87
C ASN B 776 -8.58 27.38 5.39
N MET B 777 -9.68 28.13 5.29
CA MET B 777 -9.65 29.53 5.68
C MET B 777 -9.68 29.76 7.21
N PHE B 778 -10.21 28.84 8.02
CA PHE B 778 -10.00 29.01 9.46
C PHE B 778 -8.53 29.02 9.76
N LEU B 779 -7.83 28.00 9.29
CA LEU B 779 -6.40 27.85 9.53
C LEU B 779 -5.62 29.03 8.99
N GLU B 780 -5.92 29.46 7.77
CA GLU B 780 -5.09 30.48 7.14
C GLU B 780 -5.26 31.83 7.83
N LEU B 781 -6.51 32.21 8.12
CA LEU B 781 -6.71 33.49 8.80
C LEU B 781 -6.09 33.47 10.18
N PHE B 782 -6.26 32.36 10.93
CA PHE B 782 -5.58 32.27 12.22
C PHE B 782 -4.09 32.45 12.06
N ALA B 783 -3.53 31.85 11.01
CA ALA B 783 -2.09 31.94 10.82
C ALA B 783 -1.67 33.37 10.49
N GLN B 784 -2.52 34.12 9.79
CA GLN B 784 -2.23 35.52 9.55
C GLN B 784 -2.20 36.31 10.85
N ILE B 785 -3.15 36.04 11.74
CA ILE B 785 -3.27 36.77 12.99
C ILE B 785 -2.09 36.52 13.91
N ILE B 786 -1.53 35.31 13.89
CA ILE B 786 -0.45 35.00 14.83
C ILE B 786 0.90 35.15 14.20
N SER B 787 0.96 35.49 12.91
CA SER B 787 2.21 35.36 12.19
C SER B 787 3.29 36.25 12.81
N GLU B 788 3.04 37.56 12.75
CA GLU B 788 3.96 38.50 13.35
C GLU B 788 4.09 38.32 14.85
N PRO B 789 3.00 38.26 15.62
CA PRO B 789 3.14 38.15 17.07
C PRO B 789 4.00 36.98 17.52
N ALA B 790 3.91 35.84 16.82
CA ALA B 790 4.71 34.67 17.20
C ALA B 790 6.17 34.89 16.88
N PHE B 791 6.46 35.46 15.71
CA PHE B 791 7.81 35.84 15.37
C PHE B 791 8.35 36.83 16.38
N ASN B 792 7.56 37.86 16.68
CA ASN B 792 8.03 38.89 17.59
C ASN B 792 8.18 38.35 19.01
N THR B 793 7.33 37.41 19.41
CA THR B 793 7.47 36.88 20.77
C THR B 793 8.61 35.88 20.87
N LEU B 794 8.67 34.96 19.91
CA LEU B 794 9.51 33.78 20.09
C LEU B 794 10.92 34.06 19.65
N ARG B 795 11.09 35.00 18.72
CA ARG B 795 12.41 35.35 18.19
C ARG B 795 12.98 36.73 18.57
N THR B 796 12.16 37.77 18.56
CA THR B 796 12.67 39.10 18.86
C THR B 796 12.71 39.37 20.37
N LYS B 797 11.67 38.94 21.07
CA LYS B 797 11.57 39.13 22.52
C LYS B 797 12.22 38.03 23.37
N GLU B 798 11.93 36.77 23.06
CA GLU B 798 12.50 35.68 23.86
C GLU B 798 13.81 35.16 23.30
N GLN B 799 14.15 35.54 22.07
CA GLN B 799 15.36 35.12 21.39
C GLN B 799 15.63 33.63 21.54
N LEU B 800 14.69 32.84 21.02
CA LEU B 800 14.82 31.39 21.08
C LEU B 800 15.73 30.84 20.01
N GLY B 801 15.89 31.57 18.90
CA GLY B 801 16.70 31.12 17.80
C GLY B 801 16.57 32.05 16.61
N TYR B 802 17.51 31.95 15.68
CA TYR B 802 17.39 32.70 14.43
C TYR B 802 16.21 32.19 13.61
N ILE B 803 16.09 30.86 13.49
CA ILE B 803 15.07 30.23 12.68
C ILE B 803 13.79 30.06 13.51
N VAL B 804 12.75 30.79 13.13
CA VAL B 804 11.48 30.72 13.83
C VAL B 804 10.35 30.88 12.82
N PHE B 805 9.48 29.88 12.71
CA PHE B 805 8.47 29.87 11.65
C PHE B 805 7.12 29.41 12.18
N SER B 806 6.07 30.01 11.67
CA SER B 806 4.73 29.50 11.94
C SER B 806 3.92 29.61 10.66
N GLY B 807 2.95 28.74 10.54
CA GLY B 807 2.07 28.78 9.40
C GLY B 807 1.36 27.47 9.17
N PRO B 808 0.58 27.44 8.09
CA PRO B 808 -0.11 26.20 7.73
C PRO B 808 0.88 25.16 7.26
N ARG B 809 0.44 23.91 7.40
CA ARG B 809 1.15 22.71 6.96
C ARG B 809 0.12 21.83 6.24
N ARG B 810 0.34 21.59 4.94
CA ARG B 810 -0.59 20.83 4.11
C ARG B 810 0.12 19.56 3.62
N ALA B 811 -0.51 18.39 3.78
CA ALA B 811 -0.06 17.16 3.10
C ALA B 811 -1.19 16.16 2.95
N ASN B 812 -1.15 15.43 1.83
CA ASN B 812 -2.07 14.34 1.51
C ASN B 812 -3.54 14.68 1.78
N GLY B 813 -3.89 15.93 1.46
CA GLY B 813 -5.25 16.40 1.58
C GLY B 813 -5.64 16.80 2.98
N ILE B 814 -4.71 16.72 3.93
CA ILE B 814 -4.92 17.11 5.31
C ILE B 814 -4.17 18.41 5.61
N GLN B 815 -4.37 18.94 6.81
CA GLN B 815 -3.73 20.21 7.11
C GLN B 815 -3.73 20.47 8.61
N GLY B 816 -2.95 21.46 8.99
CA GLY B 816 -2.83 21.83 10.38
C GLY B 816 -1.96 23.05 10.49
N LEU B 817 -1.59 23.37 11.72
CA LEU B 817 -0.76 24.52 12.03
C LEU B 817 0.58 24.03 12.55
N ARG B 818 1.68 24.59 12.06
CA ARG B 818 2.99 24.14 12.49
C ARG B 818 4.01 25.23 12.86
N PHE B 819 4.69 24.99 13.97
CA PHE B 819 5.74 25.84 14.49
C PHE B 819 7.05 25.13 14.21
N ILE B 820 8.06 25.88 13.76
CA ILE B 820 9.38 25.31 13.56
C ILE B 820 10.40 26.24 14.19
N ILE B 821 11.34 25.67 14.94
CA ILE B 821 12.35 26.48 15.62
C ILE B 821 13.65 25.71 15.72
N GLN B 822 14.74 26.40 15.42
CA GLN B 822 16.08 25.91 15.69
C GLN B 822 16.68 26.76 16.81
N SER B 823 17.30 26.12 17.79
CA SER B 823 17.61 26.88 19.01
C SER B 823 18.77 26.28 19.79
N GLU B 824 19.37 27.13 20.64
CA GLU B 824 20.30 26.70 21.70
C GLU B 824 19.60 25.77 22.70
N LYS B 825 18.36 26.12 23.05
CA LYS B 825 17.64 25.51 24.17
C LYS B 825 17.02 24.17 23.76
N PRO B 826 16.67 23.31 24.71
CA PRO B 826 16.24 21.95 24.35
C PRO B 826 14.77 21.91 23.99
N PRO B 827 14.35 20.95 23.18
CA PRO B 827 12.97 20.96 22.65
C PRO B 827 11.87 21.10 23.68
N HIS B 828 11.90 20.37 24.80
CA HIS B 828 10.83 20.52 25.78
C HIS B 828 10.66 22.00 26.20
N TYR B 829 11.78 22.75 26.30
CA TYR B 829 11.65 24.16 26.67
C TYR B 829 10.91 24.95 25.59
N LEU B 830 11.29 24.72 24.32
CA LEU B 830 10.63 25.43 23.23
C LEU B 830 9.14 25.11 23.19
N GLU B 831 8.77 23.87 23.52
CA GLU B 831 7.35 23.52 23.63
C GLU B 831 6.63 24.44 24.60
N SER B 832 7.16 24.56 25.82
CA SER B 832 6.55 25.45 26.81
C SER B 832 6.28 26.80 26.19
N ARG B 833 7.32 27.35 25.54
CA ARG B 833 7.27 28.74 25.10
C ARG B 833 6.25 28.92 23.96
N VAL B 834 6.13 27.91 23.08
CA VAL B 834 5.12 28.00 22.03
C VAL B 834 3.75 27.91 22.67
N GLU B 835 3.62 27.08 23.70
CA GLU B 835 2.34 26.95 24.37
C GLU B 835 1.99 28.24 25.13
N ALA B 836 2.99 28.78 25.85
CA ALA B 836 2.78 30.06 26.54
C ALA B 836 2.31 31.10 25.58
N PHE B 837 2.89 31.09 24.38
CA PHE B 837 2.50 32.06 23.36
C PHE B 837 1.04 31.85 22.91
N LEU B 838 0.62 30.61 22.73
CA LEU B 838 -0.72 30.35 22.21
C LEU B 838 -1.79 30.92 23.12
N ILE B 839 -1.65 30.69 24.43
CA ILE B 839 -2.60 31.23 25.40
C ILE B 839 -2.79 32.73 25.20
N THR B 840 -1.67 33.45 25.02
CA THR B 840 -1.76 34.90 24.98
C THR B 840 -2.54 35.37 23.76
N MET B 841 -2.52 34.57 22.67
CA MET B 841 -3.29 34.91 21.47
C MET B 841 -4.80 34.85 21.71
N GLU B 842 -5.24 33.96 22.61
CA GLU B 842 -6.65 33.91 22.97
C GLU B 842 -7.14 35.28 23.43
N LYS B 843 -6.37 35.94 24.29
CA LYS B 843 -6.86 37.20 24.80
C LYS B 843 -6.75 38.29 23.73
N SER B 844 -5.66 38.28 22.96
CA SER B 844 -5.47 39.29 21.91
C SER B 844 -6.59 39.24 20.88
N ILE B 845 -6.99 38.04 20.48
CA ILE B 845 -8.00 37.98 19.44
C ILE B 845 -9.34 38.40 19.99
N GLU B 846 -9.62 38.08 21.26
CA GLU B 846 -10.87 38.52 21.86
C GLU B 846 -10.93 40.04 21.92
N ASP B 847 -9.83 40.69 22.29
CA ASP B 847 -9.76 42.13 22.49
C ASP B 847 -9.54 42.93 21.20
N MET B 848 -9.24 42.26 20.09
CA MET B 848 -9.05 42.91 18.81
C MET B 848 -10.32 43.64 18.37
N THR B 849 -10.22 44.90 17.98
CA THR B 849 -11.43 45.53 17.45
C THR B 849 -11.88 44.86 16.13
N GLU B 850 -13.14 45.05 15.81
CA GLU B 850 -13.65 44.57 14.52
C GLU B 850 -12.91 45.20 13.34
N GLU B 851 -12.47 46.47 13.45
CA GLU B 851 -11.69 47.06 12.36
C GLU B 851 -10.36 46.32 12.18
N ALA B 852 -9.64 46.04 13.27
CA ALA B 852 -8.38 45.30 13.15
C ALA B 852 -8.61 43.92 12.56
N PHE B 853 -9.67 43.23 13.00
CA PHE B 853 -9.97 41.91 12.46
C PHE B 853 -10.20 42.00 10.95
N GLN B 854 -11.02 42.93 10.49
CA GLN B 854 -11.20 43.11 9.07
C GLN B 854 -9.90 43.43 8.33
N LYS B 855 -8.91 43.97 9.07
CA LYS B 855 -7.62 44.35 8.50
C LYS B 855 -6.81 43.11 8.17
N HIS B 856 -6.84 42.15 9.09
CA HIS B 856 -6.20 40.87 8.87
C HIS B 856 -6.87 40.10 7.76
N ILE B 857 -8.19 40.21 7.62
CA ILE B 857 -8.85 39.55 6.51
C ILE B 857 -8.36 40.13 5.21
N GLN B 858 -8.32 41.45 5.14
CA GLN B 858 -7.85 42.07 3.92
C GLN B 858 -6.38 41.77 3.65
N ALA B 859 -5.54 41.57 4.69
CA ALA B 859 -4.16 41.18 4.40
C ALA B 859 -4.13 39.83 3.70
N LEU B 860 -4.74 38.83 4.32
CA LEU B 860 -4.85 37.50 3.72
C LEU B 860 -5.44 37.56 2.31
N ALA B 861 -6.47 38.38 2.12
CA ALA B 861 -7.13 38.43 0.82
C ALA B 861 -6.18 38.90 -0.27
N ILE B 862 -5.46 40.00 0.00
CA ILE B 862 -4.47 40.54 -0.94
C ILE B 862 -3.44 39.47 -1.27
N ARG B 863 -2.94 38.77 -0.24
CA ARG B 863 -1.94 37.72 -0.48
C ARG B 863 -2.47 36.62 -1.39
N ARG B 864 -3.71 36.17 -1.15
CA ARG B 864 -4.25 35.03 -1.89
C ARG B 864 -4.64 35.41 -3.33
N LEU B 865 -5.09 36.64 -3.56
CA LEU B 865 -5.50 37.10 -4.89
C LEU B 865 -4.37 37.74 -5.69
N ASP B 866 -3.18 37.89 -5.09
CA ASP B 866 -1.97 38.24 -5.82
C ASP B 866 -1.87 37.33 -7.03
N LYS B 867 -1.89 37.92 -8.18
CA LYS B 867 -1.93 37.16 -9.43
C LYS B 867 -0.52 36.96 -9.98
N PRO B 868 -0.18 35.79 -10.52
CA PRO B 868 1.21 35.51 -10.87
C PRO B 868 1.73 36.43 -11.96
N LYS B 869 3.02 36.76 -11.86
CA LYS B 869 3.59 37.72 -12.79
C LYS B 869 4.17 37.09 -14.03
N LYS B 870 4.56 35.81 -13.97
CA LYS B 870 5.23 35.11 -15.04
C LYS B 870 4.54 33.76 -15.26
N LEU B 871 4.76 33.20 -16.46
CA LEU B 871 4.08 31.96 -16.82
C LEU B 871 4.39 30.83 -15.85
N SER B 872 5.65 30.55 -15.59
CA SER B 872 5.95 29.40 -14.75
C SER B 872 5.33 29.53 -13.36
N ALA B 873 4.98 30.74 -12.93
CA ALA B 873 4.36 30.85 -11.61
C ALA B 873 2.90 30.44 -11.67
N GLU B 874 2.24 30.77 -12.78
CA GLU B 874 0.86 30.31 -13.05
C GLU B 874 0.83 28.80 -13.22
N SER B 875 1.70 28.29 -14.10
CA SER B 875 1.87 26.84 -14.23
C SER B 875 1.96 26.14 -12.86
N ALA B 876 2.74 26.68 -11.92
CA ALA B 876 2.91 25.95 -10.67
C ALA B 876 1.63 26.00 -9.86
N LYS B 877 0.88 27.08 -9.96
CA LYS B 877 -0.40 27.13 -9.26
C LYS B 877 -1.31 26.01 -9.77
N TYR B 878 -1.46 25.88 -11.10
CA TYR B 878 -2.21 24.80 -11.72
C TYR B 878 -1.62 23.43 -11.39
N TRP B 879 -0.31 23.28 -11.54
CA TRP B 879 0.31 21.99 -11.25
C TRP B 879 -0.04 21.52 -9.84
N GLY B 880 -0.09 22.42 -8.88
CA GLY B 880 -0.42 21.99 -7.54
C GLY B 880 -1.82 21.46 -7.46
N GLU B 881 -2.74 22.07 -8.19
CA GLU B 881 -4.11 21.59 -8.16
C GLU B 881 -4.19 20.20 -8.76
N ILE B 882 -3.37 19.94 -9.79
CA ILE B 882 -3.35 18.67 -10.48
C ILE B 882 -2.69 17.59 -9.61
N ILE B 883 -1.50 17.87 -9.08
CA ILE B 883 -0.77 16.86 -8.32
C ILE B 883 -1.56 16.38 -7.12
N SER B 884 -2.24 17.30 -6.43
CA SER B 884 -3.09 17.02 -5.28
C SER B 884 -4.41 16.39 -5.66
N GLN B 885 -4.68 16.30 -6.95
CA GLN B 885 -5.92 15.70 -7.43
C GLN B 885 -7.15 16.39 -6.87
N GLN B 886 -7.03 17.68 -6.55
CA GLN B 886 -8.18 18.50 -6.20
C GLN B 886 -8.73 19.28 -7.38
N TYR B 887 -7.88 19.65 -8.33
CA TYR B 887 -8.31 20.25 -9.59
C TYR B 887 -9.19 21.48 -9.39
N ASN B 888 -8.90 22.29 -8.36
CA ASN B 888 -9.75 23.43 -8.00
C ASN B 888 -9.08 24.74 -8.45
N PHE B 889 -9.17 24.97 -9.76
CA PHE B 889 -8.41 26.05 -10.41
C PHE B 889 -8.97 27.43 -10.09
N ASP B 890 -10.22 27.54 -9.69
CA ASP B 890 -10.84 28.77 -9.23
C ASP B 890 -10.73 28.93 -7.71
N ARG B 891 -9.83 28.19 -7.06
CA ARG B 891 -9.80 28.12 -5.61
C ARG B 891 -9.71 29.50 -4.98
N ASP B 892 -8.89 30.39 -5.55
CA ASP B 892 -8.57 31.67 -4.91
C ASP B 892 -9.80 32.58 -4.81
N ASN B 893 -10.59 32.68 -5.88
CA ASN B 893 -11.78 33.52 -5.80
C ASN B 893 -12.77 32.99 -4.76
N THR B 894 -12.99 31.68 -4.73
CA THR B 894 -14.04 31.17 -3.85
C THR B 894 -13.58 31.17 -2.40
N GLU B 895 -12.30 30.87 -2.15
CA GLU B 895 -11.81 30.88 -0.76
C GLU B 895 -11.71 32.31 -0.21
N VAL B 896 -11.32 33.28 -1.04
CA VAL B 896 -11.29 34.66 -0.54
C VAL B 896 -12.71 35.16 -0.29
N ALA B 897 -13.62 34.95 -1.24
CA ALA B 897 -15.02 35.26 -0.97
C ALA B 897 -15.48 34.67 0.36
N TYR B 898 -15.09 33.43 0.67
CA TYR B 898 -15.55 32.83 1.92
C TYR B 898 -14.87 33.47 3.12
N LEU B 899 -13.58 33.74 2.98
CA LEU B 899 -12.85 34.43 4.03
C LEU B 899 -13.57 35.69 4.48
N LYS B 900 -14.02 36.49 3.49
CA LYS B 900 -14.61 37.77 3.79
C LYS B 900 -15.88 37.67 4.66
N THR B 901 -16.43 36.45 4.86
CA THR B 901 -17.61 36.25 5.71
C THR B 901 -17.25 35.75 7.10
N LEU B 902 -15.98 35.42 7.36
CA LEU B 902 -15.57 34.96 8.68
C LEU B 902 -15.65 36.07 9.72
N THR B 903 -15.96 35.68 10.96
CA THR B 903 -16.02 36.58 12.10
C THR B 903 -15.01 36.19 13.17
N LYS B 904 -14.67 37.14 14.01
CA LYS B 904 -13.72 36.75 15.04
C LYS B 904 -14.30 35.72 15.99
N GLU B 905 -15.62 35.62 16.11
CA GLU B 905 -16.14 34.53 16.93
C GLU B 905 -15.98 33.18 16.24
N ASP B 906 -16.12 33.15 14.91
CA ASP B 906 -15.73 31.97 14.13
C ASP B 906 -14.28 31.55 14.45
N ILE B 907 -13.35 32.49 14.39
CA ILE B 907 -11.97 32.12 14.64
C ILE B 907 -11.78 31.67 16.08
N ILE B 908 -12.47 32.27 17.04
CA ILE B 908 -12.24 31.88 18.44
C ILE B 908 -12.79 30.48 18.71
N LYS B 909 -13.94 30.15 18.13
CA LYS B 909 -14.49 28.80 18.24
C LYS B 909 -13.56 27.78 17.61
N PHE B 910 -13.02 28.11 16.43
CA PHE B 910 -12.04 27.26 15.80
C PHE B 910 -10.88 27.02 16.75
N TYR B 911 -10.27 28.08 17.28
CA TYR B 911 -9.11 27.93 18.14
C TYR B 911 -9.47 27.07 19.36
N LYS B 912 -10.64 27.31 19.98
CA LYS B 912 -10.99 26.57 21.20
C LYS B 912 -11.38 25.12 20.90
N GLU B 913 -11.89 24.82 19.69
CA GLU B 913 -12.13 23.43 19.33
C GLU B 913 -10.87 22.67 18.93
N MET B 914 -9.97 23.28 18.14
CA MET B 914 -8.89 22.54 17.50
C MET B 914 -7.49 22.79 18.04
N LEU B 915 -7.19 23.98 18.60
CA LEU B 915 -5.81 24.38 18.90
C LEU B 915 -5.53 24.60 20.37
N ALA B 916 -6.39 25.32 21.09
CA ALA B 916 -6.24 25.53 22.53
C ALA B 916 -5.76 24.27 23.28
N VAL B 917 -4.90 24.42 24.29
CA VAL B 917 -4.36 23.27 25.02
C VAL B 917 -5.45 22.31 25.50
N ASP B 918 -6.59 22.87 25.89
CA ASP B 918 -7.66 22.15 26.56
C ASP B 918 -8.76 21.80 25.59
N ALA B 919 -8.43 21.79 24.31
CA ALA B 919 -9.42 21.72 23.24
C ALA B 919 -9.83 20.27 23.00
N PRO B 920 -11.11 20.01 22.79
CA PRO B 920 -11.59 18.63 22.73
C PRO B 920 -11.11 17.85 21.51
N ARG B 921 -10.74 18.53 20.42
CA ARG B 921 -10.26 17.86 19.22
C ARG B 921 -8.80 18.30 18.92
N ARG B 922 -7.99 18.46 19.96
CA ARG B 922 -6.58 18.76 19.73
C ARG B 922 -5.82 17.53 19.24
N HIS B 923 -5.10 17.70 18.14
CA HIS B 923 -4.26 16.65 17.57
C HIS B 923 -2.82 17.15 17.43
N LYS B 924 -1.93 16.75 18.32
CA LYS B 924 -0.61 17.35 18.41
C LYS B 924 0.45 16.28 18.32
N VAL B 925 1.36 16.44 17.37
CA VAL B 925 2.57 15.62 17.30
C VAL B 925 3.74 16.56 17.17
N SER B 926 4.85 16.17 17.78
CA SER B 926 6.03 17.01 17.94
C SER B 926 7.23 16.16 17.62
N VAL B 927 8.07 16.66 16.72
CA VAL B 927 9.38 16.07 16.49
C VAL B 927 10.40 16.89 17.26
N HIS B 928 11.21 16.21 18.07
CA HIS B 928 12.30 16.82 18.83
C HIS B 928 13.60 16.30 18.27
N VAL B 929 14.40 17.19 17.70
CA VAL B 929 15.77 16.88 17.28
C VAL B 929 16.71 17.53 18.29
N LEU B 930 17.43 16.69 19.03
CA LEU B 930 18.39 17.10 20.05
C LEU B 930 19.67 17.55 19.39
N ALA B 931 20.33 18.55 20.00
CA ALA B 931 21.63 19.00 19.53
C ALA B 931 22.74 17.97 19.82
N ARG B 932 23.87 18.12 19.12
CA ARG B 932 24.92 17.12 19.16
C ARG B 932 25.36 16.80 20.59
N GLU B 933 25.44 17.82 21.46
CA GLU B 933 25.95 17.63 22.82
C GLU B 933 24.87 17.49 23.88
N MET B 934 23.60 17.39 23.52
CA MET B 934 22.53 17.44 24.52
C MET B 934 22.37 16.11 25.25
N ASP B 935 21.40 16.09 26.17
CA ASP B 935 21.08 14.92 26.98
C ASP B 935 19.58 14.67 26.98
N SER B 936 19.18 13.42 26.73
CA SER B 936 17.78 12.97 26.78
C SER B 936 17.14 13.27 28.14
N ASN B 950 8.61 38.55 34.84
CA ASN B 950 9.44 37.52 34.21
C ASN B 950 8.89 37.24 32.77
N LEU B 951 8.82 35.96 32.36
CA LEU B 951 8.21 35.54 31.10
C LEU B 951 6.80 35.02 31.39
N SER B 952 5.92 35.09 30.37
CA SER B 952 4.58 34.50 30.46
C SER B 952 4.53 33.06 30.96
N GLN B 953 3.39 32.70 31.53
CA GLN B 953 3.16 31.38 32.11
C GLN B 953 2.86 30.36 30.99
N ALA B 954 3.70 29.30 30.95
CA ALA B 954 3.43 28.15 30.12
C ALA B 954 2.37 27.29 30.79
N PRO B 955 1.30 26.92 30.08
CA PRO B 955 0.31 26.01 30.66
C PRO B 955 0.94 24.66 31.01
N ALA B 956 0.12 23.81 31.61
CA ALA B 956 0.56 22.48 32.04
C ALA B 956 0.21 21.47 30.95
N LEU B 957 1.16 20.57 30.65
CA LEU B 957 0.93 19.76 29.46
C LEU B 957 0.71 18.29 29.84
N PRO B 958 -0.16 17.54 29.16
CA PRO B 958 -0.32 16.12 29.49
C PRO B 958 1.02 15.40 29.37
N GLN B 959 1.12 14.23 29.96
CA GLN B 959 2.28 13.39 29.64
C GLN B 959 2.15 12.97 28.17
N PRO B 960 3.23 13.07 27.38
CA PRO B 960 3.13 12.74 25.95
C PRO B 960 3.50 11.28 25.69
N GLU B 961 2.85 10.68 24.70
CA GLU B 961 3.16 9.30 24.33
C GLU B 961 4.41 9.36 23.44
N VAL B 962 5.47 8.68 23.83
CA VAL B 962 6.70 8.72 23.07
C VAL B 962 6.63 7.66 21.97
N ILE B 963 6.79 8.09 20.72
CA ILE B 963 6.93 7.16 19.59
C ILE B 963 8.33 6.56 19.62
N GLN B 964 8.40 5.22 19.72
CA GLN B 964 9.70 4.55 19.69
C GLN B 964 9.97 3.86 18.39
N ASN B 965 8.94 3.53 17.62
CA ASN B 965 9.06 2.76 16.38
C ASN B 965 8.02 3.32 15.43
N MET B 966 8.45 3.96 14.35
CA MET B 966 7.49 4.61 13.48
C MET B 966 6.46 3.63 12.93
N THR B 967 6.87 2.41 12.65
CA THR B 967 5.94 1.46 12.05
C THR B 967 4.81 1.16 13.02
N GLU B 968 5.13 0.82 14.27
CA GLU B 968 4.07 0.49 15.22
C GLU B 968 3.14 1.67 15.42
N PHE B 969 3.71 2.86 15.52
CA PHE B 969 2.92 4.07 15.66
C PHE B 969 1.87 4.17 14.56
N LYS B 970 2.30 4.01 13.30
CA LYS B 970 1.35 4.13 12.17
C LYS B 970 0.29 3.03 12.19
N ARG B 971 0.71 1.79 12.44
CA ARG B 971 -0.23 0.65 12.45
C ARG B 971 -1.38 0.79 13.46
N GLY B 972 -1.08 1.42 14.59
CA GLY B 972 -2.04 1.62 15.65
C GLY B 972 -3.02 2.74 15.48
N LEU B 973 -3.00 3.45 14.35
CA LEU B 973 -3.86 4.59 14.15
C LEU B 973 -4.62 4.48 12.84
N PRO B 974 -5.74 5.20 12.69
CA PRO B 974 -6.47 5.16 11.43
C PRO B 974 -5.79 6.04 10.39
N LEU B 975 -6.28 5.93 9.14
CA LEU B 975 -5.75 6.71 8.01
C LEU B 975 -6.87 7.56 7.45
N PHE B 976 -6.58 8.84 7.20
CA PHE B 976 -7.59 9.75 6.67
C PHE B 976 -8.06 9.27 5.31
N PRO B 977 -9.16 9.79 4.84
CA PRO B 977 -9.52 9.59 3.43
C PRO B 977 -8.59 10.38 2.54
N LEU B 978 -8.80 10.34 1.24
CA LEU B 978 -8.17 11.24 0.29
C LEU B 978 -9.22 12.22 -0.20
N VAL B 979 -8.83 13.49 -0.39
CA VAL B 979 -9.82 14.53 -0.67
C VAL B 979 -10.56 14.21 -1.98
N LYS B 980 -11.83 14.61 -2.05
CA LYS B 980 -12.65 14.36 -3.24
C LYS B 980 -12.30 15.38 -4.32
N PRO B 981 -12.13 14.92 -5.57
CA PRO B 981 -11.77 15.86 -6.63
C PRO B 981 -12.92 16.84 -6.91
N HIS B 982 -12.63 17.80 -7.80
CA HIS B 982 -13.54 18.93 -8.07
C HIS B 982 -14.45 18.79 -9.31
#